data_9NCX
#
_entry.id   9NCX
#
_cell.length_a   132.905
_cell.length_b   188.352
_cell.length_c   188.280
_cell.angle_alpha   90.00
_cell.angle_beta   90.00
_cell.angle_gamma   90.00
#
_symmetry.space_group_name_H-M   'C 2 2 21'
#
_entity_poly.entity_id   1
_entity_poly.type   'polypeptide(L)'
_entity_poly.pdbx_seq_one_letter_code
;SKGEELFTGVVPILVELDGDVNGHKFSVSGEGEGDATYGKLTLKFICTTGKLPVPWPTLVTTL(CRO)VQCFSRYPDHMK
QHDFFKSAMPEGYIQERTIFFKDDGNYKTRAEVKFEGDTLVNRIELKGIDFKEDGNILGHKLVYNLDNVIVSDYFDYQDA
LDEIRETEKFDFAAIALPEDGPHSAVIKWKYASGNIDYRYRMIVLRPGEGLAGLVIRTGSRKIVEDVDTELSQNDKLGCP
IVLSEALTALVAIPLWKNNRVYGALLLGQREGRPLPEGSTTFRVNQRLGSYTDNINKQGNVYIKADKQKNGIKANFKIRH
SIEDGGVQLAYHYQQNTPIGDGPVLLPDDHYLSVQSELSKDPNEKRDHMVLLEFVTAAGITLGMDELYK
;
_entity_poly.pdbx_strand_id   A,B,C,D
#
# COMPACT_ATOMS: atom_id res chain seq x y z
N SER A 1 46.34 28.57 8.06
CA SER A 1 45.81 29.76 8.73
C SER A 1 46.49 30.01 10.08
N LYS A 2 45.89 29.55 11.19
CA LYS A 2 46.53 29.68 12.48
C LYS A 2 46.94 28.33 13.07
N GLY A 3 46.77 27.23 12.35
CA GLY A 3 47.35 25.99 12.83
C GLY A 3 48.86 25.99 12.86
N GLU A 4 49.47 26.95 12.17
CA GLU A 4 50.92 27.07 12.14
C GLU A 4 51.51 27.40 13.51
N GLU A 5 50.79 28.16 14.33
CA GLU A 5 51.31 28.56 15.63
C GLU A 5 51.50 27.38 16.56
N LEU A 6 50.77 26.28 16.31
CA LEU A 6 50.94 25.05 17.06
C LEU A 6 52.32 24.43 16.84
N PHE A 7 53.03 24.85 15.80
CA PHE A 7 54.28 24.21 15.41
C PHE A 7 55.49 25.11 15.62
N THR A 8 55.33 26.21 16.36
CA THR A 8 56.43 27.13 16.57
C THR A 8 57.53 26.52 17.43
N GLY A 9 57.14 25.68 18.39
CA GLY A 9 58.06 25.03 19.28
C GLY A 9 58.29 23.59 18.91
N VAL A 10 58.69 22.81 19.90
CA VAL A 10 58.79 21.37 19.77
C VAL A 10 57.43 20.75 20.08
N VAL A 11 57.05 19.74 19.30
CA VAL A 11 55.74 19.13 19.40
C VAL A 11 55.93 17.62 19.56
N PRO A 12 55.24 16.98 20.51
CA PRO A 12 55.36 15.52 20.65
C PRO A 12 54.55 14.75 19.61
N ILE A 13 55.16 13.72 19.05
CA ILE A 13 54.50 12.83 18.09
C ILE A 13 54.22 11.49 18.72
N LEU A 14 53.03 10.95 18.41
CA LEU A 14 52.63 9.60 18.74
C LEU A 14 52.09 8.98 17.46
N VAL A 15 52.51 7.75 17.15
CA VAL A 15 52.16 7.11 15.89
C VAL A 15 51.64 5.71 16.17
N GLU A 16 50.54 5.34 15.51
CA GLU A 16 50.01 3.99 15.56
C GLU A 16 49.77 3.49 14.15
N LEU A 17 50.23 2.27 13.86
CA LEU A 17 50.05 1.63 12.57
C LEU A 17 49.40 0.26 12.78
N ASP A 18 48.31 0.01 12.06
CA ASP A 18 47.66 -1.30 12.05
C ASP A 18 47.79 -1.88 10.65
N GLY A 19 48.44 -3.03 10.54
CA GLY A 19 48.80 -3.57 9.25
C GLY A 19 48.39 -5.02 9.07
N ASP A 20 48.10 -5.36 7.82
CA ASP A 20 47.71 -6.72 7.45
C ASP A 20 48.21 -6.93 6.02
N VAL A 21 49.24 -7.75 5.84
CA VAL A 21 49.86 -7.97 4.53
C VAL A 21 49.75 -9.44 4.16
N ASN A 22 48.97 -9.75 3.12
CA ASN A 22 48.70 -11.12 2.71
C ASN A 22 48.21 -11.96 3.88
N GLY A 23 47.40 -11.33 4.73
CA GLY A 23 46.86 -11.97 5.90
C GLY A 23 47.76 -11.96 7.12
N HIS A 24 49.03 -11.58 6.99
CA HIS A 24 49.92 -11.46 8.15
C HIS A 24 49.71 -10.09 8.78
N LYS A 25 49.12 -10.09 9.97
CA LYS A 25 48.81 -8.88 10.70
C LYS A 25 49.97 -8.48 11.61
N PHE A 26 50.07 -7.17 11.85
CA PHE A 26 51.11 -6.64 12.72
C PHE A 26 50.70 -5.25 13.18
N SER A 27 51.34 -4.79 14.24
CA SER A 27 51.12 -3.44 14.75
C SER A 27 52.44 -2.76 15.06
N VAL A 28 52.50 -1.46 14.81
CA VAL A 28 53.67 -0.63 15.09
C VAL A 28 53.23 0.58 15.90
N SER A 29 54.01 0.92 16.92
CA SER A 29 53.78 2.09 17.75
C SER A 29 55.00 3.00 17.66
N GLY A 30 54.77 4.31 17.66
CA GLY A 30 55.83 5.27 17.45
C GLY A 30 55.77 6.40 18.45
N GLU A 31 56.95 6.89 18.80
CA GLU A 31 57.16 7.90 19.82
C GLU A 31 58.28 8.84 19.41
N GLY A 32 58.11 10.14 19.69
CA GLY A 32 59.20 11.08 19.45
C GLY A 32 58.74 12.53 19.48
N GLU A 33 59.56 13.40 18.85
CA GLU A 33 59.39 14.84 18.84
C GLU A 33 59.52 15.40 17.43
N GLY A 34 58.90 16.56 17.21
CA GLY A 34 59.01 17.29 15.97
C GLY A 34 59.27 18.78 16.10
N ASP A 35 60.35 19.26 15.48
CA ASP A 35 60.69 20.69 15.45
C ASP A 35 60.40 21.20 14.04
N ALA A 36 59.28 21.91 13.89
CA ALA A 36 58.87 22.32 12.55
C ALA A 36 59.75 23.42 11.98
N THR A 37 60.33 24.27 12.84
CA THR A 37 61.18 25.35 12.34
C THR A 37 62.45 24.81 11.69
N TYR A 38 62.84 23.58 12.00
CA TYR A 38 63.95 22.92 11.35
C TYR A 38 63.53 21.74 10.48
N GLY A 39 62.24 21.48 10.36
CA GLY A 39 61.77 20.32 9.60
C GLY A 39 62.19 18.99 10.19
N LYS A 40 62.44 18.95 11.51
CA LYS A 40 63.12 17.85 12.17
C LYS A 40 62.12 16.90 12.81
N LEU A 41 62.31 15.60 12.59
CA LEU A 41 61.60 14.54 13.32
C LEU A 41 62.59 13.59 13.96
N THR A 42 62.41 13.32 15.25
CA THR A 42 63.14 12.26 15.94
C THR A 42 62.12 11.25 16.43
N LEU A 43 62.20 10.02 15.94
CA LEU A 43 61.18 9.04 16.22
C LEU A 43 61.78 7.66 16.45
N LYS A 44 61.08 6.87 17.26
CA LYS A 44 61.37 5.45 17.42
C LYS A 44 60.07 4.69 17.23
N PHE A 45 60.10 3.68 16.36
CA PHE A 45 58.95 2.84 16.10
C PHE A 45 59.28 1.41 16.50
N ILE A 46 58.32 0.72 17.09
CA ILE A 46 58.49 -0.67 17.49
C ILE A 46 57.35 -1.50 16.90
N CYS A 47 57.68 -2.69 16.41
CA CYS A 47 56.68 -3.68 16.06
C CYS A 47 56.31 -4.46 17.31
N THR A 48 55.07 -4.29 17.77
CA THR A 48 54.61 -4.85 19.03
C THR A 48 53.90 -6.19 18.87
N THR A 49 53.93 -6.78 17.68
CA THR A 49 53.31 -8.08 17.42
C THR A 49 54.34 -9.14 17.04
N GLY A 50 55.63 -8.81 17.10
CA GLY A 50 56.67 -9.76 16.76
C GLY A 50 57.65 -9.25 15.73
N LYS A 51 58.02 -10.11 14.78
CA LYS A 51 58.80 -9.67 13.64
C LYS A 51 57.90 -8.87 12.71
N LEU A 52 58.44 -7.81 12.15
CA LEU A 52 57.73 -7.06 11.12
C LEU A 52 57.66 -7.95 9.87
N PRO A 53 56.46 -8.22 9.32
CA PRO A 53 56.38 -9.11 8.16
C PRO A 53 56.88 -8.48 6.88
N VAL A 54 57.14 -7.18 6.88
CA VAL A 54 57.65 -6.47 5.70
C VAL A 54 58.85 -5.64 6.16
N PRO A 55 59.69 -5.19 5.22
CA PRO A 55 60.89 -4.45 5.63
C PRO A 55 60.56 -3.04 6.11
N TRP A 56 61.27 -2.61 7.15
CA TRP A 56 61.07 -1.29 7.75
C TRP A 56 61.09 -0.13 6.76
N PRO A 57 62.04 -0.05 5.81
CA PRO A 57 62.06 1.12 4.91
C PRO A 57 60.79 1.29 4.07
N THR A 58 60.00 0.24 3.87
CA THR A 58 58.77 0.37 3.08
C THR A 58 57.66 1.10 3.81
N LEU A 59 57.78 1.30 5.12
CA LEU A 59 56.74 1.96 5.90
C LEU A 59 57.07 3.40 6.27
N VAL A 60 58.30 3.86 5.98
CA VAL A 60 58.74 5.19 6.39
C VAL A 60 57.81 6.26 5.82
N THR A 61 57.51 6.20 4.51
CA THR A 61 56.63 7.21 3.92
C THR A 61 55.29 7.24 4.61
N THR A 62 54.86 6.09 5.12
CA THR A 62 53.57 5.97 5.79
C THR A 62 53.62 6.50 7.24
N LEU A 63 54.83 6.47 7.89
CA LEU A 63 55.05 6.77 9.24
C LEU A 63 55.60 8.19 9.61
N VAL A 65 53.22 12.58 8.22
CA VAL A 65 53.26 13.81 9.04
C VAL A 65 53.94 14.99 8.37
N GLN A 66 53.57 15.29 7.13
CA GLN A 66 54.18 16.39 6.39
C GLN A 66 53.90 17.76 6.98
N CYS A 67 52.97 17.87 7.92
CA CYS A 67 52.73 19.16 8.57
C CYS A 67 53.94 19.66 9.32
N PHE A 68 54.97 18.84 9.48
CA PHE A 68 56.20 19.22 10.15
C PHE A 68 57.28 19.71 9.20
N SER A 69 57.03 19.70 7.89
CA SER A 69 58.00 20.24 6.97
C SER A 69 58.28 21.69 7.31
N ARG A 70 59.53 22.10 7.13
CA ARG A 70 59.90 23.50 7.28
C ARG A 70 59.65 24.15 5.93
N TYR A 71 58.78 25.15 5.90
CA TYR A 71 58.46 25.86 4.67
C TYR A 71 59.22 27.17 4.68
N PRO A 72 60.02 27.47 3.66
CA PRO A 72 60.74 28.75 3.64
C PRO A 72 59.78 29.92 3.72
N ASP A 73 60.35 31.10 4.03
CA ASP A 73 59.52 32.26 4.34
C ASP A 73 58.53 32.56 3.22
N HIS A 74 59.02 32.64 1.99
CA HIS A 74 58.17 32.99 0.86
C HIS A 74 57.06 31.97 0.62
N MET A 75 57.22 30.73 1.09
CA MET A 75 56.25 29.68 0.82
C MET A 75 55.26 29.44 1.95
N LYS A 76 55.41 30.09 3.10
CA LYS A 76 54.56 29.76 4.24
C LYS A 76 53.08 29.98 3.90
N GLN A 77 52.79 30.96 3.03
CA GLN A 77 51.44 31.28 2.62
C GLN A 77 50.71 30.10 1.99
N HIS A 78 51.43 29.03 1.65
CA HIS A 78 50.85 27.87 0.98
C HIS A 78 51.01 26.60 1.79
N ASP A 79 51.27 26.71 3.09
CA ASP A 79 51.43 25.53 3.95
C ASP A 79 50.06 24.93 4.24
N PHE A 80 49.63 23.99 3.39
CA PHE A 80 48.32 23.36 3.58
C PHE A 80 48.26 22.53 4.86
N PHE A 81 49.28 21.71 5.10
CA PHE A 81 49.20 20.76 6.21
C PHE A 81 49.11 21.46 7.55
N LYS A 82 49.89 22.52 7.74
CA LYS A 82 49.81 23.26 8.99
C LYS A 82 48.49 24.00 9.11
N SER A 83 47.90 24.37 7.97
CA SER A 83 46.66 25.13 7.99
C SER A 83 45.46 24.24 8.31
N ALA A 84 45.54 22.95 8.02
CA ALA A 84 44.46 22.03 8.39
C ALA A 84 44.46 21.69 9.88
N MET A 85 45.46 22.15 10.62
CA MET A 85 45.68 21.87 12.03
C MET A 85 44.95 22.90 12.90
N PRO A 86 44.41 22.50 14.06
CA PRO A 86 44.53 21.19 14.71
C PRO A 86 43.51 20.15 14.24
N GLU A 87 42.45 20.56 13.53
CA GLU A 87 41.36 19.64 13.17
C GLU A 87 41.91 18.40 12.48
N GLY A 88 42.89 18.58 11.61
CA GLY A 88 43.65 17.48 11.05
C GLY A 88 43.46 17.30 9.56
N TYR A 89 44.04 16.22 9.04
CA TYR A 89 43.88 15.84 7.65
C TYR A 89 43.95 14.32 7.52
N ILE A 90 43.36 13.81 6.45
CA ILE A 90 43.36 12.38 6.15
C ILE A 90 44.30 12.13 4.97
N GLN A 91 45.24 11.19 5.16
CA GLN A 91 46.18 10.80 4.11
C GLN A 91 45.84 9.39 3.64
N GLU A 92 45.29 9.31 2.44
CA GLU A 92 44.99 8.05 1.76
C GLU A 92 46.01 7.83 0.66
N ARG A 93 46.49 6.60 0.52
CA ARG A 93 47.69 6.36 -0.24
C ARG A 93 47.67 4.97 -0.85
N THR A 94 48.19 4.86 -2.07
CA THR A 94 48.44 3.59 -2.72
C THR A 94 49.91 3.51 -3.11
N ILE A 95 50.57 2.44 -2.71
CA ILE A 95 51.98 2.23 -3.01
C ILE A 95 52.06 0.95 -3.82
N PHE A 96 52.44 1.06 -5.08
CA PHE A 96 52.62 -0.10 -5.95
C PHE A 96 54.10 -0.45 -5.94
N PHE A 97 54.42 -1.68 -5.56
CA PHE A 97 55.78 -2.17 -5.58
C PHE A 97 56.00 -2.86 -6.91
N LYS A 98 56.94 -2.35 -7.71
CA LYS A 98 57.08 -2.78 -9.09
C LYS A 98 57.20 -4.28 -9.20
N ASP A 99 56.35 -4.87 -10.03
CA ASP A 99 56.30 -6.32 -10.25
C ASP A 99 56.08 -7.05 -8.93
N ASP A 100 55.15 -6.54 -8.13
CA ASP A 100 54.84 -7.05 -6.80
C ASP A 100 53.56 -6.37 -6.34
N GLY A 101 53.17 -6.62 -5.09
CA GLY A 101 51.88 -6.21 -4.58
C GLY A 101 51.80 -4.72 -4.25
N ASN A 102 50.70 -4.35 -3.57
CA ASN A 102 50.42 -2.96 -3.28
C ASN A 102 49.96 -2.77 -1.83
N TYR A 103 50.32 -1.62 -1.28
CA TYR A 103 49.81 -1.12 0.01
C TYR A 103 48.67 -0.16 -0.27
N LYS A 104 47.60 -0.25 0.51
CA LYS A 104 46.58 0.79 0.57
C LYS A 104 46.46 1.26 2.02
N THR A 105 46.57 2.57 2.25
CA THR A 105 46.65 3.11 3.59
C THR A 105 45.65 4.24 3.79
N ARG A 106 45.07 4.29 5.00
CA ARG A 106 44.26 5.42 5.45
C ARG A 106 44.82 5.90 6.78
N ALA A 107 45.08 7.20 6.89
CA ALA A 107 45.69 7.75 8.08
C ALA A 107 45.00 9.05 8.48
N GLU A 108 44.64 9.14 9.75
CA GLU A 108 44.18 10.39 10.36
C GLU A 108 45.37 11.03 11.05
N VAL A 109 45.66 12.28 10.69
CA VAL A 109 46.74 13.05 11.30
C VAL A 109 46.12 14.27 11.94
N LYS A 110 46.27 14.39 13.26
CA LYS A 110 45.67 15.51 13.97
C LYS A 110 46.35 15.67 15.31
N PHE A 111 46.12 16.83 15.92
CA PHE A 111 46.52 17.05 17.30
C PHE A 111 45.61 16.28 18.23
N GLU A 112 46.19 15.63 19.23
CA GLU A 112 45.46 15.00 20.32
C GLU A 112 45.95 15.71 21.58
N GLY A 113 45.14 16.55 22.19
CA GLY A 113 45.69 17.39 23.24
C GLY A 113 46.77 18.32 22.71
N ASP A 114 48.00 18.16 23.22
CA ASP A 114 49.16 18.87 22.71
C ASP A 114 50.16 17.93 22.03
N THR A 115 49.74 16.73 21.65
CA THR A 115 50.58 15.76 20.95
C THR A 115 50.03 15.54 19.54
N LEU A 116 50.91 15.63 18.53
CA LEU A 116 50.48 15.31 17.17
C LEU A 116 50.44 13.79 17.00
N VAL A 117 49.30 13.27 16.59
CA VAL A 117 49.09 11.83 16.50
C VAL A 117 48.78 11.44 15.06
N ASN A 118 49.52 10.44 14.57
CA ASN A 118 49.37 9.84 13.25
C ASN A 118 48.84 8.42 13.45
N ARG A 119 47.57 8.21 13.13
CA ARG A 119 46.93 6.92 13.30
C ARG A 119 46.66 6.32 11.93
N ILE A 120 47.22 5.14 11.67
CA ILE A 120 47.31 4.57 10.33
C ILE A 120 46.66 3.19 10.31
N GLU A 121 45.96 2.89 9.22
CA GLU A 121 45.49 1.53 8.92
C GLU A 121 45.93 1.13 7.52
N LEU A 122 46.51 -0.06 7.38
CA LEU A 122 47.15 -0.50 6.14
C LEU A 122 46.75 -1.92 5.75
N LYS A 123 46.32 -2.10 4.51
CA LYS A 123 46.09 -3.43 3.94
C LYS A 123 46.95 -3.60 2.69
N GLY A 124 47.80 -4.61 2.70
CA GLY A 124 48.66 -4.94 1.56
C GLY A 124 48.24 -6.28 0.95
N ILE A 125 48.22 -6.34 -0.38
CA ILE A 125 47.76 -7.52 -1.10
C ILE A 125 48.67 -7.81 -2.28
N ASP A 126 48.51 -9.01 -2.84
CA ASP A 126 49.13 -9.44 -4.10
C ASP A 126 50.65 -9.55 -3.99
N PHE A 127 51.14 -9.83 -2.80
CA PHE A 127 52.59 -9.84 -2.61
C PHE A 127 53.16 -11.23 -2.88
N LYS A 128 54.38 -11.24 -3.42
CA LYS A 128 55.07 -12.46 -3.77
C LYS A 128 55.80 -12.99 -2.55
N GLU A 129 55.59 -14.27 -2.25
CA GLU A 129 56.19 -14.86 -1.06
C GLU A 129 57.71 -14.78 -1.13
N ASP A 130 58.29 -15.19 -2.26
CA ASP A 130 59.69 -14.97 -2.59
C ASP A 130 60.04 -13.50 -2.81
N GLY A 131 59.06 -12.62 -3.01
CA GLY A 131 59.32 -11.28 -3.50
C GLY A 131 60.23 -10.45 -2.59
N ASN A 132 60.67 -9.31 -3.15
CA ASN A 132 61.61 -8.44 -2.46
C ASN A 132 61.10 -7.98 -1.09
N ILE A 133 59.79 -7.87 -0.93
CA ILE A 133 59.18 -7.35 0.28
C ILE A 133 59.08 -8.43 1.36
N LEU A 134 58.23 -9.43 1.12
CA LEU A 134 58.05 -10.50 2.10
C LEU A 134 59.35 -11.27 2.32
N GLY A 135 60.22 -11.30 1.32
CA GLY A 135 61.53 -11.93 1.43
C GLY A 135 62.54 -11.15 2.26
N HIS A 136 62.24 -9.90 2.62
CA HIS A 136 63.13 -9.07 3.44
C HIS A 136 64.48 -8.88 2.75
N LYS A 137 64.42 -8.47 1.49
CA LYS A 137 65.60 -8.33 0.66
C LYS A 137 66.01 -6.87 0.46
N LEU A 138 65.46 -5.95 1.26
CA LEU A 138 65.72 -4.52 1.12
C LEU A 138 66.72 -4.03 2.15
N VAL A 139 67.62 -3.14 1.72
CA VAL A 139 68.61 -2.57 2.61
C VAL A 139 67.95 -1.67 3.65
N TYR A 140 68.38 -1.79 4.89
CA TYR A 140 67.85 -0.97 5.99
C TYR A 140 68.47 0.42 5.90
N ASN A 141 67.86 1.27 5.09
CA ASN A 141 68.22 2.68 4.97
C ASN A 141 67.14 3.32 4.10
N LEU A 142 67.32 4.60 3.80
CA LEU A 142 66.37 5.29 2.93
C LEU A 142 67.06 6.46 2.27
N ASP A 143 67.12 6.44 0.95
CA ASP A 143 67.85 7.46 0.20
C ASP A 143 67.30 8.84 0.50
N ASN A 144 68.19 9.77 0.84
CA ASN A 144 67.84 11.17 0.83
C ASN A 144 67.38 11.53 -0.58
N VAL A 145 66.25 12.22 -0.68
CA VAL A 145 65.59 12.39 -1.97
C VAL A 145 64.93 13.75 -2.06
N ILE A 146 64.61 14.16 -3.28
CA ILE A 146 63.68 15.23 -3.56
C ILE A 146 62.44 14.60 -4.18
N VAL A 147 61.29 14.96 -3.65
CA VAL A 147 60.03 14.26 -3.88
C VAL A 147 59.00 15.29 -4.34
N SER A 148 58.02 14.84 -5.11
CA SER A 148 57.06 15.73 -5.74
C SER A 148 56.16 16.47 -4.75
N ASP A 149 54.96 15.92 -4.47
CA ASP A 149 53.95 16.52 -3.60
C ASP A 149 53.21 17.59 -4.40
N TYR A 150 52.97 17.30 -5.69
CA TYR A 150 52.10 18.12 -6.52
C TYR A 150 51.39 17.31 -7.61
N PHE A 151 51.40 15.98 -7.52
CA PHE A 151 50.93 15.08 -8.58
C PHE A 151 51.88 15.16 -9.75
N ASP A 152 51.31 15.28 -10.97
CA ASP A 152 51.96 15.38 -12.28
C ASP A 152 51.48 14.21 -13.15
N TYR A 153 50.67 14.51 -14.16
CA TYR A 153 50.05 13.47 -14.97
C TYR A 153 51.07 12.73 -15.81
N GLN A 154 52.19 13.37 -16.14
CA GLN A 154 53.23 12.67 -16.90
C GLN A 154 53.85 11.53 -16.10
N ASP A 155 54.23 11.79 -14.85
CA ASP A 155 54.78 10.70 -14.05
C ASP A 155 53.75 9.59 -13.82
N ALA A 156 52.47 9.95 -13.68
CA ALA A 156 51.43 8.92 -13.61
C ALA A 156 51.39 8.09 -14.88
N LEU A 157 51.49 8.75 -16.04
CA LEU A 157 51.49 8.03 -17.31
C LEU A 157 52.74 7.17 -17.46
N ASP A 158 53.89 7.66 -17.01
CA ASP A 158 55.11 6.85 -16.98
C ASP A 158 54.90 5.59 -16.15
N GLU A 159 54.32 5.74 -14.95
CA GLU A 159 54.03 4.58 -14.12
C GLU A 159 53.14 3.58 -14.86
N ILE A 160 52.01 4.06 -15.39
CA ILE A 160 51.06 3.16 -16.03
C ILE A 160 51.70 2.45 -17.22
N ARG A 161 52.45 3.20 -18.04
CA ARG A 161 53.12 2.61 -19.19
C ARG A 161 54.06 1.50 -18.75
N GLU A 162 54.95 1.80 -17.79
CA GLU A 162 55.93 0.81 -17.38
C GLU A 162 55.27 -0.38 -16.68
N THR A 163 54.15 -0.16 -15.99
CA THR A 163 53.51 -1.22 -15.23
C THR A 163 52.74 -2.18 -16.13
N GLU A 164 51.89 -1.64 -17.00
CA GLU A 164 51.19 -2.48 -17.97
C GLU A 164 52.07 -2.86 -19.16
N LYS A 165 53.31 -2.40 -19.15
CA LYS A 165 54.32 -2.71 -20.16
C LYS A 165 53.77 -2.38 -21.55
N PHE A 166 53.38 -1.12 -21.69
CA PHE A 166 53.04 -0.51 -22.96
C PHE A 166 54.21 0.34 -23.44
N ASP A 167 54.15 0.76 -24.71
CA ASP A 167 55.16 1.66 -25.24
C ASP A 167 54.76 3.12 -25.20
N PHE A 168 53.46 3.42 -25.10
CA PHE A 168 53.03 4.81 -25.20
C PHE A 168 51.75 4.98 -24.39
N ALA A 169 51.59 6.17 -23.81
CA ALA A 169 50.38 6.52 -23.10
C ALA A 169 50.15 8.02 -23.17
N ALA A 170 48.87 8.42 -23.21
CA ALA A 170 48.50 9.83 -23.31
C ALA A 170 47.12 10.02 -22.69
N ILE A 171 46.83 11.26 -22.29
CA ILE A 171 45.56 11.60 -21.67
C ILE A 171 44.93 12.77 -22.43
N ALA A 172 43.64 12.67 -22.71
CA ALA A 172 42.89 13.71 -23.41
C ALA A 172 41.95 14.38 -22.43
N LEU A 173 42.04 15.70 -22.34
CA LEU A 173 41.29 16.49 -21.38
C LEU A 173 40.75 17.71 -22.08
N PRO A 174 39.69 18.33 -21.57
CA PRO A 174 39.22 19.58 -22.16
C PRO A 174 40.01 20.81 -21.77
N GLU A 175 40.15 21.72 -22.73
CA GLU A 175 40.84 22.99 -22.56
C GLU A 175 39.96 24.11 -23.08
N ALA A 181 35.44 24.72 -24.16
CA ALA A 181 36.02 23.48 -23.64
C ALA A 181 36.03 22.38 -24.70
N VAL A 182 36.99 22.44 -25.63
CA VAL A 182 37.20 21.33 -26.56
C VAL A 182 38.19 20.33 -25.95
N ILE A 183 38.70 19.40 -26.75
CA ILE A 183 39.43 18.22 -26.24
C ILE A 183 40.85 18.18 -26.80
N LYS A 184 41.83 18.45 -25.94
CA LYS A 184 43.25 18.38 -26.27
C LYS A 184 43.88 17.13 -25.65
N TRP A 185 44.86 16.54 -26.36
CA TRP A 185 45.72 15.49 -25.80
C TRP A 185 46.79 16.16 -24.95
N LYS A 186 46.53 16.30 -23.64
CA LYS A 186 47.39 17.16 -22.84
C LYS A 186 48.73 16.53 -22.46
N TYR A 187 48.75 15.27 -22.05
CA TYR A 187 49.98 14.66 -21.53
C TYR A 187 50.24 13.34 -22.22
N ALA A 188 51.51 12.96 -22.27
CA ALA A 188 51.88 11.71 -22.93
C ALA A 188 53.25 11.23 -22.44
N SER A 189 53.38 9.91 -22.34
CA SER A 189 54.63 9.26 -21.96
C SER A 189 55.00 8.22 -23.02
N GLY A 190 56.29 8.11 -23.30
CA GLY A 190 56.73 7.30 -24.41
C GLY A 190 56.48 7.90 -25.77
N ASN A 191 56.10 9.18 -25.83
CA ASN A 191 55.86 9.82 -27.11
C ASN A 191 57.18 10.04 -27.85
N ILE A 192 57.09 10.05 -29.18
CA ILE A 192 58.24 10.33 -30.02
C ILE A 192 58.10 11.67 -30.73
N ASP A 193 56.91 12.24 -30.78
CA ASP A 193 56.67 13.59 -31.26
C ASP A 193 55.87 14.32 -30.20
N TYR A 194 55.64 15.61 -30.44
CA TYR A 194 54.69 16.40 -29.66
C TYR A 194 53.52 16.85 -30.51
N ARG A 195 53.37 16.27 -31.70
CA ARG A 195 52.31 16.68 -32.60
C ARG A 195 50.92 16.31 -32.07
N TYR A 196 50.85 15.42 -31.07
CA TYR A 196 49.58 15.08 -30.45
C TYR A 196 48.96 16.30 -29.77
N ARG A 197 49.79 17.23 -29.29
CA ARG A 197 49.32 18.46 -28.67
C ARG A 197 49.15 19.59 -29.68
N MET A 198 50.00 19.61 -30.70
CA MET A 198 49.98 20.70 -31.68
C MET A 198 48.71 20.68 -32.52
N ILE A 199 48.03 19.55 -32.61
CA ILE A 199 46.85 19.38 -33.45
C ILE A 199 45.67 19.03 -32.54
N VAL A 200 44.60 19.80 -32.65
CA VAL A 200 43.41 19.61 -31.82
C VAL A 200 42.21 19.41 -32.73
N LEU A 201 41.41 18.38 -32.43
CA LEU A 201 40.25 18.05 -33.22
C LEU A 201 39.04 18.80 -32.69
N ARG A 202 38.09 19.10 -33.58
CA ARG A 202 36.82 19.63 -33.13
C ARG A 202 35.98 18.58 -32.40
N PRO A 203 34.99 19.00 -31.61
CA PRO A 203 34.26 18.07 -30.72
C PRO A 203 33.73 16.84 -31.43
N GLY A 204 33.84 15.70 -30.74
CA GLY A 204 33.39 14.42 -31.25
C GLY A 204 34.31 13.77 -32.25
N GLU A 205 35.26 14.50 -32.81
CA GLU A 205 36.16 13.94 -33.80
C GLU A 205 37.25 13.10 -33.14
N GLY A 206 37.63 12.03 -33.82
CA GLY A 206 38.77 11.25 -33.41
C GLY A 206 38.48 10.17 -32.40
N LEU A 207 39.58 9.58 -31.93
CA LEU A 207 39.52 8.45 -31.01
C LEU A 207 39.03 8.89 -29.64
N ALA A 208 39.61 9.98 -29.13
CA ALA A 208 39.12 10.58 -27.89
C ALA A 208 37.66 10.96 -28.01
N GLY A 209 37.29 11.62 -29.11
CA GLY A 209 35.90 11.97 -29.32
C GLY A 209 34.98 10.77 -29.25
N LEU A 210 35.36 9.67 -29.91
CA LEU A 210 34.57 8.44 -29.87
C LEU A 210 34.41 7.93 -28.44
N VAL A 211 35.52 7.77 -27.73
CA VAL A 211 35.46 7.15 -26.41
C VAL A 211 34.72 8.04 -25.42
N ILE A 212 34.84 9.36 -25.55
CA ILE A 212 34.08 10.26 -24.69
C ILE A 212 32.60 10.22 -25.04
N ARG A 213 32.26 10.24 -26.33
CA ARG A 213 30.86 10.22 -26.74
C ARG A 213 30.15 8.95 -26.27
N THR A 214 30.84 7.81 -26.33
CA THR A 214 30.21 6.52 -26.03
C THR A 214 30.48 6.02 -24.61
N GLY A 215 31.40 6.64 -23.88
CA GLY A 215 31.76 6.20 -22.53
C GLY A 215 32.22 4.75 -22.44
N SER A 216 32.69 4.17 -23.55
CA SER A 216 33.05 2.77 -23.61
C SER A 216 34.40 2.62 -24.30
N ARG A 217 35.16 1.63 -23.86
CA ARG A 217 36.50 1.39 -24.38
C ARG A 217 36.47 1.02 -25.85
N LYS A 218 37.56 1.35 -26.54
CA LYS A 218 37.82 0.89 -27.90
C LYS A 218 39.14 0.13 -27.89
N ILE A 219 39.16 -1.06 -28.47
CA ILE A 219 40.34 -1.91 -28.47
C ILE A 219 40.72 -2.23 -29.91
N VAL A 220 41.98 -2.01 -30.25
CA VAL A 220 42.52 -2.20 -31.60
C VAL A 220 43.71 -3.14 -31.46
N GLU A 221 43.52 -4.40 -31.85
CA GLU A 221 44.61 -5.37 -31.75
C GLU A 221 45.66 -5.16 -32.82
N ASP A 222 45.27 -4.64 -33.97
CA ASP A 222 46.22 -4.29 -35.03
C ASP A 222 45.68 -3.06 -35.75
N VAL A 223 46.44 -1.96 -35.70
CA VAL A 223 45.92 -0.68 -36.20
C VAL A 223 45.79 -0.67 -37.71
N ASP A 224 46.78 -1.24 -38.42
CA ASP A 224 46.82 -1.15 -39.88
C ASP A 224 45.58 -1.83 -40.49
N THR A 225 45.33 -3.08 -40.09
CA THR A 225 44.20 -3.83 -40.62
C THR A 225 42.87 -3.09 -40.38
N GLU A 226 42.69 -2.49 -39.20
CA GLU A 226 41.46 -1.76 -38.96
C GLU A 226 41.41 -0.45 -39.72
N LEU A 227 42.57 0.12 -40.05
CA LEU A 227 42.60 1.26 -40.96
C LEU A 227 41.95 0.88 -42.27
N SER A 228 42.09 -0.39 -42.68
CA SER A 228 41.39 -0.78 -43.91
C SER A 228 39.87 -0.76 -43.79
N GLN A 229 39.30 -0.82 -42.57
CA GLN A 229 37.85 -0.66 -42.45
C GLN A 229 37.39 0.77 -42.30
N ASN A 230 38.04 1.53 -41.43
CA ASN A 230 37.58 2.87 -41.10
C ASN A 230 38.70 3.88 -41.29
N ASP A 231 38.52 4.78 -42.27
CA ASP A 231 39.46 5.87 -42.45
C ASP A 231 39.56 6.70 -41.17
N LYS A 232 38.55 6.62 -40.30
CA LYS A 232 38.51 7.44 -39.11
C LYS A 232 39.69 7.14 -38.20
N LEU A 233 39.83 5.87 -37.80
CA LEU A 233 40.89 5.42 -36.88
C LEU A 233 42.25 6.06 -37.12
N GLY A 234 42.42 6.71 -38.28
CA GLY A 234 43.66 7.41 -38.55
C GLY A 234 43.71 8.73 -37.83
N CYS A 235 43.56 8.68 -36.51
CA CYS A 235 43.60 9.87 -35.69
C CYS A 235 45.00 10.50 -35.77
N PRO A 236 45.11 11.81 -35.58
CA PRO A 236 46.46 12.42 -35.55
C PRO A 236 47.40 11.75 -34.55
N ILE A 237 46.90 11.36 -33.38
CA ILE A 237 47.74 10.69 -32.39
C ILE A 237 48.24 9.36 -32.94
N VAL A 238 47.36 8.61 -33.60
CA VAL A 238 47.71 7.27 -34.09
C VAL A 238 48.84 7.36 -35.11
N LEU A 239 48.70 8.28 -36.05
CA LEU A 239 49.70 8.42 -37.11
C LEU A 239 50.97 9.07 -36.57
N SER A 240 50.81 10.07 -35.70
CA SER A 240 51.97 10.80 -35.17
C SER A 240 52.86 9.88 -34.33
N GLU A 241 52.27 9.01 -33.52
CA GLU A 241 53.06 8.11 -32.69
C GLU A 241 53.25 6.74 -33.28
N ALA A 242 52.70 6.48 -34.48
CA ALA A 242 52.95 5.22 -35.20
C ALA A 242 52.48 4.02 -34.38
N LEU A 243 51.22 4.06 -33.99
CA LEU A 243 50.65 3.00 -33.17
C LEU A 243 50.19 1.87 -34.08
N THR A 244 50.58 0.64 -33.74
CA THR A 244 50.14 -0.54 -34.45
C THR A 244 49.08 -1.33 -33.70
N ALA A 245 49.01 -1.16 -32.38
CA ALA A 245 47.90 -1.65 -31.57
C ALA A 245 47.66 -0.63 -30.47
N LEU A 246 46.42 -0.58 -29.98
CA LEU A 246 46.11 0.41 -28.95
C LEU A 246 44.85 0.02 -28.20
N VAL A 247 44.72 0.59 -27.00
CA VAL A 247 43.51 0.52 -26.19
C VAL A 247 43.23 1.93 -25.70
N ALA A 248 41.97 2.38 -25.85
CA ALA A 248 41.56 3.74 -25.50
C ALA A 248 40.43 3.65 -24.47
N ILE A 249 40.65 4.26 -23.32
CA ILE A 249 39.79 4.09 -22.14
C ILE A 249 39.05 5.39 -21.86
N PRO A 250 37.78 5.34 -21.46
CA PRO A 250 37.10 6.58 -21.03
C PRO A 250 37.43 6.91 -19.58
N LEU A 251 37.64 8.19 -19.31
CA LEU A 251 37.90 8.67 -17.97
C LEU A 251 36.72 9.50 -17.46
N TRP A 252 36.29 9.17 -16.25
CA TRP A 252 35.21 9.81 -15.51
C TRP A 252 35.83 10.58 -14.36
N LYS A 253 35.12 11.59 -13.84
CA LYS A 253 35.15 11.77 -12.39
C LYS A 253 33.81 12.17 -11.78
N ASN A 254 32.85 12.68 -12.55
CA ASN A 254 31.57 13.11 -11.98
C ASN A 254 30.46 12.16 -12.33
N ASN A 255 30.78 10.89 -12.58
CA ASN A 255 29.92 9.94 -13.28
C ASN A 255 29.48 10.51 -14.64
N ARG A 256 30.19 11.54 -15.13
CA ARG A 256 30.02 12.05 -16.47
C ARG A 256 31.35 11.89 -17.20
N VAL A 257 31.29 11.53 -18.47
CA VAL A 257 32.48 11.15 -19.22
C VAL A 257 33.27 12.42 -19.55
N TYR A 258 34.51 12.49 -19.07
CA TYR A 258 35.28 13.73 -19.07
C TYR A 258 36.51 13.70 -19.97
N GLY A 259 37.16 12.56 -20.14
CA GLY A 259 38.35 12.51 -20.94
C GLY A 259 38.66 11.12 -21.43
N ALA A 260 39.93 10.91 -21.79
CA ALA A 260 40.34 9.65 -22.40
C ALA A 260 41.78 9.34 -22.06
N LEU A 261 42.04 8.07 -21.75
CA LEU A 261 43.38 7.54 -21.55
C LEU A 261 43.70 6.60 -22.71
N LEU A 262 44.81 6.87 -23.39
CA LEU A 262 45.21 6.06 -24.52
C LEU A 262 46.48 5.30 -24.15
N LEU A 263 46.45 3.98 -24.31
CA LEU A 263 47.60 3.12 -24.13
C LEU A 263 47.91 2.52 -25.49
N GLY A 264 49.13 2.73 -25.97
CA GLY A 264 49.48 2.36 -27.33
C GLY A 264 50.73 1.53 -27.39
N GLN A 265 50.79 0.68 -28.41
CA GLN A 265 51.93 -0.16 -28.72
C GLN A 265 52.50 0.23 -30.07
N ARG A 266 53.77 -0.11 -30.28
CA ARG A 266 54.42 0.16 -31.56
C ARG A 266 55.04 -1.10 -32.14
N GLU A 267 55.21 -1.08 -33.47
CA GLU A 267 56.00 -2.06 -34.21
C GLU A 267 55.43 -3.48 -34.12
N GLY A 268 54.11 -3.59 -34.27
CA GLY A 268 53.46 -4.89 -34.33
C GLY A 268 53.57 -5.67 -33.04
N ARG A 269 54.09 -5.05 -31.99
CA ARG A 269 54.07 -5.67 -30.69
C ARG A 269 52.66 -5.67 -30.14
N PRO A 270 52.21 -6.77 -29.55
CA PRO A 270 50.79 -6.92 -29.21
C PRO A 270 50.42 -6.38 -27.83
N LEU A 271 49.12 -6.16 -27.65
CA LEU A 271 48.61 -5.71 -26.37
C LEU A 271 48.93 -6.73 -25.29
N PRO A 272 49.50 -6.31 -24.16
CA PRO A 272 49.78 -7.28 -23.09
C PRO A 272 48.50 -7.90 -22.58
N GLU A 273 48.65 -9.08 -21.99
CA GLU A 273 47.51 -9.89 -21.59
C GLU A 273 46.60 -9.11 -20.63
N GLY A 274 45.29 -9.27 -20.83
CA GLY A 274 44.35 -8.63 -19.94
C GLY A 274 44.23 -7.12 -20.09
N SER A 275 44.86 -6.53 -21.10
CA SER A 275 44.63 -5.12 -21.38
C SER A 275 43.14 -4.84 -21.50
N THR A 276 42.40 -5.79 -22.07
CA THR A 276 40.95 -5.74 -22.13
C THR A 276 40.31 -5.34 -20.80
N THR A 277 40.78 -5.93 -19.70
CA THR A 277 40.29 -5.65 -18.35
C THR A 277 41.35 -4.88 -17.58
N PHE A 278 41.36 -3.56 -17.73
CA PHE A 278 42.37 -2.71 -17.12
C PHE A 278 41.72 -1.68 -16.21
N ARG A 279 42.35 -1.41 -15.07
CA ARG A 279 41.78 -0.47 -14.09
C ARG A 279 42.67 0.75 -14.01
N VAL A 280 42.10 1.93 -14.26
CA VAL A 280 42.81 3.14 -13.91
C VAL A 280 42.89 3.21 -12.39
N ASN A 281 42.02 2.46 -11.71
CA ASN A 281 41.82 2.49 -10.27
C ASN A 281 42.05 3.88 -9.66
N GLN A 282 43.11 4.08 -8.89
CA GLN A 282 43.36 5.39 -8.28
C GLN A 282 44.59 6.10 -8.87
N ARG A 283 45.07 5.66 -10.04
CA ARG A 283 46.34 6.11 -10.59
C ARG A 283 46.34 7.49 -11.24
N LEU A 284 45.18 8.13 -11.41
CA LEU A 284 45.15 9.39 -12.11
C LEU A 284 44.54 10.50 -11.27
N GLY A 285 44.68 10.39 -9.95
CA GLY A 285 44.22 11.46 -9.10
C GLY A 285 42.74 11.65 -9.27
N SER A 286 42.37 12.80 -9.83
CA SER A 286 40.97 13.16 -9.94
C SER A 286 40.20 12.31 -10.94
N TYR A 287 40.86 11.74 -11.95
CA TYR A 287 40.16 11.12 -13.07
C TYR A 287 40.07 9.62 -12.87
N THR A 288 38.86 9.09 -13.02
CA THR A 288 38.64 7.71 -12.61
C THR A 288 38.24 6.79 -13.75
N ASP A 289 37.94 5.57 -13.32
CA ASP A 289 37.76 4.36 -14.10
C ASP A 289 36.29 4.00 -14.27
N ASN A 290 35.58 3.79 -13.16
CA ASN A 290 34.11 3.81 -13.06
C ASN A 290 33.39 3.08 -14.20
N GLY A 307 40.05 17.62 -1.77
CA GLY A 307 41.18 16.71 -1.74
C GLY A 307 42.38 17.20 -2.52
N ILE A 308 43.57 16.97 -1.99
CA ILE A 308 44.82 17.36 -2.62
C ILE A 308 45.60 16.10 -2.99
N LYS A 309 45.86 15.94 -4.28
CA LYS A 309 46.47 14.71 -4.79
C LYS A 309 47.94 14.95 -5.08
N ALA A 310 48.72 13.87 -5.01
CA ALA A 310 50.14 13.91 -5.32
C ALA A 310 50.59 12.49 -5.69
N ASN A 311 51.75 12.43 -6.34
CA ASN A 311 52.37 11.16 -6.65
C ASN A 311 53.88 11.32 -6.63
N PHE A 312 54.58 10.24 -6.31
CA PHE A 312 56.04 10.24 -6.35
C PHE A 312 56.53 8.81 -6.40
N LYS A 313 57.85 8.64 -6.27
CA LYS A 313 58.49 7.36 -6.52
C LYS A 313 59.63 7.22 -5.53
N ILE A 314 59.79 6.01 -5.00
CA ILE A 314 60.79 5.71 -3.98
C ILE A 314 61.64 4.55 -4.46
N ARG A 315 62.94 4.65 -4.24
CA ARG A 315 63.90 3.64 -4.68
C ARG A 315 64.45 2.94 -3.44
N HIS A 316 64.10 1.66 -3.27
CA HIS A 316 64.55 0.85 -2.14
C HIS A 316 65.71 -0.01 -2.62
N SER A 317 66.90 0.23 -2.07
CA SER A 317 68.05 -0.58 -2.44
C SER A 317 67.82 -2.03 -2.03
N ILE A 318 68.05 -2.96 -2.95
CA ILE A 318 67.98 -4.38 -2.63
C ILE A 318 69.34 -4.85 -2.13
N GLU A 319 69.33 -5.71 -1.10
CA GLU A 319 70.54 -5.96 -0.33
C GLU A 319 71.57 -6.73 -1.13
N ASP A 320 71.10 -7.74 -1.85
CA ASP A 320 71.85 -8.55 -2.79
C ASP A 320 71.92 -7.94 -4.19
N GLY A 321 72.07 -6.62 -4.24
CA GLY A 321 72.18 -5.83 -5.45
C GLY A 321 70.87 -5.54 -6.17
N GLY A 322 70.44 -4.29 -6.18
CA GLY A 322 69.26 -3.94 -6.95
C GLY A 322 68.63 -2.65 -6.46
N VAL A 323 67.47 -2.36 -7.08
CA VAL A 323 66.59 -1.29 -6.65
C VAL A 323 65.15 -1.76 -6.84
N GLN A 324 64.38 -1.72 -5.75
CA GLN A 324 62.95 -2.00 -5.76
C GLN A 324 62.20 -0.69 -5.78
N LEU A 325 61.30 -0.51 -6.76
CA LEU A 325 60.56 0.74 -6.89
C LEU A 325 59.26 0.68 -6.11
N ALA A 326 58.88 1.83 -5.55
CA ALA A 326 57.62 2.00 -4.84
C ALA A 326 56.95 3.25 -5.38
N TYR A 327 55.89 3.07 -6.15
CA TYR A 327 55.14 4.18 -6.72
C TYR A 327 54.07 4.64 -5.73
N HIS A 328 54.08 5.92 -5.40
CA HIS A 328 53.18 6.46 -4.39
C HIS A 328 52.11 7.33 -5.05
N TYR A 329 50.87 7.10 -4.66
CA TYR A 329 49.73 7.94 -5.04
C TYR A 329 49.08 8.44 -3.76
N GLN A 330 48.89 9.76 -3.68
CA GLN A 330 48.56 10.41 -2.43
C GLN A 330 47.27 11.22 -2.55
N GLN A 331 46.46 11.19 -1.48
CA GLN A 331 45.27 12.01 -1.36
C GLN A 331 45.23 12.57 0.06
N ASN A 332 45.14 13.90 0.20
CA ASN A 332 45.03 14.56 1.50
C ASN A 332 43.81 15.45 1.54
N THR A 333 42.92 15.19 2.50
CA THR A 333 41.70 15.95 2.69
C THR A 333 41.63 16.46 4.13
N PRO A 334 41.34 17.75 4.34
CA PRO A 334 41.18 18.25 5.71
C PRO A 334 39.96 17.67 6.40
N ILE A 335 40.03 17.57 7.73
CA ILE A 335 38.96 16.98 8.52
C ILE A 335 37.90 18.01 8.88
N GLY A 336 38.31 19.20 9.30
CA GLY A 336 37.37 20.24 9.65
C GLY A 336 36.76 20.91 8.44
N ASP A 337 35.71 21.69 8.68
CA ASP A 337 35.08 22.48 7.63
C ASP A 337 35.65 23.90 7.48
N GLY A 338 36.48 24.35 8.41
CA GLY A 338 37.01 25.69 8.35
C GLY A 338 37.94 25.86 7.16
N PRO A 339 38.31 27.10 6.84
CA PRO A 339 39.13 27.32 5.65
C PRO A 339 40.56 26.87 5.89
N VAL A 340 41.17 26.32 4.83
CA VAL A 340 42.54 25.84 4.86
C VAL A 340 43.31 26.48 3.72
N LEU A 341 44.59 26.77 3.94
CA LEU A 341 45.43 27.25 2.86
C LEU A 341 45.55 26.19 1.77
N LEU A 342 45.56 26.65 0.52
CA LEU A 342 45.74 25.74 -0.60
C LEU A 342 47.16 25.78 -1.10
N PRO A 343 47.72 24.64 -1.50
CA PRO A 343 49.11 24.61 -1.94
C PRO A 343 49.27 24.85 -3.43
N ASP A 344 50.44 25.38 -3.79
CA ASP A 344 50.87 25.43 -5.17
C ASP A 344 51.76 24.22 -5.44
N ASP A 345 52.34 24.14 -6.63
CA ASP A 345 53.21 23.03 -6.99
C ASP A 345 54.60 23.24 -6.36
N HIS A 346 55.04 22.27 -5.55
CA HIS A 346 56.31 22.37 -4.84
C HIS A 346 56.94 20.99 -4.72
N TYR A 347 58.11 20.94 -4.10
CA TYR A 347 58.88 19.73 -3.87
C TYR A 347 59.11 19.54 -2.37
N LEU A 348 59.48 18.31 -2.00
CA LEU A 348 59.96 18.02 -0.65
C LEU A 348 61.36 17.45 -0.71
N SER A 349 62.32 18.19 -0.15
CA SER A 349 63.67 17.68 0.08
C SER A 349 63.68 16.93 1.41
N VAL A 350 63.94 15.63 1.36
CA VAL A 350 63.86 14.77 2.53
C VAL A 350 65.23 14.16 2.80
N GLN A 351 65.71 14.29 4.03
CA GLN A 351 66.88 13.59 4.51
C GLN A 351 66.43 12.58 5.55
N SER A 352 66.83 11.33 5.38
CA SER A 352 66.38 10.24 6.23
C SER A 352 67.58 9.53 6.84
N GLU A 353 67.48 9.15 8.10
CA GLU A 353 68.51 8.31 8.71
C GLU A 353 67.87 7.18 9.49
N LEU A 354 68.18 5.95 9.10
CA LEU A 354 67.65 4.76 9.73
C LEU A 354 68.69 4.14 10.65
N SER A 355 68.29 3.91 11.90
CA SER A 355 69.20 3.56 12.98
C SER A 355 68.55 2.47 13.82
N LYS A 356 69.34 1.85 14.70
CA LYS A 356 68.83 0.86 15.64
C LYS A 356 69.20 1.24 17.06
N ASP A 357 68.29 0.94 17.99
CA ASP A 357 68.52 1.06 19.42
C ASP A 357 69.26 -0.19 19.90
N PRO A 358 70.50 -0.04 20.37
CA PRO A 358 71.27 -1.23 20.80
C PRO A 358 70.63 -2.00 21.93
N ASN A 359 69.77 -1.37 22.73
CA ASN A 359 69.19 -1.98 23.93
C ASN A 359 67.72 -2.32 23.72
N GLU A 360 67.32 -2.61 22.48
CA GLU A 360 65.94 -2.94 22.16
C GLU A 360 65.89 -4.35 21.58
N LYS A 361 65.26 -5.27 22.32
CA LYS A 361 65.13 -6.65 21.82
C LYS A 361 64.06 -6.74 20.75
N ARG A 362 63.08 -5.85 20.77
CA ARG A 362 61.99 -5.88 19.82
C ARG A 362 62.45 -5.36 18.46
N ASP A 363 61.86 -5.91 17.40
CA ASP A 363 62.07 -5.37 16.07
C ASP A 363 61.64 -3.91 16.05
N HIS A 364 62.54 -3.02 15.66
CA HIS A 364 62.26 -1.60 15.82
C HIS A 364 62.93 -0.80 14.70
N MET A 365 62.78 0.52 14.79
CA MET A 365 63.40 1.48 13.88
C MET A 365 63.60 2.79 14.63
N VAL A 366 64.82 3.33 14.54
CA VAL A 366 65.09 4.70 14.98
C VAL A 366 65.18 5.56 13.72
N LEU A 367 64.47 6.68 13.73
CA LEU A 367 64.38 7.51 12.54
C LEU A 367 64.72 8.95 12.90
N LEU A 368 65.69 9.52 12.19
CA LEU A 368 65.96 10.95 12.22
C LEU A 368 65.69 11.51 10.83
N GLU A 369 64.90 12.57 10.76
CA GLU A 369 64.44 13.08 9.48
C GLU A 369 64.39 14.59 9.46
N PHE A 370 64.62 15.12 8.26
CA PHE A 370 64.52 16.53 7.97
C PHE A 370 63.74 16.66 6.67
N VAL A 371 62.67 17.46 6.68
CA VAL A 371 61.82 17.65 5.51
C VAL A 371 61.74 19.14 5.24
N THR A 372 62.19 19.56 4.06
CA THR A 372 62.16 20.95 3.64
C THR A 372 61.34 21.09 2.36
N ALA A 373 60.56 22.16 2.29
CA ALA A 373 59.77 22.47 1.10
C ALA A 373 60.60 23.28 0.12
N ALA A 374 60.38 23.04 -1.17
CA ALA A 374 61.16 23.68 -2.22
C ALA A 374 60.25 24.09 -3.38
N GLY A 375 60.49 25.28 -3.93
CA GLY A 375 59.79 25.68 -5.13
C GLY A 375 60.19 24.82 -6.31
N ILE A 376 59.30 24.73 -7.29
CA ILE A 376 59.54 23.83 -8.42
C ILE A 376 60.85 24.18 -9.11
N THR A 377 61.17 25.47 -9.19
CA THR A 377 62.44 25.87 -9.78
C THR A 377 63.62 25.27 -9.02
N LEU A 378 63.75 25.62 -7.73
CA LEU A 378 64.76 25.03 -6.84
C LEU A 378 64.34 23.58 -6.57
N GLY A 379 64.55 22.73 -7.54
CA GLY A 379 64.18 21.33 -7.42
C GLY A 379 64.32 20.72 -8.78
N MET A 380 63.74 21.37 -9.78
CA MET A 380 64.10 21.07 -11.16
C MET A 380 65.60 21.25 -11.34
N ASP A 381 66.09 22.41 -10.91
CA ASP A 381 67.51 22.76 -11.02
C ASP A 381 68.43 21.72 -10.38
N GLU A 382 67.98 21.05 -9.33
CA GLU A 382 68.82 20.03 -8.70
C GLU A 382 68.59 18.63 -9.30
N LEU A 383 67.33 18.21 -9.41
CA LEU A 383 67.02 16.86 -9.88
C LEU A 383 67.41 16.64 -11.33
N TYR A 384 67.16 17.62 -12.20
CA TYR A 384 67.28 17.39 -13.65
C TYR A 384 68.29 18.34 -14.28
N LYS A 385 69.14 18.98 -13.47
CA LYS A 385 70.01 20.03 -13.99
C LYS A 385 71.05 20.45 -12.95
N SER B 1 12.10 5.25 25.42
CA SER B 1 10.82 4.87 24.87
C SER B 1 9.73 5.89 25.15
N LYS B 2 10.10 7.11 25.51
CA LYS B 2 9.11 8.18 25.56
C LYS B 2 9.41 9.23 24.49
N GLY B 3 9.79 8.75 23.31
CA GLY B 3 9.29 9.37 22.10
C GLY B 3 7.79 9.19 21.96
N GLU B 4 7.19 8.26 22.72
CA GLU B 4 5.74 8.15 22.78
C GLU B 4 5.13 9.37 23.44
N GLU B 5 5.78 9.90 24.48
CA GLU B 5 5.24 11.05 25.20
C GLU B 5 5.27 12.32 24.37
N LEU B 6 6.12 12.39 23.35
CA LEU B 6 6.10 13.55 22.45
C LEU B 6 4.77 13.71 21.73
N PHE B 7 3.93 12.66 21.74
CA PHE B 7 2.69 12.61 20.98
C PHE B 7 1.44 12.60 21.85
N THR B 8 1.56 12.97 23.13
CA THR B 8 0.40 12.88 24.03
C THR B 8 -0.68 13.89 23.66
N GLY B 9 -0.32 15.06 23.17
CA GLY B 9 -1.26 16.09 22.80
C GLY B 9 -1.45 16.19 21.30
N VAL B 10 -1.88 17.36 20.84
CA VAL B 10 -1.93 17.69 19.41
C VAL B 10 -0.59 18.29 19.01
N VAL B 11 -0.11 17.92 17.83
CA VAL B 11 1.23 18.28 17.38
C VAL B 11 1.12 18.98 16.02
N PRO B 12 1.79 20.11 15.82
CA PRO B 12 1.75 20.74 14.49
C PRO B 12 2.61 19.97 13.50
N ILE B 13 2.06 19.68 12.33
CA ILE B 13 2.76 18.98 11.27
C ILE B 13 3.07 19.95 10.14
N LEU B 14 4.27 19.83 9.60
CA LEU B 14 4.71 20.58 8.44
C LEU B 14 5.28 19.59 7.44
N VAL B 15 4.85 19.70 6.18
CA VAL B 15 5.24 18.73 5.16
C VAL B 15 5.74 19.49 3.94
N GLU B 16 6.87 19.06 3.41
CA GLU B 16 7.46 19.61 2.20
C GLU B 16 7.78 18.46 1.26
N LEU B 17 7.34 18.57 0.01
CA LEU B 17 7.59 17.55 -0.99
C LEU B 17 8.16 18.23 -2.24
N ASP B 18 9.30 17.73 -2.70
CA ASP B 18 9.92 18.17 -3.94
C ASP B 18 9.81 17.03 -4.94
N GLY B 19 9.14 17.27 -6.06
CA GLY B 19 8.82 16.19 -6.98
C GLY B 19 9.21 16.52 -8.41
N ASP B 20 9.57 15.47 -9.14
CA ASP B 20 9.93 15.55 -10.55
C ASP B 20 9.44 14.25 -11.18
N VAL B 21 8.37 14.35 -11.97
CA VAL B 21 7.73 13.18 -12.57
C VAL B 21 7.74 13.34 -14.08
N ASN B 22 8.49 12.47 -14.77
CA ASN B 22 8.66 12.55 -16.22
C ASN B 22 9.13 13.94 -16.66
N GLY B 23 10.00 14.53 -15.84
CA GLY B 23 10.49 15.86 -16.11
C GLY B 23 9.58 16.98 -15.66
N HIS B 24 8.37 16.66 -15.18
CA HIS B 24 7.45 17.66 -14.65
C HIS B 24 7.85 17.94 -13.21
N LYS B 25 8.36 19.13 -12.96
CA LYS B 25 8.73 19.47 -11.60
C LYS B 25 7.57 20.13 -10.88
N PHE B 26 7.52 19.93 -9.57
CA PHE B 26 6.49 20.50 -8.72
C PHE B 26 7.00 20.44 -7.28
N SER B 27 6.37 21.25 -6.45
CA SER B 27 6.60 21.22 -5.01
C SER B 27 5.25 21.28 -4.32
N VAL B 28 5.16 20.61 -3.18
CA VAL B 28 3.95 20.58 -2.39
C VAL B 28 4.31 21.01 -0.97
N SER B 29 3.49 21.88 -0.40
CA SER B 29 3.64 22.31 0.99
C SER B 29 2.36 21.98 1.72
N GLY B 30 2.50 21.48 2.94
CA GLY B 30 1.36 21.04 3.71
C GLY B 30 1.50 21.43 5.17
N GLU B 31 0.36 21.71 5.79
CA GLU B 31 0.30 22.11 7.19
C GLU B 31 -0.93 21.51 7.84
N GLY B 32 -0.80 21.25 9.14
CA GLY B 32 -1.96 20.81 9.90
C GLY B 32 -1.55 20.31 11.27
N GLU B 33 -2.42 19.49 11.84
CA GLU B 33 -2.26 19.00 13.20
C GLU B 33 -2.40 17.48 13.20
N GLY B 34 -1.76 16.87 14.19
CA GLY B 34 -1.91 15.45 14.42
C GLY B 34 -2.17 15.15 15.88
N ASP B 35 -3.26 14.46 16.18
CA ASP B 35 -3.54 13.99 17.54
C ASP B 35 -3.34 12.48 17.54
N ALA B 36 -2.20 12.05 18.10
CA ALA B 36 -1.84 10.64 18.02
C ALA B 36 -2.74 9.74 18.86
N THR B 37 -3.30 10.27 19.97
CA THR B 37 -4.13 9.42 20.81
C THR B 37 -5.40 8.99 20.11
N TYR B 38 -5.80 9.70 19.06
CA TYR B 38 -6.94 9.30 18.25
C TYR B 38 -6.53 8.89 16.83
N GLY B 39 -5.23 8.90 16.53
CA GLY B 39 -4.77 8.61 15.18
C GLY B 39 -5.22 9.60 14.13
N LYS B 40 -5.50 10.84 14.53
CA LYS B 40 -6.16 11.81 13.67
C LYS B 40 -5.15 12.75 13.04
N LEU B 41 -5.23 12.92 11.72
CA LEU B 41 -4.49 13.94 10.99
C LEU B 41 -5.47 14.81 10.23
N THR B 42 -5.36 16.12 10.41
CA THR B 42 -6.08 17.12 9.63
C THR B 42 -5.07 18.02 8.94
N LEU B 43 -5.10 18.06 7.61
CA LEU B 43 -4.06 18.74 6.85
C LEU B 43 -4.65 19.50 5.66
N LYS B 44 -3.91 20.53 5.23
CA LYS B 44 -4.14 21.21 3.96
C LYS B 44 -2.83 21.21 3.18
N PHE B 45 -2.90 20.77 1.94
CA PHE B 45 -1.76 20.73 1.03
C PHE B 45 -1.99 21.66 -0.15
N ILE B 46 -0.94 22.35 -0.58
CA ILE B 46 -1.00 23.20 -1.76
C ILE B 46 0.15 22.81 -2.69
N CYS B 47 -0.13 22.76 -3.98
CA CYS B 47 0.94 22.70 -4.98
C CYS B 47 1.38 24.13 -5.21
N THR B 48 2.61 24.45 -4.82
CA THR B 48 3.10 25.82 -4.80
C THR B 48 3.86 26.19 -6.06
N THR B 49 3.84 25.33 -7.08
CA THR B 49 4.49 25.59 -8.35
C THR B 49 3.51 25.68 -9.51
N GLY B 50 2.20 25.63 -9.24
CA GLY B 50 1.21 25.68 -10.30
C GLY B 50 0.21 24.55 -10.21
N LYS B 51 -0.13 23.94 -11.34
CA LYS B 51 -0.94 22.73 -11.33
C LYS B 51 -0.10 21.54 -10.90
N LEU B 52 -0.68 20.66 -10.10
CA LEU B 52 -0.03 19.40 -9.77
C LEU B 52 0.01 18.49 -10.99
N PRO B 53 1.18 18.00 -11.41
CA PRO B 53 1.26 17.20 -12.64
C PRO B 53 0.71 15.78 -12.50
N VAL B 54 0.39 15.34 -11.29
CA VAL B 54 -0.10 13.98 -11.06
C VAL B 54 -1.38 14.09 -10.25
N PRO B 55 -2.18 13.02 -10.20
CA PRO B 55 -3.43 13.10 -9.45
C PRO B 55 -3.14 13.12 -7.96
N TRP B 56 -3.89 13.96 -7.25
CA TRP B 56 -3.65 14.15 -5.82
C TRP B 56 -3.65 12.86 -5.00
N PRO B 57 -4.58 11.91 -5.17
CA PRO B 57 -4.56 10.73 -4.29
C PRO B 57 -3.28 9.91 -4.36
N THR B 58 -2.55 9.92 -5.48
CA THR B 58 -1.34 9.12 -5.59
C THR B 58 -0.25 9.61 -4.65
N LEU B 59 -0.45 10.78 -4.04
CA LEU B 59 0.50 11.37 -3.13
C LEU B 59 0.11 11.23 -1.67
N VAL B 60 -1.10 10.78 -1.34
CA VAL B 60 -1.50 10.75 0.07
C VAL B 60 -0.56 9.85 0.88
N THR B 61 -0.29 8.64 0.37
CA THR B 61 0.59 7.70 1.08
C THR B 61 1.99 8.27 1.26
N THR B 62 2.45 9.07 0.30
CA THR B 62 3.78 9.68 0.44
C THR B 62 3.69 10.85 1.41
N LEU B 63 2.58 11.57 1.42
CA LEU B 63 2.51 12.77 2.29
C LEU B 63 2.07 12.37 3.70
N VAL B 65 3.60 10.13 7.55
CA VAL B 65 3.74 10.47 9.00
C VAL B 65 3.07 9.38 9.84
N GLN B 66 3.62 8.17 9.80
CA GLN B 66 3.02 7.01 10.49
C GLN B 66 3.09 7.18 12.02
N CYS B 67 4.04 7.95 12.47
CA CYS B 67 4.17 8.09 13.93
C CYS B 67 2.92 8.62 14.61
N PHE B 68 1.91 9.06 13.86
CA PHE B 68 0.68 9.55 14.46
C PHE B 68 -0.39 8.49 14.53
N SER B 69 -0.10 7.27 14.05
CA SER B 69 -1.04 6.17 14.15
C SER B 69 -1.42 5.93 15.61
N ARG B 70 -2.67 5.53 15.83
CA ARG B 70 -3.11 5.15 17.16
C ARG B 70 -2.82 3.68 17.39
N TYR B 71 -2.08 3.39 18.46
CA TYR B 71 -1.81 2.01 18.81
C TYR B 71 -2.65 1.58 19.99
N PRO B 72 -3.40 0.48 19.87
CA PRO B 72 -4.19 -0.03 20.99
C PRO B 72 -3.29 -0.36 22.18
N ASP B 73 -3.96 -0.57 23.32
CA ASP B 73 -3.24 -0.74 24.58
C ASP B 73 -2.20 -1.86 24.51
N HIS B 74 -2.61 -3.06 24.07
CA HIS B 74 -1.70 -4.20 24.06
C HIS B 74 -0.54 -4.06 23.07
N MET B 75 -0.64 -3.20 22.04
CA MET B 75 0.38 -3.11 21.02
C MET B 75 1.38 -1.99 21.22
N LYS B 76 1.20 -1.14 22.24
CA LYS B 76 2.00 0.08 22.33
C LYS B 76 3.50 -0.19 22.42
N GLN B 77 3.90 -1.31 23.03
CA GLN B 77 5.32 -1.61 23.15
C GLN B 77 6.01 -1.82 21.79
N HIS B 78 5.26 -1.86 20.68
CA HIS B 78 5.84 -2.15 19.38
C HIS B 78 5.74 -0.99 18.40
N ASP B 79 5.46 0.22 18.88
CA ASP B 79 5.38 1.39 18.00
C ASP B 79 6.81 1.83 17.67
N PHE B 80 7.34 1.31 16.57
CA PHE B 80 8.69 1.69 16.16
C PHE B 80 8.76 3.19 15.82
N PHE B 81 7.73 3.70 15.13
CA PHE B 81 7.75 5.08 14.65
C PHE B 81 7.85 6.08 15.79
N LYS B 82 7.10 5.86 16.86
CA LYS B 82 7.09 6.83 17.96
C LYS B 82 8.37 6.79 18.79
N SER B 83 9.00 5.61 18.92
CA SER B 83 10.21 5.52 19.73
C SER B 83 11.43 6.07 19.02
N ALA B 84 11.40 6.16 17.69
CA ALA B 84 12.49 6.81 16.96
C ALA B 84 12.46 8.32 17.07
N MET B 85 11.42 8.90 17.69
CA MET B 85 11.25 10.33 17.86
C MET B 85 11.88 10.79 19.17
N PRO B 86 12.43 12.01 19.23
CA PRO B 86 12.33 13.07 18.23
C PRO B 86 13.36 12.90 17.14
N GLU B 87 14.29 11.97 17.37
CA GLU B 87 15.49 11.85 16.55
C GLU B 87 15.10 11.75 15.07
N GLY B 88 14.12 10.91 14.78
CA GLY B 88 13.48 10.77 13.48
C GLY B 88 13.76 9.42 12.85
N TYR B 89 13.24 9.25 11.62
CA TYR B 89 13.49 8.06 10.83
C TYR B 89 13.42 8.42 9.35
N ILE B 90 14.05 7.58 8.53
CA ILE B 90 14.08 7.75 7.07
C ILE B 90 13.15 6.73 6.43
N GLN B 91 12.25 7.22 5.58
CA GLN B 91 11.31 6.37 4.84
C GLN B 91 11.67 6.39 3.36
N GLU B 92 12.21 5.28 2.87
CA GLU B 92 12.51 5.11 1.46
C GLU B 92 11.48 4.15 0.86
N ARG B 93 10.97 4.48 -0.32
CA ARG B 93 9.78 3.81 -0.80
C ARG B 93 9.75 3.88 -2.33
N THR B 94 9.32 2.78 -2.95
CA THR B 94 9.09 2.72 -4.39
C THR B 94 7.64 2.30 -4.63
N ILE B 95 6.94 3.06 -5.46
CA ILE B 95 5.54 2.80 -5.76
C ILE B 95 5.42 2.50 -7.24
N PHE B 96 5.02 1.28 -7.56
CA PHE B 96 4.87 0.83 -8.95
C PHE B 96 3.42 1.01 -9.36
N PHE B 97 3.19 1.76 -10.42
CA PHE B 97 1.85 1.95 -10.96
C PHE B 97 1.64 0.93 -12.08
N LYS B 98 0.71 0.00 -11.87
CA LYS B 98 0.55 -1.13 -12.78
C LYS B 98 0.29 -0.63 -14.19
N ASP B 99 1.09 -1.13 -15.14
CA ASP B 99 1.01 -0.72 -16.53
C ASP B 99 1.24 0.77 -16.68
N ASP B 100 2.24 1.28 -15.95
CA ASP B 100 2.59 2.69 -15.92
C ASP B 100 3.90 2.84 -15.15
N GLY B 101 4.31 4.08 -14.93
CA GLY B 101 5.59 4.39 -14.34
C GLY B 101 5.62 4.19 -12.82
N ASN B 102 6.70 4.67 -12.21
CA ASN B 102 6.93 4.44 -10.78
C ASN B 102 7.40 5.72 -10.08
N TYR B 103 7.04 5.83 -8.81
CA TYR B 103 7.57 6.83 -7.89
C TYR B 103 8.71 6.19 -7.08
N LYS B 104 9.79 6.93 -6.89
CA LYS B 104 10.79 6.61 -5.88
C LYS B 104 10.92 7.82 -4.96
N THR B 105 10.77 7.59 -3.65
CA THR B 105 10.74 8.67 -2.67
C THR B 105 11.67 8.41 -1.51
N ARG B 106 12.30 9.48 -1.02
CA ARG B 106 13.04 9.46 0.23
C ARG B 106 12.45 10.55 1.11
N ALA B 107 12.08 10.20 2.34
CA ALA B 107 11.42 11.13 3.23
C ALA B 107 12.07 11.05 4.60
N GLU B 108 12.44 12.21 5.13
CA GLU B 108 12.95 12.35 6.47
C GLU B 108 11.81 12.81 7.37
N VAL B 109 11.52 12.05 8.42
CA VAL B 109 10.47 12.38 9.38
C VAL B 109 11.12 12.52 10.75
N LYS B 110 11.02 13.72 11.33
CA LYS B 110 11.64 14.00 12.62
C LYS B 110 10.99 15.23 13.24
N PHE B 111 11.18 15.38 14.54
CA PHE B 111 10.83 16.62 15.21
C PHE B 111 11.87 17.69 14.92
N GLU B 112 11.38 18.89 14.62
CA GLU B 112 12.19 20.10 14.56
C GLU B 112 11.53 21.08 15.50
N GLY B 113 12.20 21.43 16.58
CA GLY B 113 11.53 22.10 17.67
C GLY B 113 10.49 21.15 18.25
N ASP B 114 9.23 21.60 18.29
CA ASP B 114 8.11 20.74 18.65
C ASP B 114 7.15 20.55 17.47
N THR B 115 7.67 20.70 16.25
CA THR B 115 6.91 20.52 15.03
C THR B 115 7.36 19.22 14.35
N LEU B 116 6.39 18.38 13.99
CA LEU B 116 6.72 17.17 13.22
C LEU B 116 6.91 17.55 11.76
N VAL B 117 8.07 17.20 11.21
CA VAL B 117 8.46 17.62 9.87
C VAL B 117 8.60 16.37 9.00
N ASN B 118 7.88 16.34 7.88
CA ASN B 118 7.99 15.29 6.87
C ASN B 118 8.53 15.93 5.59
N ARG B 119 9.79 15.66 5.27
CA ARG B 119 10.48 16.23 4.12
C ARG B 119 10.68 15.15 3.07
N ILE B 120 10.18 15.38 1.86
CA ILE B 120 10.13 14.32 0.85
C ILE B 120 10.82 14.79 -0.43
N GLU B 121 11.54 13.86 -1.07
CA GLU B 121 12.02 14.02 -2.44
C GLU B 121 11.42 12.89 -3.25
N LEU B 122 10.81 13.22 -4.39
CA LEU B 122 10.04 12.25 -5.16
C LEU B 122 10.44 12.34 -6.62
N LYS B 123 10.86 11.21 -7.20
CA LYS B 123 11.15 11.11 -8.61
C LYS B 123 10.30 10.04 -9.25
N GLY B 124 9.51 10.44 -10.25
CA GLY B 124 8.69 9.52 -11.01
C GLY B 124 9.18 9.44 -12.45
N ILE B 125 9.24 8.21 -12.98
CA ILE B 125 9.71 7.96 -14.34
C ILE B 125 8.84 6.89 -14.98
N ASP B 126 8.97 6.78 -16.31
CA ASP B 126 8.38 5.72 -17.13
C ASP B 126 6.86 5.82 -17.21
N PHE B 127 6.31 7.02 -17.02
CA PHE B 127 4.88 7.24 -17.03
C PHE B 127 4.40 7.59 -18.43
N LYS B 128 3.18 7.15 -18.76
CA LYS B 128 2.59 7.43 -20.06
C LYS B 128 1.82 8.75 -19.99
N GLU B 129 2.06 9.62 -20.96
CA GLU B 129 1.32 10.88 -21.03
C GLU B 129 -0.17 10.56 -21.11
N ASP B 130 -0.48 9.52 -21.87
CA ASP B 130 -1.75 8.81 -21.95
C ASP B 130 -2.37 8.39 -20.62
N GLY B 131 -1.54 7.83 -19.76
CA GLY B 131 -2.02 7.06 -18.62
C GLY B 131 -2.84 7.84 -17.63
N ASN B 132 -3.41 7.06 -16.70
CA ASN B 132 -4.24 7.59 -15.63
C ASN B 132 -3.49 8.61 -14.77
N ILE B 133 -2.16 8.52 -14.72
CA ILE B 133 -1.38 9.39 -13.82
C ILE B 133 -1.24 10.76 -14.46
N LEU B 134 -0.41 10.87 -15.50
CA LEU B 134 -0.24 12.17 -16.16
C LEU B 134 -1.52 12.62 -16.84
N GLY B 135 -2.36 11.69 -17.28
CA GLY B 135 -3.64 12.01 -17.89
C GLY B 135 -4.73 12.45 -16.92
N HIS B 136 -4.52 12.28 -15.61
CA HIS B 136 -5.47 12.72 -14.59
C HIS B 136 -6.82 12.02 -14.72
N LYS B 137 -6.79 10.69 -14.72
CA LYS B 137 -7.99 9.88 -14.87
C LYS B 137 -8.47 9.26 -13.56
N LEU B 138 -7.94 9.71 -12.43
CA LEU B 138 -8.23 9.11 -11.13
C LEU B 138 -9.27 9.91 -10.37
N VAL B 139 -10.20 9.20 -9.73
CA VAL B 139 -11.22 9.87 -8.92
C VAL B 139 -10.57 10.48 -7.68
N TYR B 140 -11.02 11.68 -7.33
CA TYR B 140 -10.52 12.40 -6.16
C TYR B 140 -11.14 11.82 -4.89
N ASN B 141 -10.51 10.76 -4.39
CA ASN B 141 -10.84 10.14 -3.11
C ASN B 141 -9.77 9.08 -2.84
N LEU B 142 -9.94 8.34 -1.74
CA LEU B 142 -9.01 7.26 -1.42
C LEU B 142 -9.76 6.27 -0.53
N ASP B 143 -9.95 5.05 -1.03
CA ASP B 143 -10.75 4.06 -0.33
C ASP B 143 -10.17 3.80 1.06
N ASN B 144 -11.01 3.88 2.08
CA ASN B 144 -10.61 3.39 3.40
C ASN B 144 -10.22 1.93 3.28
N VAL B 145 -9.10 1.56 3.90
CA VAL B 145 -8.53 0.23 3.72
C VAL B 145 -7.91 -0.25 5.02
N ILE B 146 -7.68 -1.56 5.06
CA ILE B 146 -6.79 -2.19 6.03
C ILE B 146 -5.58 -2.61 5.23
N VAL B 147 -4.39 -2.20 5.68
CA VAL B 147 -3.21 -2.29 4.84
C VAL B 147 -2.09 -2.94 5.61
N SER B 148 -1.25 -3.69 4.90
CA SER B 148 -0.15 -4.39 5.54
C SER B 148 0.93 -3.40 5.95
N ASP B 149 1.54 -3.62 7.11
CA ASP B 149 2.62 -2.77 7.60
C ASP B 149 3.78 -3.64 8.06
N TYR B 150 3.99 -4.74 7.34
CA TYR B 150 5.15 -5.60 7.46
C TYR B 150 5.38 -6.17 6.07
N PHE B 151 6.53 -6.81 5.86
CA PHE B 151 6.83 -7.37 4.56
C PHE B 151 6.28 -8.79 4.48
N ASP B 152 5.31 -9.00 3.58
CA ASP B 152 4.68 -10.30 3.36
C ASP B 152 5.18 -10.83 2.03
N TYR B 153 5.96 -11.91 2.07
CA TYR B 153 6.65 -12.37 0.88
C TYR B 153 5.72 -12.92 -0.21
N GLN B 154 4.57 -13.51 0.14
CA GLN B 154 3.66 -13.90 -0.95
C GLN B 154 3.06 -12.69 -1.64
N ASP B 155 2.67 -11.65 -0.90
CA ASP B 155 2.14 -10.47 -1.58
C ASP B 155 3.18 -9.93 -2.55
N ALA B 156 4.45 -9.97 -2.18
CA ALA B 156 5.52 -9.59 -3.10
C ALA B 156 5.54 -10.51 -4.32
N LEU B 157 5.37 -11.82 -4.10
CA LEU B 157 5.39 -12.75 -5.22
C LEU B 157 4.20 -12.54 -6.14
N ASP B 158 3.02 -12.27 -5.58
CA ASP B 158 1.85 -11.92 -6.38
C ASP B 158 2.12 -10.68 -7.21
N GLU B 159 2.69 -9.65 -6.58
CA GLU B 159 3.02 -8.41 -7.28
C GLU B 159 3.93 -8.70 -8.46
N ILE B 160 5.03 -9.40 -8.20
CA ILE B 160 6.03 -9.68 -9.24
C ILE B 160 5.40 -10.52 -10.36
N ARG B 161 4.63 -11.54 -9.98
CA ARG B 161 4.00 -12.43 -10.95
C ARG B 161 3.06 -11.65 -11.87
N GLU B 162 2.13 -10.90 -11.30
CA GLU B 162 1.16 -10.18 -12.13
C GLU B 162 1.82 -9.10 -12.96
N THR B 163 2.91 -8.52 -12.46
CA THR B 163 3.57 -7.44 -13.20
C THR B 163 4.38 -7.98 -14.39
N GLU B 164 5.21 -9.00 -14.15
CA GLU B 164 5.96 -9.65 -15.23
C GLU B 164 5.12 -10.62 -16.04
N LYS B 165 3.84 -10.76 -15.71
CA LYS B 165 2.92 -11.62 -16.44
C LYS B 165 3.45 -13.06 -16.51
N PHE B 166 3.73 -13.63 -15.33
CA PHE B 166 4.01 -15.04 -15.16
C PHE B 166 2.81 -15.74 -14.52
N ASP B 167 2.84 -17.07 -14.57
CA ASP B 167 1.80 -17.87 -13.93
C ASP B 167 2.19 -18.38 -12.55
N PHE B 168 3.49 -18.42 -12.23
CA PHE B 168 3.94 -18.99 -10.97
C PHE B 168 5.23 -18.29 -10.54
N ALA B 169 5.39 -18.13 -9.23
CA ALA B 169 6.60 -17.56 -8.66
C ALA B 169 6.83 -18.11 -7.26
N ALA B 170 8.10 -18.29 -6.89
CA ALA B 170 8.46 -18.87 -5.61
C ALA B 170 9.84 -18.39 -5.18
N ILE B 171 10.12 -18.49 -3.88
CA ILE B 171 11.39 -18.07 -3.29
C ILE B 171 11.98 -19.23 -2.51
N ALA B 172 13.28 -19.45 -2.68
CA ALA B 172 14.02 -20.48 -1.96
C ALA B 172 14.98 -19.84 -0.97
N LEU B 173 14.91 -20.22 0.29
CA LEU B 173 15.72 -19.65 1.35
C LEU B 173 16.21 -20.79 2.25
N PRO B 174 17.27 -20.55 3.02
CA PRO B 174 17.69 -21.58 3.97
C PRO B 174 16.75 -21.71 5.16
N GLU B 175 16.52 -22.95 5.55
CA GLU B 175 15.60 -23.33 6.62
C GLU B 175 16.30 -24.32 7.54
N ALA B 181 21.56 -24.59 7.19
CA ALA B 181 21.16 -24.01 5.91
C ALA B 181 20.79 -25.07 4.89
N VAL B 182 19.61 -25.67 5.04
CA VAL B 182 19.00 -26.46 4.00
C VAL B 182 18.14 -25.50 3.18
N ILE B 183 17.80 -25.88 1.94
CA ILE B 183 17.22 -24.91 1.02
C ILE B 183 15.79 -25.34 0.70
N LYS B 184 14.84 -24.63 1.29
CA LYS B 184 13.41 -24.87 1.14
C LYS B 184 12.75 -23.79 0.28
N TRP B 185 11.72 -24.18 -0.47
CA TRP B 185 10.85 -23.26 -1.19
C TRP B 185 9.83 -22.69 -0.22
N LYS B 186 10.14 -21.55 0.39
CA LYS B 186 9.34 -21.08 1.51
C LYS B 186 8.01 -20.48 1.06
N TYR B 187 8.00 -19.68 0.00
CA TYR B 187 6.79 -19.00 -0.43
C TYR B 187 6.60 -19.20 -1.92
N ALA B 188 5.33 -19.16 -2.36
CA ALA B 188 5.01 -19.36 -3.76
C ALA B 188 3.64 -18.75 -4.06
N SER B 189 3.49 -18.18 -5.25
CA SER B 189 2.24 -17.59 -5.69
C SER B 189 1.84 -18.18 -7.05
N GLY B 190 0.55 -18.37 -7.25
CA GLY B 190 0.05 -19.07 -8.41
C GLY B 190 0.24 -20.56 -8.37
N ASN B 191 0.58 -21.12 -7.20
CA ASN B 191 0.84 -22.54 -7.06
C ASN B 191 -0.42 -23.35 -7.27
N ILE B 192 -0.24 -24.60 -7.72
CA ILE B 192 -1.34 -25.53 -7.91
C ILE B 192 -1.32 -26.68 -6.91
N ASP B 193 -0.18 -26.96 -6.28
CA ASP B 193 -0.04 -27.90 -5.17
C ASP B 193 0.68 -27.18 -4.04
N TYR B 194 0.88 -27.89 -2.94
CA TYR B 194 1.72 -27.38 -1.86
C TYR B 194 2.99 -28.19 -1.66
N ARG B 195 3.32 -29.07 -2.61
CA ARG B 195 4.49 -29.93 -2.47
C ARG B 195 5.80 -29.16 -2.50
N TYR B 196 5.78 -27.90 -2.94
CA TYR B 196 7.00 -27.11 -2.99
C TYR B 196 7.63 -26.94 -1.61
N ARG B 197 6.82 -26.94 -0.55
CA ARG B 197 7.36 -26.89 0.80
C ARG B 197 7.55 -28.26 1.41
N MET B 198 6.73 -29.24 1.03
CA MET B 198 6.82 -30.57 1.64
C MET B 198 8.11 -31.29 1.29
N ILE B 199 8.76 -30.95 0.18
CA ILE B 199 9.97 -31.62 -0.27
C ILE B 199 11.11 -30.61 -0.30
N VAL B 200 12.20 -30.95 0.40
CA VAL B 200 13.36 -30.07 0.52
C VAL B 200 14.58 -30.82 0.00
N LEU B 201 15.38 -30.13 -0.79
CA LEU B 201 16.53 -30.75 -1.43
C LEU B 201 17.73 -30.68 -0.49
N ARG B 202 18.68 -31.60 -0.69
CA ARG B 202 19.92 -31.50 0.03
C ARG B 202 20.64 -30.23 -0.43
N PRO B 203 21.56 -29.69 0.37
CA PRO B 203 22.22 -28.45 -0.03
C PRO B 203 22.86 -28.59 -1.40
N GLY B 204 22.67 -27.58 -2.23
CA GLY B 204 23.20 -27.57 -3.58
C GLY B 204 22.44 -28.41 -4.59
N GLU B 205 21.58 -29.32 -4.16
CA GLU B 205 20.85 -30.15 -5.09
C GLU B 205 19.68 -29.37 -5.68
N GLY B 206 19.38 -29.63 -6.93
CA GLY B 206 18.23 -29.03 -7.57
C GLY B 206 18.54 -27.69 -8.21
N LEU B 207 17.46 -27.05 -8.67
CA LEU B 207 17.58 -25.80 -9.42
C LEU B 207 18.03 -24.65 -8.52
N ALA B 208 17.41 -24.52 -7.35
CA ALA B 208 17.85 -23.53 -6.38
C ALA B 208 19.32 -23.72 -6.06
N GLY B 209 19.72 -24.96 -5.80
CA GLY B 209 21.13 -25.25 -5.56
C GLY B 209 22.03 -24.80 -6.70
N LEU B 210 21.60 -25.05 -7.95
CA LEU B 210 22.41 -24.62 -9.10
C LEU B 210 22.60 -23.12 -9.10
N VAL B 211 21.51 -22.36 -9.07
CA VAL B 211 21.63 -20.90 -9.17
C VAL B 211 22.34 -20.35 -7.94
N ILE B 212 22.23 -21.02 -6.79
CA ILE B 212 22.94 -20.54 -5.60
C ILE B 212 24.44 -20.79 -5.70
N ARG B 213 24.86 -22.00 -6.08
CA ARG B 213 26.31 -22.22 -6.13
C ARG B 213 26.94 -21.33 -7.20
N THR B 214 26.22 -21.09 -8.31
CA THR B 214 26.77 -20.37 -9.44
C THR B 214 26.45 -18.89 -9.45
N GLY B 215 25.56 -18.44 -8.56
CA GLY B 215 25.19 -17.03 -8.54
C GLY B 215 24.67 -16.52 -9.86
N SER B 216 24.17 -17.40 -10.73
CA SER B 216 23.80 -17.01 -12.08
C SER B 216 22.41 -17.49 -12.42
N ARG B 217 21.65 -16.64 -13.12
CA ARG B 217 20.31 -17.04 -13.50
C ARG B 217 20.37 -18.12 -14.59
N LYS B 218 19.35 -18.97 -14.59
CA LYS B 218 19.19 -19.96 -15.64
C LYS B 218 17.87 -19.71 -16.35
N ILE B 219 17.90 -19.79 -17.68
CA ILE B 219 16.75 -19.50 -18.50
C ILE B 219 16.39 -20.76 -19.28
N VAL B 220 15.13 -21.17 -19.15
CA VAL B 220 14.60 -22.39 -19.77
C VAL B 220 13.39 -21.94 -20.57
N GLU B 221 13.55 -21.88 -21.89
CA GLU B 221 12.44 -21.46 -22.73
C GLU B 221 11.41 -22.57 -22.88
N ASP B 222 11.85 -23.83 -22.78
CA ASP B 222 10.94 -24.96 -22.85
C ASP B 222 11.49 -26.07 -21.95
N VAL B 223 10.72 -26.48 -20.93
CA VAL B 223 11.24 -27.41 -19.92
C VAL B 223 11.42 -28.82 -20.48
N ASP B 224 10.45 -29.31 -21.26
CA ASP B 224 10.49 -30.71 -21.69
C ASP B 224 11.74 -31.00 -22.53
N THR B 225 11.99 -30.18 -23.55
CA THR B 225 13.16 -30.33 -24.40
C THR B 225 14.46 -30.25 -23.60
N GLU B 226 14.55 -29.31 -22.66
CA GLU B 226 15.76 -29.25 -21.86
C GLU B 226 15.85 -30.39 -20.87
N LEU B 227 14.72 -30.99 -20.50
CA LEU B 227 14.79 -32.26 -19.77
C LEU B 227 15.39 -33.33 -20.66
N SER B 228 15.06 -33.31 -21.96
CA SER B 228 15.56 -34.33 -22.86
C SER B 228 17.07 -34.22 -23.05
N GLN B 229 17.63 -33.02 -22.89
CA GLN B 229 19.09 -32.98 -22.88
C GLN B 229 19.70 -33.18 -21.50
N ASN B 230 19.14 -32.52 -20.50
CA ASN B 230 19.73 -32.47 -19.17
C ASN B 230 18.63 -32.99 -18.23
N ASP B 231 18.77 -34.27 -17.86
CA ASP B 231 17.79 -34.96 -17.01
C ASP B 231 17.70 -34.35 -15.62
N LYS B 232 18.76 -33.72 -15.18
CA LYS B 232 19.07 -33.14 -13.89
C LYS B 232 18.17 -31.92 -13.53
N LEU B 233 17.13 -31.69 -14.35
CA LEU B 233 16.27 -30.53 -14.27
C LEU B 233 14.89 -30.83 -13.67
N GLY B 234 14.55 -32.10 -13.46
CA GLY B 234 13.27 -32.46 -12.89
C GLY B 234 13.12 -32.24 -11.40
N CYS B 235 13.23 -30.98 -10.96
CA CYS B 235 13.09 -30.69 -9.55
C CYS B 235 11.66 -30.98 -9.10
N PRO B 236 11.48 -31.27 -7.81
CA PRO B 236 10.10 -31.34 -7.28
C PRO B 236 9.31 -30.08 -7.61
N ILE B 237 9.96 -28.91 -7.60
CA ILE B 237 9.25 -27.67 -7.92
C ILE B 237 8.74 -27.70 -9.36
N VAL B 238 9.60 -28.13 -10.30
CA VAL B 238 9.23 -28.10 -11.71
C VAL B 238 8.09 -29.06 -11.98
N LEU B 239 8.20 -30.28 -11.45
CA LEU B 239 7.20 -31.30 -11.71
C LEU B 239 5.92 -31.01 -10.93
N SER B 240 6.05 -30.53 -9.70
CA SER B 240 4.87 -30.26 -8.88
C SER B 240 4.03 -29.14 -9.48
N GLU B 241 4.68 -28.10 -10.01
CA GLU B 241 3.90 -26.99 -10.54
C GLU B 241 3.68 -27.07 -12.04
N ALA B 242 4.18 -28.12 -12.70
CA ALA B 242 3.92 -28.34 -14.12
C ALA B 242 4.43 -27.16 -14.94
N LEU B 243 5.69 -26.81 -14.71
CA LEU B 243 6.32 -25.69 -15.37
C LEU B 243 6.87 -26.14 -16.72
N THR B 244 6.53 -25.38 -17.77
CA THR B 244 7.07 -25.65 -19.09
C THR B 244 8.11 -24.63 -19.54
N ALA B 245 8.15 -23.45 -18.93
CA ALA B 245 9.24 -22.51 -19.11
C ALA B 245 9.52 -21.84 -17.76
N LEU B 246 10.75 -21.39 -17.57
CA LEU B 246 11.08 -20.80 -16.28
C LEU B 246 12.32 -19.92 -16.40
N VAL B 247 12.45 -19.02 -15.43
CA VAL B 247 13.65 -18.23 -15.21
C VAL B 247 13.96 -18.34 -13.72
N ALA B 248 15.20 -18.66 -13.38
CA ALA B 248 15.61 -18.86 -12.00
C ALA B 248 16.76 -17.91 -11.72
N ILE B 249 16.57 -16.99 -10.78
CA ILE B 249 17.51 -15.91 -10.54
C ILE B 249 18.13 -16.06 -9.15
N PRO B 250 19.42 -15.79 -8.97
CA PRO B 250 20.00 -15.85 -7.63
C PRO B 250 19.66 -14.60 -6.83
N LEU B 251 19.40 -14.80 -5.54
CA LEU B 251 19.08 -13.72 -4.62
C LEU B 251 20.24 -13.50 -3.66
N TRP B 252 20.60 -12.24 -3.46
CA TRP B 252 21.67 -11.83 -2.56
C TRP B 252 21.06 -11.23 -1.30
N LYS B 253 21.84 -11.23 -0.22
CA LYS B 253 21.31 -10.60 0.99
C LYS B 253 22.31 -9.70 1.68
N ASN B 254 23.58 -10.08 1.74
CA ASN B 254 24.64 -9.26 2.31
C ASN B 254 25.78 -9.05 1.32
N ASN B 255 25.45 -8.96 0.03
CA ASN B 255 26.39 -9.20 -1.06
C ASN B 255 26.92 -10.63 -1.01
N ARG B 256 26.17 -11.53 -0.36
CA ARG B 256 26.41 -12.96 -0.38
C ARG B 256 25.17 -13.66 -0.93
N VAL B 257 25.37 -14.71 -1.73
CA VAL B 257 24.24 -15.37 -2.37
C VAL B 257 23.48 -16.20 -1.33
N TYR B 258 22.22 -15.86 -1.10
CA TYR B 258 21.46 -16.40 0.01
C TYR B 258 20.27 -17.25 -0.42
N GLY B 259 19.65 -16.94 -1.55
CA GLY B 259 18.48 -17.68 -1.97
C GLY B 259 18.24 -17.58 -3.46
N ALA B 260 17.00 -17.85 -3.86
CA ALA B 260 16.65 -17.93 -5.26
C ALA B 260 15.19 -17.56 -5.50
N LEU B 261 14.94 -16.83 -6.59
CA LEU B 261 13.61 -16.49 -7.05
C LEU B 261 13.31 -17.26 -8.34
N LEU B 262 12.19 -17.98 -8.37
CA LEU B 262 11.78 -18.75 -9.53
C LEU B 262 10.53 -18.15 -10.15
N LEU B 263 10.60 -17.91 -11.46
CA LEU B 263 9.45 -17.45 -12.25
C LEU B 263 9.13 -18.54 -13.26
N GLY B 264 7.89 -19.03 -13.24
CA GLY B 264 7.52 -20.18 -14.03
C GLY B 264 6.27 -19.95 -14.86
N GLN B 265 6.22 -20.65 -15.98
CA GLN B 265 5.09 -20.65 -16.89
C GLN B 265 4.49 -22.05 -16.97
N ARG B 266 3.22 -22.12 -17.37
CA ARG B 266 2.54 -23.39 -17.50
C ARG B 266 1.93 -23.54 -18.88
N GLU B 267 1.75 -24.80 -19.27
CA GLU B 267 0.95 -25.18 -20.44
C GLU B 267 1.51 -24.56 -21.71
N GLY B 268 2.83 -24.60 -21.84
CA GLY B 268 3.51 -24.13 -23.03
C GLY B 268 3.40 -22.66 -23.33
N ARG B 269 2.85 -21.84 -22.42
CA ARG B 269 2.91 -20.41 -22.63
C ARG B 269 4.35 -19.94 -22.44
N PRO B 270 4.85 -19.08 -23.32
CA PRO B 270 6.28 -18.77 -23.34
C PRO B 270 6.64 -17.62 -22.41
N LEU B 271 7.95 -17.49 -22.17
CA LEU B 271 8.47 -16.44 -21.31
C LEU B 271 8.07 -15.07 -21.85
N PRO B 272 7.53 -14.18 -21.01
CA PRO B 272 7.12 -12.86 -21.50
C PRO B 272 8.33 -12.07 -22.02
N GLU B 273 8.04 -11.12 -22.91
CA GLU B 273 9.12 -10.39 -23.56
C GLU B 273 10.00 -9.70 -22.54
N GLY B 274 11.31 -9.80 -22.75
CA GLY B 274 12.28 -9.16 -21.88
C GLY B 274 12.34 -9.71 -20.47
N SER B 275 11.54 -10.74 -20.16
CA SER B 275 11.67 -11.44 -18.88
C SER B 275 13.09 -11.98 -18.69
N THR B 276 13.72 -12.41 -19.78
CA THR B 276 15.09 -12.92 -19.75
C THR B 276 16.01 -12.09 -18.86
N THR B 277 15.95 -10.77 -18.98
CA THR B 277 16.75 -9.87 -18.14
C THR B 277 15.76 -9.19 -17.18
N PHE B 278 15.54 -9.83 -16.04
CA PHE B 278 14.53 -9.40 -15.07
C PHE B 278 15.19 -8.96 -13.76
N ARG B 279 14.43 -8.19 -12.99
CA ARG B 279 14.89 -7.03 -12.23
C ARG B 279 14.90 -7.23 -10.72
N VAL B 280 13.71 -7.11 -10.13
CA VAL B 280 13.44 -7.20 -8.70
C VAL B 280 14.19 -6.04 -8.08
N ASN B 281 13.74 -4.83 -8.38
CA ASN B 281 14.44 -3.63 -7.94
C ASN B 281 14.44 -3.62 -6.42
N GLN B 282 13.31 -3.29 -5.81
CA GLN B 282 13.16 -3.38 -4.36
C GLN B 282 11.99 -4.28 -3.98
N ARG B 283 11.52 -5.11 -4.92
CA ARG B 283 10.31 -5.89 -4.71
C ARG B 283 10.48 -7.05 -3.75
N LEU B 284 11.68 -7.36 -3.23
CA LEU B 284 11.83 -8.52 -2.35
C LEU B 284 12.45 -8.21 -0.99
N GLY B 285 12.26 -7.00 -0.47
CA GLY B 285 12.64 -6.72 0.91
C GLY B 285 14.11 -6.94 1.23
N SER B 286 14.37 -7.86 2.17
CA SER B 286 15.73 -8.08 2.65
C SER B 286 16.65 -8.69 1.60
N TYR B 287 16.09 -9.37 0.61
CA TYR B 287 16.89 -10.09 -0.37
C TYR B 287 17.00 -9.24 -1.63
N THR B 288 18.21 -9.07 -2.12
CA THR B 288 18.51 -8.14 -3.20
C THR B 288 19.02 -8.93 -4.39
N ASP B 289 18.18 -9.18 -5.38
CA ASP B 289 18.87 -9.51 -6.60
C ASP B 289 18.84 -8.28 -7.50
N ASN B 290 19.01 -8.48 -8.78
CA ASN B 290 20.14 -7.83 -9.36
C ASN B 290 20.18 -8.08 -10.87
N GLY B 307 16.95 -1.82 8.69
CA GLY B 307 15.75 -1.34 8.04
C GLY B 307 14.53 -2.19 8.30
N ILE B 308 13.38 -1.53 8.47
CA ILE B 308 12.12 -2.20 8.72
C ILE B 308 11.28 -2.10 7.45
N LYS B 309 10.94 -3.25 6.91
CA LYS B 309 10.36 -3.36 5.57
C LYS B 309 8.86 -3.54 5.68
N ALA B 310 8.17 -3.11 4.62
CA ALA B 310 6.75 -3.35 4.49
C ALA B 310 6.42 -3.24 3.02
N ASN B 311 5.30 -3.88 2.64
CA ASN B 311 4.81 -3.76 1.28
C ASN B 311 3.30 -3.86 1.33
N PHE B 312 2.65 -3.16 0.42
CA PHE B 312 1.20 -3.24 0.33
C PHE B 312 0.76 -2.73 -1.02
N LYS B 313 -0.55 -2.53 -1.15
CA LYS B 313 -1.24 -2.35 -2.43
C LYS B 313 -2.32 -1.31 -2.26
N ILE B 314 -2.44 -0.41 -3.24
CA ILE B 314 -3.42 0.67 -3.19
C ILE B 314 -4.22 0.66 -4.47
N ARG B 315 -5.54 0.82 -4.34
CA ARG B 315 -6.48 0.78 -5.46
C ARG B 315 -7.08 2.17 -5.66
N HIS B 316 -6.75 2.80 -6.78
CA HIS B 316 -7.25 4.12 -7.12
C HIS B 316 -8.37 3.99 -8.15
N SER B 317 -9.58 4.39 -7.77
CA SER B 317 -10.72 4.31 -8.68
C SER B 317 -10.50 5.21 -9.90
N ILE B 318 -10.72 4.65 -11.09
CA ILE B 318 -10.75 5.42 -12.32
C ILE B 318 -12.18 5.87 -12.57
N GLU B 319 -12.32 7.06 -13.14
CA GLU B 319 -13.58 7.79 -13.06
C GLU B 319 -14.65 7.24 -14.02
N ASP B 320 -14.28 6.61 -15.16
CA ASP B 320 -15.28 5.84 -15.89
C ASP B 320 -15.43 4.43 -15.34
N GLY B 321 -15.12 4.20 -14.07
CA GLY B 321 -15.05 2.83 -13.63
C GLY B 321 -13.69 2.23 -13.99
N GLY B 322 -12.96 1.82 -12.97
CA GLY B 322 -11.70 1.13 -13.15
C GLY B 322 -10.96 1.14 -11.83
N VAL B 323 -9.75 0.56 -11.87
CA VAL B 323 -8.84 0.62 -10.72
C VAL B 323 -7.39 0.68 -11.20
N GLN B 324 -6.65 1.69 -10.78
CA GLN B 324 -5.21 1.76 -11.01
C GLN B 324 -4.50 1.29 -9.76
N LEU B 325 -3.60 0.31 -9.94
CA LEU B 325 -2.93 -0.30 -8.80
C LEU B 325 -1.64 0.47 -8.51
N ALA B 326 -1.31 0.60 -7.23
CA ALA B 326 -0.06 1.20 -6.80
C ALA B 326 0.55 0.23 -5.79
N TYR B 327 1.58 -0.49 -6.23
CA TYR B 327 2.26 -1.43 -5.36
C TYR B 327 3.33 -0.68 -4.60
N HIS B 328 3.27 -0.76 -3.27
CA HIS B 328 4.11 0.03 -2.39
C HIS B 328 5.16 -0.88 -1.74
N TYR B 329 6.41 -0.45 -1.79
CA TYR B 329 7.48 -1.06 -1.02
C TYR B 329 8.16 0.00 -0.19
N GLN B 330 8.21 -0.19 1.13
CA GLN B 330 8.75 0.83 2.01
C GLN B 330 9.79 0.21 2.93
N GLN B 331 10.81 1.01 3.24
CA GLN B 331 11.84 0.68 4.20
C GLN B 331 12.05 1.87 5.12
N ASN B 332 12.03 1.63 6.42
CA ASN B 332 12.18 2.68 7.43
C ASN B 332 13.33 2.37 8.38
N THR B 333 14.26 3.31 8.52
CA THR B 333 15.41 3.19 9.41
C THR B 333 15.43 4.33 10.42
N PRO B 334 15.68 4.05 11.69
CA PRO B 334 15.80 5.13 12.67
C PRO B 334 17.03 5.99 12.38
N ILE B 335 16.93 7.27 12.72
CA ILE B 335 18.01 8.21 12.45
C ILE B 335 19.04 8.22 13.58
N GLY B 336 18.59 8.20 14.83
CA GLY B 336 19.51 8.22 15.95
C GLY B 336 20.17 6.88 16.21
N ASP B 337 21.13 6.91 17.12
CA ASP B 337 21.75 5.68 17.63
C ASP B 337 20.98 5.11 18.79
N GLY B 338 20.00 5.85 19.32
CA GLY B 338 19.27 5.44 20.49
C GLY B 338 18.41 4.22 20.25
N PRO B 339 17.88 3.67 21.34
CA PRO B 339 17.10 2.43 21.23
C PRO B 339 15.72 2.70 20.67
N VAL B 340 15.26 1.78 19.84
CA VAL B 340 13.92 1.84 19.26
C VAL B 340 13.23 0.52 19.55
N LEU B 341 11.93 0.59 19.79
CA LEU B 341 11.12 -0.61 19.91
C LEU B 341 11.07 -1.37 18.59
N LEU B 342 11.06 -2.69 18.68
CA LEU B 342 10.92 -3.38 17.40
C LEU B 342 9.46 -3.74 17.15
N PRO B 343 9.02 -3.66 15.91
CA PRO B 343 7.63 -3.97 15.59
C PRO B 343 7.45 -5.44 15.26
N ASP B 344 6.24 -5.92 15.52
CA ASP B 344 5.82 -7.22 15.04
C ASP B 344 5.06 -7.04 13.75
N ASP B 345 4.49 -8.13 13.23
CA ASP B 345 3.67 -8.06 12.03
C ASP B 345 2.31 -7.50 12.41
N HIS B 346 1.92 -6.40 11.77
CA HIS B 346 0.66 -5.75 12.11
C HIS B 346 0.07 -5.10 10.86
N TYR B 347 -1.12 -4.52 11.04
CA TYR B 347 -1.83 -3.83 9.98
C TYR B 347 -2.06 -2.39 10.40
N LEU B 348 -2.34 -1.54 9.42
CA LEU B 348 -2.81 -0.18 9.66
C LEU B 348 -4.17 -0.05 9.00
N SER B 349 -5.19 0.18 9.83
CA SER B 349 -6.50 0.55 9.31
C SER B 349 -6.52 2.05 9.05
N VAL B 350 -6.70 2.43 7.78
CA VAL B 350 -6.62 3.82 7.35
C VAL B 350 -7.97 4.27 6.83
N GLN B 351 -8.47 5.38 7.35
CA GLN B 351 -9.64 6.05 6.80
C GLN B 351 -9.24 7.42 6.28
N SER B 352 -9.58 7.70 5.03
CA SER B 352 -9.21 8.96 4.40
C SER B 352 -10.46 9.64 3.86
N GLU B 353 -10.48 10.96 3.99
CA GLU B 353 -11.51 11.80 3.39
C GLU B 353 -10.81 12.90 2.63
N LEU B 354 -11.00 12.95 1.33
CA LEU B 354 -10.37 13.96 0.49
C LEU B 354 -11.38 15.04 0.17
N SER B 355 -11.00 16.28 0.44
CA SER B 355 -11.92 17.42 0.49
C SER B 355 -11.29 18.58 -0.26
N LYS B 356 -12.11 19.58 -0.56
CA LYS B 356 -11.63 20.79 -1.21
C LYS B 356 -12.10 22.03 -0.46
N ASP B 357 -11.24 23.03 -0.47
CA ASP B 357 -11.59 24.36 0.02
C ASP B 357 -12.41 25.06 -1.06
N PRO B 358 -13.66 25.43 -0.79
CA PRO B 358 -14.47 26.06 -1.85
C PRO B 358 -13.84 27.33 -2.35
N ASN B 359 -13.03 27.97 -1.50
CA ASN B 359 -12.52 29.31 -1.75
C ASN B 359 -11.02 29.36 -2.04
N GLU B 360 -10.43 28.26 -2.51
CA GLU B 360 -9.00 28.19 -2.75
C GLU B 360 -8.74 27.96 -4.23
N LYS B 361 -8.12 28.93 -4.88
CA LYS B 361 -7.86 28.86 -6.32
C LYS B 361 -6.70 27.94 -6.66
N ARG B 362 -5.73 27.79 -5.77
CA ARG B 362 -4.56 27.00 -6.07
C ARG B 362 -4.90 25.51 -6.03
N ASP B 363 -4.19 24.73 -6.84
CA ASP B 363 -4.31 23.29 -6.75
C ASP B 363 -3.98 22.84 -5.33
N HIS B 364 -4.92 22.18 -4.67
CA HIS B 364 -4.75 21.87 -3.27
C HIS B 364 -5.46 20.57 -2.92
N MET B 365 -5.42 20.22 -1.64
CA MET B 365 -6.11 19.08 -1.08
C MET B 365 -6.37 19.32 0.39
N VAL B 366 -7.59 19.08 0.84
CA VAL B 366 -7.90 19.02 2.27
C VAL B 366 -7.96 17.55 2.65
N LEU B 367 -7.26 17.19 3.72
CA LEU B 367 -7.13 15.79 4.11
C LEU B 367 -7.51 15.62 5.58
N LEU B 368 -8.48 14.77 5.84
CA LEU B 368 -8.77 14.27 7.17
C LEU B 368 -8.56 12.77 7.14
N GLU B 369 -7.73 12.27 8.06
CA GLU B 369 -7.31 10.87 8.02
C GLU B 369 -7.21 10.34 9.44
N PHE B 370 -7.54 9.06 9.60
CA PHE B 370 -7.46 8.36 10.87
C PHE B 370 -6.73 7.04 10.63
N VAL B 371 -5.67 6.79 11.38
CA VAL B 371 -4.89 5.58 11.20
C VAL B 371 -4.77 4.91 12.56
N THR B 372 -5.32 3.71 12.68
CA THR B 372 -5.26 2.90 13.88
C THR B 372 -4.59 1.57 13.52
N ALA B 373 -3.73 1.08 14.41
CA ALA B 373 -3.04 -0.18 14.20
C ALA B 373 -3.89 -1.35 14.66
N ALA B 374 -3.75 -2.48 13.96
CA ALA B 374 -4.55 -3.67 14.22
C ALA B 374 -3.66 -4.90 14.18
N GLY B 375 -3.91 -5.82 15.12
CA GLY B 375 -3.18 -7.07 15.15
C GLY B 375 -3.50 -7.97 13.97
N ILE B 376 -2.56 -8.89 13.69
CA ILE B 376 -2.67 -9.77 12.53
C ILE B 376 -3.97 -10.58 12.60
N THR B 377 -4.37 -10.97 13.81
CA THR B 377 -5.61 -11.74 13.99
C THR B 377 -6.83 -10.98 13.48
N LEU B 378 -7.04 -9.75 13.96
CA LEU B 378 -8.19 -8.98 13.53
C LEU B 378 -8.15 -8.70 12.03
N GLY B 379 -7.03 -8.16 11.54
CA GLY B 379 -6.91 -7.85 10.12
C GLY B 379 -7.18 -9.04 9.22
N MET B 380 -6.64 -10.21 9.58
CA MET B 380 -7.01 -11.44 8.90
C MET B 380 -8.52 -11.65 8.89
N ASP B 381 -9.14 -11.62 10.08
CA ASP B 381 -10.58 -11.88 10.16
C ASP B 381 -11.38 -10.95 9.25
N GLU B 382 -11.01 -9.67 9.18
CA GLU B 382 -11.63 -8.83 8.17
C GLU B 382 -11.25 -9.25 6.76
N LEU B 383 -10.12 -8.72 6.30
CA LEU B 383 -9.63 -8.91 4.94
C LEU B 383 -10.00 -10.23 4.27
N TYR B 384 -9.90 -11.36 4.98
CA TYR B 384 -10.01 -12.65 4.33
C TYR B 384 -11.08 -13.57 4.89
N LYS B 385 -12.11 -13.03 5.56
CA LYS B 385 -13.17 -13.90 6.07
C LYS B 385 -13.79 -14.74 4.95
N SER C 1 13.34 -24.38 27.71
CA SER C 1 12.46 -25.28 28.44
C SER C 1 13.24 -26.45 29.03
N LYS C 2 12.66 -27.10 30.05
CA LYS C 2 13.19 -28.34 30.59
C LYS C 2 12.31 -29.54 30.30
N GLY C 3 10.99 -29.35 30.25
CA GLY C 3 10.12 -30.40 29.74
C GLY C 3 10.29 -30.69 28.25
N GLU C 4 10.92 -29.77 27.51
CA GLU C 4 11.19 -30.00 26.10
C GLU C 4 12.15 -31.15 25.88
N GLU C 5 13.13 -31.29 26.78
CA GLU C 5 14.19 -32.28 26.60
C GLU C 5 13.66 -33.71 26.64
N LEU C 6 12.47 -33.92 27.20
CA LEU C 6 11.86 -35.24 27.20
C LEU C 6 11.54 -35.75 25.78
N PHE C 7 11.52 -34.87 24.77
CA PHE C 7 11.05 -35.22 23.45
C PHE C 7 12.18 -35.26 22.42
N THR C 8 13.43 -35.32 22.86
CA THR C 8 14.55 -35.30 21.93
C THR C 8 14.62 -36.57 21.10
N GLY C 9 14.24 -37.71 21.66
CA GLY C 9 14.27 -38.97 20.96
C GLY C 9 12.90 -39.42 20.49
N VAL C 10 12.78 -40.72 20.26
CA VAL C 10 11.50 -41.35 19.98
C VAL C 10 10.88 -41.78 21.31
N VAL C 11 9.58 -41.55 21.46
CA VAL C 11 8.92 -41.76 22.75
C VAL C 11 7.76 -42.72 22.54
N PRO C 12 7.60 -43.74 23.39
CA PRO C 12 6.46 -44.65 23.25
C PRO C 12 5.17 -43.97 23.72
N ILE C 13 4.14 -44.06 22.88
CA ILE C 13 2.83 -43.49 23.17
C ILE C 13 1.88 -44.61 23.51
N LEU C 14 1.04 -44.37 24.52
CA LEU C 14 -0.02 -45.28 24.92
C LEU C 14 -1.28 -44.45 25.11
N VAL C 15 -2.40 -44.88 24.53
CA VAL C 15 -3.63 -44.11 24.56
C VAL C 15 -4.77 -45.01 25.00
N GLU C 16 -5.60 -44.51 25.91
CA GLU C 16 -6.77 -45.23 26.38
C GLU C 16 -7.97 -44.30 26.23
N LEU C 17 -9.03 -44.82 25.61
CA LEU C 17 -10.26 -44.06 25.40
C LEU C 17 -11.46 -44.83 25.91
N ASP C 18 -12.24 -44.19 26.78
CA ASP C 18 -13.50 -44.73 27.24
C ASP C 18 -14.62 -43.85 26.75
N GLY C 19 -15.51 -44.42 25.95
CA GLY C 19 -16.53 -43.65 25.26
C GLY C 19 -17.91 -44.21 25.49
N ASP C 20 -18.88 -43.31 25.48
CA ASP C 20 -20.29 -43.65 25.60
C ASP C 20 -21.02 -42.68 24.68
N VAL C 21 -21.49 -43.19 23.56
CA VAL C 21 -22.11 -42.38 22.53
C VAL C 21 -23.54 -42.87 22.38
N ASN C 22 -24.49 -42.05 22.81
CA ASN C 22 -25.91 -42.41 22.79
C ASN C 22 -26.15 -43.77 23.44
N GLY C 23 -25.43 -44.03 24.53
CA GLY C 23 -25.55 -45.27 25.25
C GLY C 23 -24.71 -46.43 24.75
N HIS C 24 -24.04 -46.29 23.60
CA HIS C 24 -23.13 -47.33 23.13
C HIS C 24 -21.76 -47.09 23.77
N LYS C 25 -21.39 -47.97 24.69
CA LYS C 25 -20.11 -47.84 25.37
C LYS C 25 -19.04 -48.60 24.59
N PHE C 26 -17.81 -48.11 24.67
CA PHE C 26 -16.71 -48.74 23.96
C PHE C 26 -15.41 -48.26 24.57
N SER C 27 -14.35 -49.01 24.26
CA SER C 27 -13.01 -48.63 24.67
C SER C 27 -12.08 -48.78 23.47
N VAL C 28 -11.12 -47.88 23.37
CA VAL C 28 -10.10 -47.91 22.34
C VAL C 28 -8.75 -47.89 23.02
N SER C 29 -7.86 -48.75 22.58
CA SER C 29 -6.50 -48.79 23.09
C SER C 29 -5.57 -48.56 21.92
N GLY C 30 -4.54 -47.75 22.15
CA GLY C 30 -3.62 -47.39 21.09
C GLY C 30 -2.20 -47.39 21.59
N GLU C 31 -1.29 -47.78 20.70
CA GLU C 31 0.13 -47.85 21.00
C GLU C 31 0.93 -47.43 19.78
N GLY C 32 2.09 -46.84 20.05
CA GLY C 32 3.02 -46.48 18.99
C GLY C 32 4.09 -45.56 19.52
N GLU C 33 4.68 -44.79 18.61
CA GLU C 33 5.77 -43.88 18.95
C GLU C 33 5.47 -42.48 18.41
N GLY C 34 6.07 -41.50 19.06
CA GLY C 34 6.04 -40.12 18.61
C GLY C 34 7.42 -39.52 18.60
N ASP C 35 7.85 -39.01 17.45
CA ASP C 35 9.14 -38.32 17.32
C ASP C 35 8.86 -36.83 17.11
N ALA C 36 9.10 -36.03 18.15
CA ALA C 36 8.79 -34.61 18.08
C ALA C 36 9.70 -33.88 17.10
N THR C 37 10.90 -34.41 16.86
CA THR C 37 11.84 -33.75 15.96
C THR C 37 11.33 -33.73 14.53
N TYR C 38 10.46 -34.67 14.16
CA TYR C 38 9.80 -34.68 12.86
C TYR C 38 8.30 -34.47 12.96
N GLY C 39 7.78 -34.22 14.16
CA GLY C 39 6.35 -34.12 14.33
C GLY C 39 5.61 -35.38 14.01
N LYS C 40 6.29 -36.53 14.11
CA LYS C 40 5.83 -37.79 13.55
C LYS C 40 5.12 -38.62 14.62
N LEU C 41 3.96 -39.15 14.26
CA LEU C 41 3.24 -40.14 15.06
C LEU C 41 2.99 -41.37 14.20
N THR C 42 3.37 -42.54 14.73
CA THR C 42 2.94 -43.82 14.18
C THR C 42 2.17 -44.54 15.27
N LEU C 43 0.91 -44.83 15.00
CA LEU C 43 0.03 -45.38 16.02
C LEU C 43 -0.86 -46.44 15.41
N LYS C 44 -1.25 -47.42 16.24
CA LYS C 44 -2.25 -48.39 15.90
C LYS C 44 -3.29 -48.41 17.02
N PHE C 45 -4.55 -48.27 16.65
CA PHE C 45 -5.66 -48.27 17.60
C PHE C 45 -6.56 -49.47 17.35
N ILE C 46 -7.04 -50.07 18.42
CA ILE C 46 -7.98 -51.18 18.34
C ILE C 46 -9.18 -50.84 19.21
N CYS C 47 -10.38 -51.12 18.70
CA CYS C 47 -11.60 -51.10 19.50
C CYS C 47 -11.74 -52.47 20.15
N THR C 48 -11.60 -52.51 21.48
CA THR C 48 -11.53 -53.76 22.20
C THR C 48 -12.88 -54.23 22.70
N THR C 49 -13.96 -53.59 22.27
CA THR C 49 -15.31 -53.99 22.67
C THR C 49 -16.13 -54.50 21.49
N GLY C 50 -15.56 -54.59 20.31
CA GLY C 50 -16.31 -55.05 19.17
C GLY C 50 -16.26 -54.06 18.02
N LYS C 51 -17.41 -53.80 17.41
CA LYS C 51 -17.51 -52.74 16.43
C LYS C 51 -17.46 -51.39 17.13
N LEU C 52 -16.74 -50.45 16.52
CA LEU C 52 -16.77 -49.07 16.98
C LEU C 52 -18.11 -48.43 16.60
N PRO C 53 -18.85 -47.83 17.54
CA PRO C 53 -20.17 -47.28 17.20
C PRO C 53 -20.10 -45.99 16.38
N VAL C 54 -18.92 -45.40 16.23
CA VAL C 54 -18.75 -44.15 15.49
C VAL C 54 -17.60 -44.35 14.50
N PRO C 55 -17.50 -43.48 13.50
CA PRO C 55 -16.42 -43.66 12.52
C PRO C 55 -15.07 -43.25 13.10
N TRP C 56 -14.05 -44.05 12.77
CA TRP C 56 -12.69 -43.74 13.23
C TRP C 56 -12.28 -42.31 12.92
N PRO C 57 -12.57 -41.74 11.75
CA PRO C 57 -12.14 -40.35 11.50
C PRO C 57 -12.67 -39.33 12.49
N THR C 58 -13.80 -39.61 13.17
CA THR C 58 -14.28 -38.67 14.18
C THR C 58 -13.50 -38.74 15.49
N LEU C 59 -12.67 -39.77 15.70
CA LEU C 59 -11.93 -39.93 16.95
C LEU C 59 -10.47 -39.53 16.83
N VAL C 60 -9.98 -39.27 15.61
CA VAL C 60 -8.56 -38.96 15.42
C VAL C 60 -8.18 -37.73 16.22
N THR C 61 -8.99 -36.68 16.17
CA THR C 61 -8.68 -35.44 16.88
C THR C 61 -8.55 -35.65 18.37
N THR C 62 -9.31 -36.59 18.91
CA THR C 62 -9.33 -36.82 20.38
C THR C 62 -8.17 -37.69 20.79
N LEU C 63 -7.81 -38.66 19.98
CA LEU C 63 -6.63 -39.51 20.24
C LEU C 63 -5.54 -39.00 19.31
N VAL C 65 -2.58 -35.61 21.21
CA VAL C 65 -1.20 -35.55 21.75
C VAL C 65 -0.44 -34.45 21.00
N GLN C 66 -0.65 -33.20 21.37
CA GLN C 66 -0.09 -32.06 20.61
C GLN C 66 1.32 -31.77 21.09
N CYS C 67 1.71 -32.39 22.18
CA CYS C 67 3.08 -32.24 22.64
C CYS C 67 4.11 -32.86 21.69
N PHE C 68 3.68 -33.59 20.65
CA PHE C 68 4.60 -34.17 19.67
C PHE C 68 4.75 -33.32 18.42
N SER C 69 4.03 -32.21 18.33
CA SER C 69 4.17 -31.31 17.18
C SER C 69 5.60 -30.83 17.03
N ARG C 70 6.01 -30.63 15.78
CA ARG C 70 7.30 -30.02 15.48
C ARG C 70 7.14 -28.51 15.48
N TYR C 71 7.90 -27.83 16.35
CA TYR C 71 7.89 -26.38 16.40
C TYR C 71 9.16 -25.85 15.76
N PRO C 72 9.07 -25.00 14.75
CA PRO C 72 10.29 -24.40 14.18
C PRO C 72 11.04 -23.60 15.22
N ASP C 73 12.31 -23.32 14.92
CA ASP C 73 13.20 -22.71 15.90
C ASP C 73 12.64 -21.41 16.46
N HIS C 74 12.16 -20.53 15.59
CA HIS C 74 11.66 -19.24 16.07
C HIS C 74 10.47 -19.39 16.99
N MET C 75 9.78 -20.52 16.96
CA MET C 75 8.57 -20.73 17.76
C MET C 75 8.80 -21.54 19.03
N LYS C 76 10.02 -22.04 19.26
CA LYS C 76 10.22 -22.95 20.38
C LYS C 76 9.80 -22.31 21.70
N GLN C 77 10.06 -21.00 21.86
CA GLN C 77 9.79 -20.31 23.11
C GLN C 77 8.32 -20.37 23.50
N HIS C 78 7.43 -20.81 22.62
CA HIS C 78 6.02 -20.81 22.92
C HIS C 78 5.38 -22.19 22.87
N ASP C 79 6.18 -23.26 22.92
CA ASP C 79 5.58 -24.60 22.89
C ASP C 79 5.03 -24.90 24.29
N PHE C 80 3.75 -24.56 24.50
CA PHE C 80 3.12 -24.80 25.79
C PHE C 80 3.07 -26.28 26.13
N PHE C 81 2.70 -27.12 25.16
CA PHE C 81 2.45 -28.52 25.43
C PHE C 81 3.69 -29.24 25.90
N LYS C 82 4.84 -28.97 25.28
CA LYS C 82 6.06 -29.67 25.67
C LYS C 82 6.58 -29.22 27.02
N SER C 83 6.37 -27.95 27.38
CA SER C 83 6.88 -27.44 28.65
C SER C 83 6.02 -27.86 29.84
N ALA C 84 4.76 -28.21 29.61
CA ALA C 84 3.90 -28.68 30.70
C ALA C 84 4.25 -30.07 31.20
N MET C 85 5.21 -30.75 30.56
CA MET C 85 5.71 -32.10 30.81
C MET C 85 6.87 -32.07 31.80
N PRO C 86 7.01 -33.11 32.64
CA PRO C 86 6.24 -34.36 32.59
C PRO C 86 4.90 -34.38 33.31
N GLU C 87 4.60 -33.40 34.18
CA GLU C 87 3.38 -33.48 34.98
C GLU C 87 2.15 -33.70 34.10
N GLY C 88 2.09 -33.00 32.99
CA GLY C 88 1.07 -33.24 31.99
C GLY C 88 0.11 -32.08 31.86
N TYR C 89 -0.93 -32.31 31.07
CA TYR C 89 -1.97 -31.31 30.91
C TYR C 89 -3.31 -31.97 30.68
N ILE C 90 -4.37 -31.23 30.98
CA ILE C 90 -5.74 -31.67 30.79
C ILE C 90 -6.28 -31.01 29.53
N GLN C 91 -6.80 -31.83 28.62
CA GLN C 91 -7.42 -31.32 27.41
C GLN C 91 -8.91 -31.58 27.49
N GLU C 92 -9.67 -30.51 27.70
CA GLU C 92 -11.11 -30.57 27.74
C GLU C 92 -11.65 -30.01 26.43
N ARG C 93 -12.64 -30.68 25.87
CA ARG C 93 -12.96 -30.43 24.48
C ARG C 93 -14.42 -30.74 24.19
N THR C 94 -15.03 -29.91 23.36
CA THR C 94 -16.37 -30.15 22.85
C THR C 94 -16.34 -30.12 21.33
N ILE C 95 -16.89 -31.16 20.71
CA ILE C 95 -16.93 -31.29 19.25
C ILE C 95 -18.39 -31.36 18.82
N PHE C 96 -18.83 -30.36 18.07
CA PHE C 96 -20.20 -30.29 17.57
C PHE C 96 -20.25 -30.79 16.13
N PHE C 97 -21.08 -31.80 15.88
CA PHE C 97 -21.27 -32.33 14.54
C PHE C 97 -22.53 -31.71 13.94
N LYS C 98 -22.34 -30.96 12.84
CA LYS C 98 -23.40 -30.12 12.29
C LYS C 98 -24.67 -30.92 12.00
N ASP C 99 -25.80 -30.44 12.53
CA ASP C 99 -27.10 -31.06 12.38
C ASP C 99 -27.08 -32.51 12.89
N ASP C 100 -26.41 -32.73 14.02
CA ASP C 100 -26.24 -34.06 14.60
C ASP C 100 -25.64 -33.86 15.99
N GLY C 101 -25.26 -34.96 16.66
CA GLY C 101 -24.87 -34.88 18.06
C GLY C 101 -23.48 -34.31 18.31
N ASN C 102 -23.06 -34.35 19.58
CA ASN C 102 -21.79 -33.74 19.98
C ASN C 102 -21.02 -34.62 20.97
N TYR C 103 -19.69 -34.53 20.89
CA TYR C 103 -18.76 -35.14 21.83
C TYR C 103 -18.29 -34.14 22.88
N LYS C 104 -18.18 -34.59 24.13
CA LYS C 104 -17.42 -33.90 25.16
C LYS C 104 -16.38 -34.85 25.73
N THR C 105 -15.11 -34.41 25.74
CA THR C 105 -13.98 -35.25 26.10
C THR C 105 -13.09 -34.56 27.12
N ARG C 106 -12.58 -35.33 28.09
CA ARG C 106 -11.55 -34.88 29.02
C ARG C 106 -10.40 -35.88 28.99
N ALA C 107 -9.17 -35.39 28.88
CA ALA C 107 -8.02 -36.26 28.69
C ALA C 107 -6.82 -35.86 29.53
N GLU C 108 -6.16 -36.86 30.12
CA GLU C 108 -4.85 -36.68 30.73
C GLU C 108 -3.79 -36.93 29.67
N VAL C 109 -2.88 -35.98 29.49
CA VAL C 109 -1.72 -36.21 28.66
C VAL C 109 -0.53 -35.99 29.58
N LYS C 110 0.24 -37.06 29.83
CA LYS C 110 1.34 -36.92 30.76
C LYS C 110 2.32 -38.06 30.57
N PHE C 111 3.55 -37.85 31.03
CA PHE C 111 4.52 -38.92 31.13
C PHE C 111 4.21 -39.79 32.33
N GLU C 112 4.21 -41.09 32.12
CA GLU C 112 4.22 -42.07 33.20
C GLU C 112 5.41 -42.97 32.89
N GLY C 113 6.43 -42.90 33.73
CA GLY C 113 7.73 -43.40 33.33
C GLY C 113 8.24 -42.57 32.17
N ASP C 114 8.57 -43.25 31.07
CA ASP C 114 8.85 -42.60 29.80
C ASP C 114 7.80 -42.94 28.76
N THR C 115 6.61 -43.33 29.21
CA THR C 115 5.49 -43.62 28.32
C THR C 115 4.58 -42.42 28.40
N LEU C 116 4.36 -41.76 27.26
CA LEU C 116 3.43 -40.66 27.23
C LEU C 116 2.03 -41.26 27.11
N VAL C 117 1.17 -40.93 28.07
CA VAL C 117 -0.13 -41.57 28.16
C VAL C 117 -1.21 -40.53 27.91
N ASN C 118 -2.10 -40.86 27.00
CA ASN C 118 -3.29 -40.06 26.69
C ASN C 118 -4.49 -40.88 27.12
N ARG C 119 -5.11 -40.56 28.26
CA ARG C 119 -6.29 -41.29 28.66
C ARG C 119 -7.48 -40.35 28.52
N ILE C 120 -8.49 -40.81 27.81
CA ILE C 120 -9.59 -39.98 27.35
C ILE C 120 -10.89 -40.58 27.86
N GLU C 121 -11.81 -39.71 28.27
CA GLU C 121 -13.19 -40.10 28.48
C GLU C 121 -14.07 -39.25 27.58
N LEU C 122 -14.96 -39.89 26.84
CA LEU C 122 -15.72 -39.25 25.79
C LEU C 122 -17.19 -39.54 26.01
N LYS C 123 -17.99 -38.48 26.09
CA LYS C 123 -19.44 -38.59 26.24
C LYS C 123 -20.07 -37.93 25.02
N GLY C 124 -20.79 -38.73 24.24
CA GLY C 124 -21.50 -38.25 23.07
C GLY C 124 -22.99 -38.37 23.30
N ILE C 125 -23.73 -37.31 22.94
CA ILE C 125 -25.17 -37.26 23.12
C ILE C 125 -25.81 -36.60 21.92
N ASP C 126 -27.13 -36.80 21.81
CA ASP C 126 -27.99 -36.08 20.86
C ASP C 126 -27.68 -36.45 19.41
N PHE C 127 -27.15 -37.65 19.19
CA PHE C 127 -26.76 -38.11 17.87
C PHE C 127 -27.93 -38.83 17.20
N LYS C 128 -28.04 -38.68 15.88
CA LYS C 128 -29.11 -39.31 15.11
C LYS C 128 -28.69 -40.69 14.60
N GLU C 129 -29.57 -41.69 14.81
CA GLU C 129 -29.25 -43.06 14.40
C GLU C 129 -29.04 -43.17 12.88
N ASP C 130 -29.97 -42.61 12.10
CA ASP C 130 -29.81 -42.47 10.66
C ASP C 130 -28.64 -41.58 10.30
N GLY C 131 -28.17 -40.78 11.26
CA GLY C 131 -27.19 -39.76 10.98
C GLY C 131 -25.87 -40.31 10.52
N ASN C 132 -25.04 -39.37 10.05
CA ASN C 132 -23.74 -39.68 9.47
C ASN C 132 -22.81 -40.41 10.44
N ILE C 133 -22.93 -40.14 11.73
CA ILE C 133 -21.99 -40.68 12.71
C ILE C 133 -22.37 -42.11 13.05
N LEU C 134 -23.49 -42.28 13.75
CA LEU C 134 -23.94 -43.62 14.13
C LEU C 134 -24.29 -44.46 12.92
N GLY C 135 -24.68 -43.84 11.82
CA GLY C 135 -24.98 -44.59 10.60
C GLY C 135 -23.77 -45.10 9.85
N HIS C 136 -22.56 -44.66 10.21
CA HIS C 136 -21.33 -45.11 9.55
C HIS C 136 -21.37 -44.77 8.05
N LYS C 137 -21.64 -43.50 7.77
CA LYS C 137 -21.72 -42.98 6.42
C LYS C 137 -20.49 -42.16 6.02
N LEU C 138 -19.43 -42.22 6.81
CA LEU C 138 -18.25 -41.37 6.60
C LEU C 138 -17.13 -42.11 5.91
N VAL C 139 -16.45 -41.43 4.98
CA VAL C 139 -15.30 -41.99 4.30
C VAL C 139 -14.16 -42.17 5.30
N TYR C 140 -13.48 -43.31 5.19
CA TYR C 140 -12.32 -43.61 6.03
C TYR C 140 -11.11 -42.86 5.48
N ASN C 141 -10.95 -41.62 5.94
CA ASN C 141 -9.79 -40.80 5.61
C ASN C 141 -9.82 -39.58 6.52
N LEU C 142 -8.85 -38.68 6.32
CA LEU C 142 -8.81 -37.43 7.06
C LEU C 142 -8.02 -36.44 6.23
N ASP C 143 -8.69 -35.39 5.75
CA ASP C 143 -8.03 -34.42 4.89
C ASP C 143 -6.89 -33.76 5.64
N ASN C 144 -5.72 -33.72 5.00
CA ASN C 144 -4.66 -32.86 5.49
C ASN C 144 -5.18 -31.44 5.57
N VAL C 145 -4.91 -30.78 6.69
CA VAL C 145 -5.55 -29.51 7.02
C VAL C 145 -4.57 -28.61 7.75
N ILE C 146 -4.88 -27.32 7.77
CA ILE C 146 -4.30 -26.39 8.73
C ILE C 146 -5.40 -25.86 9.63
N VAL C 147 -5.15 -25.92 10.93
CA VAL C 147 -6.15 -25.54 11.92
C VAL C 147 -5.51 -24.58 12.91
N SER C 148 -6.30 -23.64 13.39
CA SER C 148 -5.80 -22.66 14.35
C SER C 148 -5.59 -23.31 15.70
N ASP C 149 -4.55 -22.90 16.41
CA ASP C 149 -4.30 -23.42 17.75
C ASP C 149 -4.31 -22.27 18.75
N TYR C 150 -5.26 -21.37 18.53
CA TYR C 150 -5.63 -20.30 19.45
C TYR C 150 -7.13 -20.11 19.27
N PHE C 151 -7.74 -19.31 20.13
CA PHE C 151 -9.18 -19.09 20.01
C PHE C 151 -9.45 -17.87 19.13
N ASP C 152 -10.23 -18.07 18.07
CA ASP C 152 -10.64 -17.02 17.14
C ASP C 152 -12.12 -16.78 17.34
N TYR C 153 -12.47 -15.60 17.84
CA TYR C 153 -13.86 -15.36 18.20
C TYR C 153 -14.77 -15.20 16.98
N GLN C 154 -14.28 -14.71 15.82
CA GLN C 154 -15.20 -14.72 14.67
C GLN C 154 -15.49 -16.13 14.21
N ASP C 155 -14.49 -17.01 14.16
CA ASP C 155 -14.78 -18.39 13.76
C ASP C 155 -15.80 -19.00 14.70
N ALA C 156 -15.67 -18.70 16.00
CA ALA C 156 -16.67 -19.13 16.97
C ALA C 156 -18.03 -18.51 16.65
N LEU C 157 -18.04 -17.24 16.28
CA LEU C 157 -19.29 -16.56 16.00
C LEU C 157 -19.96 -17.14 14.76
N ASP C 158 -19.19 -17.45 13.72
CA ASP C 158 -19.73 -18.18 12.57
C ASP C 158 -20.29 -19.53 12.97
N GLU C 159 -19.58 -20.29 13.80
CA GLU C 159 -20.14 -21.56 14.24
C GLU C 159 -21.51 -21.36 14.88
N ILE C 160 -21.58 -20.44 15.84
CA ILE C 160 -22.84 -20.20 16.54
C ILE C 160 -23.91 -19.76 15.55
N ARG C 161 -23.54 -18.87 14.63
CA ARG C 161 -24.47 -18.39 13.61
C ARG C 161 -24.99 -19.53 12.75
N GLU C 162 -24.08 -20.35 12.22
CA GLU C 162 -24.49 -21.36 11.26
C GLU C 162 -25.36 -22.41 11.94
N THR C 163 -25.08 -22.68 13.22
CA THR C 163 -25.82 -23.71 13.94
C THR C 163 -27.21 -23.24 14.36
N GLU C 164 -27.33 -22.05 14.95
CA GLU C 164 -28.67 -21.54 15.23
C GLU C 164 -29.34 -20.87 14.03
N LYS C 165 -28.64 -20.78 12.90
CA LYS C 165 -29.07 -20.11 11.67
C LYS C 165 -29.66 -18.73 11.98
N PHE C 166 -28.75 -17.88 12.42
CA PHE C 166 -28.96 -16.45 12.51
C PHE C 166 -28.29 -15.79 11.31
N ASP C 167 -28.62 -14.52 11.08
CA ASP C 167 -27.97 -13.80 9.99
C ASP C 167 -26.77 -12.99 10.45
N PHE C 168 -26.70 -12.70 11.74
CA PHE C 168 -25.69 -11.80 12.27
C PHE C 168 -25.36 -12.21 13.69
N ALA C 169 -24.10 -12.01 14.07
CA ALA C 169 -23.66 -12.27 15.43
C ALA C 169 -22.52 -11.32 15.76
N ALA C 170 -22.49 -10.88 17.01
CA ALA C 170 -21.47 -9.92 17.43
C ALA C 170 -21.23 -10.08 18.93
N ILE C 171 -20.06 -9.64 19.36
CA ILE C 171 -19.67 -9.69 20.76
C ILE C 171 -19.24 -8.29 21.17
N ALA C 172 -19.73 -7.83 22.32
CA ALA C 172 -19.35 -6.55 22.89
C ALA C 172 -18.57 -6.82 24.18
N LEU C 173 -17.39 -6.25 24.27
CA LEU C 173 -16.44 -6.53 25.33
C LEU C 173 -15.82 -5.24 25.85
N PRO C 174 -15.17 -5.30 27.02
CA PRO C 174 -14.43 -4.13 27.47
C PRO C 174 -13.21 -3.88 26.59
N GLU C 175 -12.83 -2.62 26.46
CA GLU C 175 -11.76 -2.27 25.53
C GLU C 175 -10.61 -1.59 26.26
N ALA C 181 -15.86 4.84 27.30
CA ALA C 181 -16.24 3.72 26.44
C ALA C 181 -15.55 2.47 26.93
N VAL C 182 -16.11 1.82 27.94
CA VAL C 182 -15.56 0.53 28.28
C VAL C 182 -16.07 -0.56 27.35
N ILE C 183 -17.20 -0.35 26.69
CA ILE C 183 -17.91 -1.44 26.00
C ILE C 183 -17.95 -1.18 24.50
N LYS C 184 -17.14 -1.91 23.75
CA LYS C 184 -17.11 -1.89 22.30
C LYS C 184 -17.64 -3.21 21.73
N TRP C 185 -18.35 -3.15 20.61
CA TRP C 185 -18.70 -4.37 19.88
C TRP C 185 -17.46 -4.79 19.11
N LYS C 186 -16.68 -5.67 19.74
CA LYS C 186 -15.35 -5.94 19.21
C LYS C 186 -15.36 -6.83 17.97
N TYR C 187 -16.14 -7.90 17.95
CA TYR C 187 -15.94 -8.87 16.88
C TYR C 187 -17.31 -9.14 16.27
N ALA C 188 -17.36 -9.54 14.99
CA ALA C 188 -18.69 -9.75 14.42
C ALA C 188 -18.65 -10.70 13.24
N SER C 189 -19.74 -11.47 13.11
CA SER C 189 -19.93 -12.44 12.04
C SER C 189 -21.22 -12.20 11.28
N GLY C 190 -21.15 -12.35 9.95
CA GLY C 190 -22.26 -12.04 9.09
C GLY C 190 -22.57 -10.57 8.94
N ASN C 191 -21.69 -9.70 9.42
CA ASN C 191 -21.93 -8.27 9.38
C ASN C 191 -21.87 -7.74 7.95
N ILE C 192 -22.55 -6.61 7.72
CA ILE C 192 -22.54 -5.97 6.42
C ILE C 192 -21.77 -4.65 6.42
N ASP C 193 -21.51 -4.06 7.59
CA ASP C 193 -20.61 -2.93 7.75
C ASP C 193 -19.61 -3.24 8.83
N TYR C 194 -18.69 -2.30 9.06
CA TYR C 194 -17.81 -2.33 10.21
C TYR C 194 -18.14 -1.21 11.17
N ARG C 195 -19.26 -0.51 10.96
CA ARG C 195 -19.63 0.60 11.81
C ARG C 195 -19.99 0.15 13.20
N TYR C 196 -20.31 -1.13 13.37
CA TYR C 196 -20.60 -1.66 14.70
C TYR C 196 -19.40 -1.49 15.62
N ARG C 197 -18.20 -1.53 15.06
CA ARG C 197 -16.97 -1.34 15.80
C ARG C 197 -16.51 0.11 15.82
N MET C 198 -16.76 0.85 14.74
CA MET C 198 -16.29 2.23 14.67
C MET C 198 -17.04 3.14 15.63
N ILE C 199 -18.24 2.77 16.06
CA ILE C 199 -19.05 3.61 16.93
C ILE C 199 -19.18 2.89 18.26
N VAL C 200 -18.74 3.57 19.32
CA VAL C 200 -18.69 3.00 20.66
C VAL C 200 -19.49 3.89 21.59
N LEU C 201 -20.29 3.27 22.43
CA LEU C 201 -21.24 3.94 23.31
C LEU C 201 -20.57 4.30 24.63
N ARG C 202 -21.12 5.32 25.29
CA ARG C 202 -20.69 5.63 26.64
C ARG C 202 -21.09 4.47 27.56
N PRO C 203 -20.44 4.34 28.72
CA PRO C 203 -20.78 3.22 29.61
C PRO C 203 -22.27 3.20 29.90
N GLY C 204 -22.85 2.01 29.87
CA GLY C 204 -24.26 1.84 30.10
C GLY C 204 -25.15 2.20 28.92
N GLU C 205 -24.62 2.90 27.91
CA GLU C 205 -25.44 3.29 26.77
C GLU C 205 -25.63 2.12 25.83
N GLY C 206 -26.82 2.07 25.24
CA GLY C 206 -27.12 1.10 24.21
C GLY C 206 -27.60 -0.23 24.75
N LEU C 207 -27.76 -1.16 23.81
CA LEU C 207 -28.31 -2.47 24.12
C LEU C 207 -27.33 -3.30 24.95
N ALA C 208 -26.05 -3.29 24.56
CA ALA C 208 -25.02 -3.95 25.36
C ALA C 208 -25.00 -3.37 26.78
N GLY C 209 -25.01 -2.04 26.90
CA GLY C 209 -25.08 -1.43 28.21
C GLY C 209 -26.28 -1.93 29.01
N LEU C 210 -27.43 -2.05 28.34
CA LEU C 210 -28.62 -2.57 28.99
C LEU C 210 -28.37 -3.97 29.56
N VAL C 211 -27.91 -4.89 28.71
CA VAL C 211 -27.77 -6.28 29.14
C VAL C 211 -26.69 -6.42 30.21
N ILE C 212 -25.65 -5.58 30.19
CA ILE C 212 -24.67 -5.62 31.26
C ILE C 212 -25.27 -5.11 32.57
N ARG C 213 -26.01 -4.00 32.52
CA ARG C 213 -26.63 -3.47 33.72
C ARG C 213 -27.63 -4.45 34.33
N THR C 214 -28.35 -5.19 33.48
CA THR C 214 -29.42 -6.05 33.96
C THR C 214 -29.00 -7.51 34.12
N GLY C 215 -27.84 -7.91 33.62
CA GLY C 215 -27.36 -9.27 33.70
C GLY C 215 -28.34 -10.29 33.15
N SER C 216 -29.27 -9.84 32.30
CA SER C 216 -30.34 -10.68 31.79
C SER C 216 -30.53 -10.46 30.30
N ARG C 217 -30.91 -11.52 29.60
CA ARG C 217 -31.11 -11.46 28.16
C ARG C 217 -32.27 -10.56 27.80
N LYS C 218 -32.20 -10.00 26.58
CA LYS C 218 -33.24 -9.17 25.99
C LYS C 218 -33.73 -9.87 24.72
N ILE C 219 -35.06 -9.95 24.56
CA ILE C 219 -35.65 -10.68 23.43
C ILE C 219 -36.54 -9.73 22.63
N VAL C 220 -36.27 -9.65 21.33
CA VAL C 220 -37.01 -8.78 20.41
C VAL C 220 -37.45 -9.62 19.21
N GLU C 221 -38.75 -9.93 19.13
CA GLU C 221 -39.25 -10.71 18.02
C GLU C 221 -39.40 -9.89 16.74
N ASP C 222 -39.67 -8.58 16.87
CA ASP C 222 -39.72 -7.68 15.72
C ASP C 222 -39.23 -6.30 16.15
N VAL C 223 -38.17 -5.83 15.51
CA VAL C 223 -37.50 -4.62 15.95
C VAL C 223 -38.33 -3.37 15.66
N ASP C 224 -38.96 -3.29 14.48
CA ASP C 224 -39.65 -2.07 14.07
C ASP C 224 -40.76 -1.74 15.07
N THR C 225 -41.63 -2.72 15.32
CA THR C 225 -42.72 -2.57 16.26
C THR C 225 -42.21 -2.19 17.66
N GLU C 226 -41.11 -2.79 18.10
CA GLU C 226 -40.61 -2.44 19.42
C GLU C 226 -39.95 -1.06 19.43
N LEU C 227 -39.44 -0.61 18.28
CA LEU C 227 -38.96 0.77 18.20
C LEU C 227 -40.09 1.77 18.41
N SER C 228 -41.31 1.43 17.96
CA SER C 228 -42.38 2.40 18.16
C SER C 228 -42.74 2.59 19.64
N GLN C 229 -42.44 1.60 20.49
CA GLN C 229 -42.66 1.63 21.93
C GLN C 229 -41.44 2.16 22.71
N ASN C 230 -40.23 1.75 22.32
CA ASN C 230 -38.98 2.19 22.95
C ASN C 230 -38.08 2.74 21.86
N ASP C 231 -37.92 4.06 21.82
CA ASP C 231 -37.04 4.68 20.84
C ASP C 231 -35.57 4.31 21.03
N LYS C 232 -35.16 3.99 22.25
CA LYS C 232 -33.74 3.74 22.52
C LYS C 232 -33.23 2.46 21.87
N LEU C 233 -34.09 1.49 21.58
CA LEU C 233 -33.67 0.20 21.04
C LEU C 233 -32.96 0.34 19.69
N GLY C 234 -33.02 1.50 19.06
CA GLY C 234 -32.33 1.73 17.80
C GLY C 234 -30.85 2.02 17.97
N CYS C 235 -30.13 1.07 18.57
CA CYS C 235 -28.71 1.24 18.79
C CYS C 235 -27.98 1.34 17.45
N PRO C 236 -26.80 1.97 17.44
CA PRO C 236 -26.00 1.95 16.21
C PRO C 236 -25.82 0.55 15.67
N ILE C 237 -25.73 -0.45 16.54
CA ILE C 237 -25.61 -1.83 16.09
C ILE C 237 -26.86 -2.23 15.30
N VAL C 238 -28.04 -1.89 15.81
CA VAL C 238 -29.29 -2.34 15.20
C VAL C 238 -29.50 -1.67 13.86
N LEU C 239 -29.33 -0.35 13.80
CA LEU C 239 -29.59 0.36 12.54
C LEU C 239 -28.50 0.08 11.52
N SER C 240 -27.25 0.02 11.97
CA SER C 240 -26.15 -0.24 11.05
C SER C 240 -26.23 -1.64 10.45
N GLU C 241 -26.65 -2.64 11.24
CA GLU C 241 -26.72 -4.00 10.75
C GLU C 241 -28.10 -4.40 10.24
N ALA C 242 -29.08 -3.48 10.31
CA ALA C 242 -30.41 -3.69 9.72
C ALA C 242 -31.08 -4.93 10.32
N LEU C 243 -31.13 -4.96 11.65
CA LEU C 243 -31.69 -6.09 12.37
C LEU C 243 -33.20 -5.94 12.51
N THR C 244 -33.95 -6.99 12.17
CA THR C 244 -35.40 -6.98 12.33
C THR C 244 -35.87 -7.79 13.52
N ALA C 245 -35.07 -8.75 13.98
CA ALA C 245 -35.28 -9.44 15.24
C ALA C 245 -33.93 -9.71 15.84
N LEU C 246 -33.88 -9.83 17.17
CA LEU C 246 -32.61 -10.05 17.82
C LEU C 246 -32.81 -10.63 19.22
N VAL C 247 -31.76 -11.28 19.71
CA VAL C 247 -31.65 -11.74 21.09
C VAL C 247 -30.26 -11.36 21.58
N ALA C 248 -30.19 -10.77 22.78
CA ALA C 248 -28.93 -10.28 23.33
C ALA C 248 -28.69 -10.93 24.69
N ILE C 249 -27.56 -11.61 24.82
CA ILE C 249 -27.27 -12.41 26.02
C ILE C 249 -26.08 -11.82 26.76
N PRO C 250 -26.11 -11.77 28.10
CA PRO C 250 -24.92 -11.36 28.86
C PRO C 250 -23.94 -12.51 29.01
N LEU C 251 -22.65 -12.19 28.92
CA LEU C 251 -21.55 -13.13 29.05
C LEU C 251 -20.77 -12.89 30.35
N TRP C 252 -20.36 -13.97 31.00
CA TRP C 252 -19.62 -13.90 32.25
C TRP C 252 -18.13 -14.20 32.04
N LYS C 253 -17.29 -13.61 32.90
CA LYS C 253 -15.86 -13.90 32.84
C LYS C 253 -15.27 -14.05 34.25
N ASN C 254 -15.77 -13.27 35.20
CA ASN C 254 -15.34 -13.36 36.59
C ASN C 254 -16.51 -13.79 37.46
N ASN C 255 -17.43 -14.53 36.85
CA ASN C 255 -18.79 -14.72 37.37
C ASN C 255 -19.49 -13.37 37.58
N ARG C 256 -19.00 -12.35 36.90
CA ARG C 256 -19.57 -11.00 36.86
C ARG C 256 -19.93 -10.66 35.42
N VAL C 257 -20.95 -9.82 35.25
CA VAL C 257 -21.44 -9.55 33.91
C VAL C 257 -20.35 -8.77 33.18
N TYR C 258 -19.81 -9.35 32.12
CA TYR C 258 -18.59 -8.82 31.52
C TYR C 258 -18.77 -8.29 30.11
N GLY C 259 -19.69 -8.84 29.35
CA GLY C 259 -19.89 -8.42 27.98
C GLY C 259 -21.26 -8.79 27.49
N ALA C 260 -21.40 -8.88 26.17
CA ALA C 260 -22.70 -9.13 25.58
C ALA C 260 -22.54 -9.89 24.27
N LEU C 261 -23.41 -10.88 24.07
CA LEU C 261 -23.49 -11.61 22.82
C LEU C 261 -24.81 -11.26 22.14
N LEU C 262 -24.72 -10.78 20.89
CA LEU C 262 -25.90 -10.39 20.13
C LEU C 262 -26.06 -11.30 18.93
N LEU C 263 -27.25 -11.87 18.79
CA LEU C 263 -27.63 -12.66 17.63
C LEU C 263 -28.79 -11.93 16.94
N GLY C 264 -28.64 -11.68 15.65
CA GLY C 264 -29.59 -10.87 14.92
C GLY C 264 -30.09 -11.53 13.66
N GLN C 265 -31.31 -11.17 13.28
CA GLN C 265 -31.97 -11.58 12.06
C GLN C 265 -32.20 -10.36 11.18
N ARG C 266 -32.33 -10.62 9.88
CA ARG C 266 -32.58 -9.57 8.90
C ARG C 266 -33.80 -9.91 8.06
N GLU C 267 -34.36 -8.88 7.43
CA GLU C 267 -35.40 -9.01 6.41
C GLU C 267 -36.68 -9.62 6.98
N GLY C 268 -37.04 -9.22 8.21
CA GLY C 268 -38.29 -9.62 8.83
C GLY C 268 -38.41 -11.12 9.02
N ARG C 269 -37.32 -11.84 8.74
CA ARG C 269 -37.27 -13.27 8.96
C ARG C 269 -37.24 -13.56 10.47
N PRO C 270 -37.95 -14.57 10.95
CA PRO C 270 -38.21 -14.68 12.38
C PRO C 270 -37.12 -15.40 13.16
N LEU C 271 -37.17 -15.19 14.48
CA LEU C 271 -36.25 -15.84 15.39
C LEU C 271 -36.41 -17.36 15.31
N PRO C 272 -35.34 -18.12 15.16
CA PRO C 272 -35.46 -19.58 15.08
C PRO C 272 -36.04 -20.18 16.36
N GLU C 273 -36.59 -21.38 16.19
CA GLU C 273 -37.29 -22.06 17.27
C GLU C 273 -36.37 -22.23 18.48
N GLY C 274 -36.90 -21.97 19.67
CA GLY C 274 -36.14 -22.13 20.89
C GLY C 274 -35.03 -21.12 21.11
N SER C 275 -34.93 -20.10 20.27
CA SER C 275 -33.96 -19.03 20.50
C SER C 275 -34.11 -18.41 21.88
N THR C 276 -35.37 -18.25 22.33
CA THR C 276 -35.63 -17.73 23.67
C THR C 276 -34.73 -18.36 24.72
N THR C 277 -34.60 -19.69 24.68
CA THR C 277 -33.76 -20.41 25.62
C THR C 277 -32.52 -20.89 24.86
N PHE C 278 -31.54 -20.02 24.73
CA PHE C 278 -30.31 -20.38 24.03
C PHE C 278 -29.15 -20.26 25.01
N ARG C 279 -28.29 -21.27 24.97
CA ARG C 279 -27.20 -21.48 25.90
C ARG C 279 -25.89 -21.48 25.11
N VAL C 280 -24.88 -20.77 25.61
CA VAL C 280 -23.60 -20.68 24.91
C VAL C 280 -22.88 -22.03 24.88
N ASN C 281 -23.00 -22.82 25.95
CA ASN C 281 -22.20 -24.03 26.16
C ASN C 281 -20.74 -23.94 25.69
N GLN C 282 -19.95 -23.12 26.39
CA GLN C 282 -18.50 -23.08 26.20
C GLN C 282 -18.07 -22.75 24.77
N ARG C 283 -19.01 -22.30 23.94
CA ARG C 283 -18.71 -21.99 22.55
C ARG C 283 -17.98 -20.66 22.40
N LEU C 284 -17.81 -19.90 23.48
CA LEU C 284 -17.17 -18.60 23.44
C LEU C 284 -15.98 -18.54 24.37
N GLY C 285 -15.29 -19.66 24.54
CA GLY C 285 -14.06 -19.69 25.32
C GLY C 285 -14.31 -19.33 26.78
N SER C 286 -13.72 -18.21 27.21
CA SER C 286 -13.77 -17.82 28.62
C SER C 286 -15.16 -17.44 29.09
N TYR C 287 -16.07 -17.10 28.17
CA TYR C 287 -17.34 -16.48 28.50
C TYR C 287 -18.47 -17.50 28.58
N THR C 288 -19.32 -17.33 29.59
CA THR C 288 -20.35 -18.27 30.00
C THR C 288 -21.72 -17.65 29.72
N ASP C 289 -22.75 -18.50 29.68
CA ASP C 289 -24.08 -18.10 29.24
C ASP C 289 -25.03 -17.77 30.39
N ASN C 290 -25.87 -16.77 30.15
CA ASN C 290 -27.12 -16.47 30.86
C ASN C 290 -27.80 -15.30 30.17
N GLY C 307 -6.31 -21.52 31.84
CA GLY C 307 -6.68 -22.30 30.68
C GLY C 307 -6.27 -21.68 29.37
N ILE C 308 -5.84 -22.51 28.43
CA ILE C 308 -5.41 -22.09 27.10
C ILE C 308 -6.42 -22.62 26.09
N LYS C 309 -7.09 -21.71 25.40
CA LYS C 309 -8.24 -22.05 24.58
C LYS C 309 -7.88 -22.04 23.10
N ALA C 310 -8.62 -22.82 22.32
CA ALA C 310 -8.51 -22.84 20.87
C ALA C 310 -9.79 -23.41 20.29
N ASN C 311 -10.04 -23.10 19.02
CA ASN C 311 -11.17 -23.69 18.32
C ASN C 311 -10.83 -23.83 16.85
N PHE C 312 -11.39 -24.85 16.21
CA PHE C 312 -11.18 -25.06 14.78
C PHE C 312 -12.31 -25.94 14.24
N LYS C 313 -12.15 -26.39 12.99
CA LYS C 313 -13.21 -26.93 12.16
C LYS C 313 -12.64 -28.09 11.36
N ILE C 314 -13.38 -29.20 11.28
CA ILE C 314 -12.93 -30.40 10.60
C ILE C 314 -13.99 -30.82 9.59
N ARG C 315 -13.55 -31.20 8.38
CA ARG C 315 -14.44 -31.60 7.30
C ARG C 315 -14.25 -33.08 7.00
N HIS C 316 -15.29 -33.87 7.29
CA HIS C 316 -15.28 -35.32 7.06
C HIS C 316 -16.09 -35.62 5.80
N SER C 317 -15.42 -36.15 4.77
CA SER C 317 -16.12 -36.52 3.54
C SER C 317 -17.15 -37.61 3.80
N ILE C 318 -18.37 -37.39 3.27
CA ILE C 318 -19.44 -38.38 3.29
C ILE C 318 -19.31 -39.26 2.06
N GLU C 319 -19.69 -40.53 2.17
CA GLU C 319 -19.21 -41.53 1.21
C GLU C 319 -19.82 -41.32 -0.17
N ASP C 320 -21.13 -41.08 -0.23
CA ASP C 320 -21.82 -40.75 -1.47
C ASP C 320 -21.85 -39.25 -1.73
N GLY C 321 -20.72 -38.59 -1.49
CA GLY C 321 -20.66 -37.16 -1.68
C GLY C 321 -21.20 -36.34 -0.54
N GLY C 322 -20.33 -35.56 0.07
CA GLY C 322 -20.75 -34.63 1.10
C GLY C 322 -19.57 -34.17 1.93
N VAL C 323 -19.89 -33.36 2.94
CA VAL C 323 -18.94 -32.98 3.98
C VAL C 323 -19.71 -32.90 5.28
N GLN C 324 -19.28 -33.66 6.29
CA GLN C 324 -19.85 -33.55 7.62
C GLN C 324 -18.93 -32.69 8.47
N LEU C 325 -19.49 -31.67 9.10
CA LEU C 325 -18.70 -30.70 9.84
C LEU C 325 -18.56 -31.12 11.29
N ALA C 326 -17.38 -30.86 11.85
CA ALA C 326 -17.11 -31.06 13.27
C ALA C 326 -16.42 -29.81 13.79
N TYR C 327 -17.13 -28.99 14.55
CA TYR C 327 -16.57 -27.80 15.16
C TYR C 327 -15.96 -28.16 16.51
N HIS C 328 -14.68 -27.79 16.70
CA HIS C 328 -13.92 -28.17 17.88
C HIS C 328 -13.73 -26.96 18.79
N TYR C 329 -14.02 -27.15 20.08
CA TYR C 329 -13.67 -26.18 21.12
C TYR C 329 -12.81 -26.89 22.16
N GLN C 330 -11.61 -26.39 22.39
CA GLN C 330 -10.69 -27.05 23.30
C GLN C 330 -10.14 -26.06 24.31
N GLN C 331 -9.91 -26.55 25.52
CA GLN C 331 -9.21 -25.83 26.58
C GLN C 331 -8.16 -26.75 27.16
N ASN C 332 -6.93 -26.24 27.31
CA ASN C 332 -5.82 -27.02 27.83
C ASN C 332 -5.28 -26.33 29.08
N THR C 333 -5.24 -27.05 30.19
CA THR C 333 -4.72 -26.55 31.44
C THR C 333 -3.61 -27.48 31.93
N PRO C 334 -2.47 -26.95 32.36
CA PRO C 334 -1.41 -27.82 32.88
C PRO C 334 -1.86 -28.49 34.18
N ILE C 335 -1.29 -29.68 34.43
CA ILE C 335 -1.67 -30.43 35.62
C ILE C 335 -0.85 -29.98 36.82
N GLY C 336 0.46 -29.82 36.65
CA GLY C 336 1.29 -29.37 37.73
C GLY C 336 1.11 -27.89 37.98
N ASP C 337 1.66 -27.43 39.10
CA ASP C 337 1.65 -26.01 39.42
C ASP C 337 2.87 -25.28 38.87
N GLY C 338 3.85 -26.02 38.33
CA GLY C 338 5.08 -25.42 37.87
C GLY C 338 4.90 -24.51 36.66
N PRO C 339 5.94 -23.77 36.33
CA PRO C 339 5.83 -22.77 35.26
C PRO C 339 5.79 -23.43 33.89
N VAL C 340 4.94 -22.88 33.02
CA VAL C 340 4.76 -23.38 31.66
C VAL C 340 4.92 -22.24 30.68
N LEU C 341 5.50 -22.53 29.52
CA LEU C 341 5.55 -21.55 28.45
C LEU C 341 4.15 -21.18 27.98
N LEU C 342 3.98 -19.91 27.66
CA LEU C 342 2.68 -19.48 27.17
C LEU C 342 2.71 -19.42 25.64
N PRO C 343 1.62 -19.78 24.97
CA PRO C 343 1.63 -19.82 23.51
C PRO C 343 1.25 -18.49 22.91
N ASP C 344 1.73 -18.28 21.68
CA ASP C 344 1.25 -17.19 20.86
C ASP C 344 0.16 -17.72 19.93
N ASP C 345 -0.34 -16.87 19.05
CA ASP C 345 -1.32 -17.29 18.07
C ASP C 345 -0.59 -17.99 16.92
N HIS C 346 -0.92 -19.25 16.70
CA HIS C 346 -0.25 -20.05 15.68
C HIS C 346 -1.22 -21.08 15.12
N TYR C 347 -0.74 -21.83 14.14
CA TYR C 347 -1.50 -22.88 13.48
C TYR C 347 -0.79 -24.21 13.66
N LEU C 348 -1.52 -25.29 13.39
CA LEU C 348 -0.94 -26.62 13.25
C LEU C 348 -1.26 -27.12 11.86
N SER C 349 -0.21 -27.34 11.07
CA SER C 349 -0.33 -28.03 9.80
C SER C 349 -0.33 -29.53 10.07
N VAL C 350 -1.42 -30.20 9.74
CA VAL C 350 -1.61 -31.61 10.09
C VAL C 350 -1.71 -32.41 8.80
N GLN C 351 -0.87 -33.45 8.70
CA GLN C 351 -0.95 -34.43 7.62
C GLN C 351 -1.31 -35.78 8.23
N SER C 352 -2.37 -36.40 7.72
CA SER C 352 -2.86 -37.66 8.26
C SER C 352 -2.95 -38.71 7.16
N GLU C 353 -2.61 -39.95 7.51
CA GLU C 353 -2.84 -41.11 6.66
C GLU C 353 -3.50 -42.20 7.48
N LEU C 354 -4.70 -42.57 7.09
CA LEU C 354 -5.46 -43.60 7.79
C LEU C 354 -5.40 -44.90 7.00
N SER C 355 -5.02 -45.98 7.67
CA SER C 355 -4.68 -47.22 6.98
C SER C 355 -5.28 -48.38 7.76
N LYS C 356 -5.29 -49.55 7.14
CA LYS C 356 -5.77 -50.78 7.76
C LYS C 356 -4.73 -51.89 7.65
N ASP C 357 -4.66 -52.71 8.69
CA ASP C 357 -3.85 -53.91 8.68
C ASP C 357 -4.61 -55.03 7.97
N PRO C 358 -4.08 -55.56 6.87
CA PRO C 358 -4.81 -56.63 6.14
C PRO C 358 -5.08 -57.85 7.00
N ASN C 359 -4.27 -58.09 8.03
CA ASN C 359 -4.32 -59.30 8.83
C ASN C 359 -4.90 -59.07 10.23
N GLU C 360 -5.79 -58.08 10.38
CA GLU C 360 -6.38 -57.75 11.67
C GLU C 360 -7.88 -57.96 11.63
N LYS C 361 -8.37 -58.88 12.46
CA LYS C 361 -9.81 -59.14 12.53
C LYS C 361 -10.55 -58.09 13.33
N ARG C 362 -9.89 -57.46 14.31
CA ARG C 362 -10.57 -56.48 15.16
C ARG C 362 -10.81 -55.18 14.40
N ASP C 363 -11.91 -54.50 14.73
CA ASP C 363 -12.11 -53.15 14.23
C ASP C 363 -10.97 -52.28 14.72
N HIS C 364 -10.23 -51.68 13.79
CA HIS C 364 -8.99 -51.02 14.14
C HIS C 364 -8.74 -49.83 13.24
N MET C 365 -7.60 -49.18 13.46
CA MET C 365 -7.13 -48.06 12.66
C MET C 365 -5.62 -47.97 12.79
N VAL C 366 -4.92 -47.87 11.66
CA VAL C 366 -3.50 -47.51 11.66
C VAL C 366 -3.39 -46.05 11.25
N LEU C 367 -2.61 -45.28 12.01
CA LEU C 367 -2.55 -43.85 11.82
C LEU C 367 -1.10 -43.40 11.67
N LEU C 368 -0.81 -42.69 10.60
CA LEU C 368 0.43 -41.97 10.42
C LEU C 368 0.15 -40.47 10.34
N GLU C 369 0.88 -39.68 11.13
CA GLU C 369 0.62 -38.25 11.21
C GLU C 369 1.89 -37.44 11.35
N PHE C 370 1.84 -36.23 10.82
CA PHE C 370 2.86 -35.22 10.96
C PHE C 370 2.17 -33.92 11.30
N VAL C 371 2.57 -33.30 12.40
CA VAL C 371 1.97 -32.04 12.85
C VAL C 371 3.09 -31.04 13.07
N THR C 372 3.05 -29.94 12.32
CA THR C 372 4.03 -28.87 12.42
C THR C 372 3.31 -27.57 12.77
N ALA C 373 3.92 -26.77 13.64
CA ALA C 373 3.37 -25.48 14.00
C ALA C 373 3.82 -24.42 13.00
N ALA C 374 2.93 -23.48 12.69
CA ALA C 374 3.19 -22.44 11.72
C ALA C 374 2.65 -21.11 12.23
N GLY C 375 3.41 -20.04 12.03
CA GLY C 375 2.93 -18.72 12.41
C GLY C 375 1.74 -18.28 11.59
N ILE C 376 0.98 -17.34 12.16
CA ILE C 376 -0.28 -16.91 11.55
C ILE C 376 -0.07 -16.37 10.15
N THR C 377 1.08 -15.71 9.91
CA THR C 377 1.36 -15.17 8.58
C THR C 377 1.36 -16.29 7.54
N LEU C 378 2.10 -17.37 7.79
CA LEU C 378 2.13 -18.49 6.87
C LEU C 378 0.73 -19.09 6.68
N GLY C 379 0.03 -19.31 7.80
CA GLY C 379 -1.32 -19.85 7.73
C GLY C 379 -2.24 -18.97 6.89
N MET C 380 -2.18 -17.66 7.11
CA MET C 380 -2.88 -16.69 6.26
C MET C 380 -2.53 -16.89 4.80
N ASP C 381 -1.23 -16.91 4.50
CA ASP C 381 -0.78 -17.04 3.13
C ASP C 381 -1.40 -18.27 2.48
N GLU C 382 -1.67 -19.30 3.27
CA GLU C 382 -2.45 -20.41 2.74
C GLU C 382 -3.92 -20.19 3.08
N LEU C 383 -4.78 -21.06 2.59
CA LEU C 383 -6.23 -20.93 2.82
C LEU C 383 -6.79 -19.64 2.23
N TYR C 384 -6.05 -18.52 2.36
CA TYR C 384 -6.51 -17.21 1.93
C TYR C 384 -5.55 -16.58 0.93
N LYS C 385 -4.71 -17.41 0.31
CA LYS C 385 -3.68 -17.04 -0.68
C LYS C 385 -3.20 -15.59 -0.66
N SER D 1 -68.38 29.88 -6.59
CA SER D 1 -67.96 29.00 -7.67
C SER D 1 -69.10 28.59 -8.60
N LYS D 2 -69.56 29.54 -9.42
CA LYS D 2 -70.45 29.23 -10.54
C LYS D 2 -69.72 29.48 -11.85
N GLY D 3 -68.40 29.60 -11.81
CA GLY D 3 -67.59 29.60 -13.02
C GLY D 3 -67.73 28.35 -13.83
N GLU D 4 -68.33 27.30 -13.25
CA GLU D 4 -68.70 26.10 -14.00
C GLU D 4 -69.71 26.44 -15.10
N GLU D 5 -70.56 27.44 -14.85
CA GLU D 5 -71.66 27.71 -15.77
C GLU D 5 -71.16 28.12 -17.15
N LEU D 6 -70.06 28.88 -17.18
CA LEU D 6 -69.46 29.31 -18.44
C LEU D 6 -69.04 28.14 -19.30
N PHE D 7 -69.02 26.93 -18.75
CA PHE D 7 -68.47 25.78 -19.43
C PHE D 7 -69.53 24.75 -19.79
N THR D 8 -70.83 25.10 -19.69
CA THR D 8 -71.83 24.07 -19.96
C THR D 8 -71.90 23.70 -21.43
N GLY D 9 -71.66 24.64 -22.34
CA GLY D 9 -71.72 24.40 -23.76
C GLY D 9 -70.36 24.24 -24.39
N VAL D 10 -70.30 24.52 -25.69
CA VAL D 10 -69.03 24.62 -26.41
C VAL D 10 -68.52 26.04 -26.31
N VAL D 11 -67.22 26.17 -26.11
CA VAL D 11 -66.59 27.48 -25.88
C VAL D 11 -65.46 27.65 -26.88
N PRO D 12 -65.31 28.82 -27.50
CA PRO D 12 -64.18 29.05 -28.41
C PRO D 12 -62.89 29.21 -27.62
N ILE D 13 -61.85 28.51 -28.07
CA ILE D 13 -60.52 28.60 -27.47
C ILE D 13 -59.59 29.32 -28.43
N LEU D 14 -58.77 30.21 -27.89
CA LEU D 14 -57.75 30.91 -28.67
C LEU D 14 -56.47 30.88 -27.85
N VAL D 15 -55.35 30.52 -28.47
CA VAL D 15 -54.09 30.31 -27.75
C VAL D 15 -52.98 31.09 -28.44
N GLU D 16 -52.15 31.76 -27.64
CA GLU D 16 -50.98 32.50 -28.12
C GLU D 16 -49.74 32.10 -27.33
N LEU D 17 -48.67 31.77 -28.05
CA LEU D 17 -47.39 31.44 -27.41
C LEU D 17 -46.28 32.21 -28.11
N ASP D 18 -45.51 32.96 -27.31
CA ASP D 18 -44.29 33.61 -27.80
C ASP D 18 -43.11 32.98 -27.06
N GLY D 19 -42.19 32.41 -27.82
CA GLY D 19 -41.15 31.57 -27.24
C GLY D 19 -39.77 31.97 -27.70
N ASP D 20 -38.80 31.71 -26.82
CA ASP D 20 -37.39 31.98 -27.08
C ASP D 20 -36.59 30.86 -26.44
N VAL D 21 -36.02 29.98 -27.26
CA VAL D 21 -35.26 28.83 -26.79
C VAL D 21 -33.84 28.97 -27.31
N ASN D 22 -32.90 29.23 -26.41
CA ASN D 22 -31.49 29.47 -26.74
C ASN D 22 -31.33 30.56 -27.80
N GLY D 23 -32.14 31.61 -27.70
CA GLY D 23 -32.05 32.66 -28.67
C GLY D 23 -32.82 32.43 -29.96
N HIS D 24 -33.39 31.24 -30.14
CA HIS D 24 -34.27 30.97 -31.28
C HIS D 24 -35.67 31.44 -30.92
N LYS D 25 -36.11 32.53 -31.53
CA LYS D 25 -37.43 33.09 -31.26
C LYS D 25 -38.46 32.50 -32.21
N PHE D 26 -39.69 32.40 -31.72
CA PHE D 26 -40.79 31.88 -32.52
C PHE D 26 -42.10 32.31 -31.88
N SER D 27 -43.16 32.24 -32.67
CA SER D 27 -44.50 32.48 -32.17
C SER D 27 -45.44 31.41 -32.71
N VAL D 28 -46.38 31.00 -31.86
CA VAL D 28 -47.37 29.99 -32.21
C VAL D 28 -48.74 30.54 -31.86
N SER D 29 -49.71 30.34 -32.76
CA SER D 29 -51.10 30.74 -32.53
C SER D 29 -52.01 29.53 -32.68
N GLY D 30 -53.05 29.47 -31.86
CA GLY D 30 -53.96 28.33 -31.88
C GLY D 30 -55.40 28.78 -31.78
N GLU D 31 -56.28 28.02 -32.45
CA GLU D 31 -57.70 28.30 -32.47
C GLU D 31 -58.47 26.98 -32.48
N GLY D 32 -59.63 26.99 -31.84
CA GLY D 32 -60.50 25.82 -31.86
C GLY D 32 -61.62 25.95 -30.84
N GLU D 33 -62.13 24.80 -30.41
CA GLU D 33 -63.27 24.74 -29.51
C GLU D 33 -62.96 23.83 -28.33
N GLY D 34 -63.64 24.08 -27.22
CA GLY D 34 -63.57 23.22 -26.06
C GLY D 34 -64.93 22.86 -25.50
N ASP D 35 -65.22 21.57 -25.42
CA ASP D 35 -66.47 21.06 -24.82
C ASP D 35 -66.12 20.41 -23.49
N ALA D 36 -66.43 21.11 -22.39
CA ALA D 36 -66.07 20.63 -21.06
C ALA D 36 -66.88 19.42 -20.62
N THR D 37 -68.11 19.25 -21.16
CA THR D 37 -68.94 18.13 -20.72
C THR D 37 -68.33 16.79 -21.12
N TYR D 38 -67.51 16.78 -22.16
CA TYR D 38 -66.77 15.58 -22.54
C TYR D 38 -65.26 15.75 -22.38
N GLY D 39 -64.80 16.88 -21.85
CA GLY D 39 -63.37 17.11 -21.77
C GLY D 39 -62.69 17.24 -23.11
N LYS D 40 -63.42 17.69 -24.13
CA LYS D 40 -62.99 17.58 -25.52
C LYS D 40 -62.31 18.88 -25.96
N LEU D 41 -61.14 18.75 -26.58
CA LEU D 41 -60.46 19.87 -27.21
C LEU D 41 -60.19 19.56 -28.68
N THR D 42 -60.57 20.48 -29.55
CA THR D 42 -60.16 20.46 -30.94
C THR D 42 -59.39 21.75 -31.20
N LEU D 43 -58.12 21.63 -31.58
CA LEU D 43 -57.27 22.79 -31.70
C LEU D 43 -56.37 22.65 -32.91
N LYS D 44 -56.01 23.80 -33.48
CA LYS D 44 -55.05 23.90 -34.56
C LYS D 44 -54.01 24.93 -34.15
N PHE D 45 -52.74 24.58 -34.24
CA PHE D 45 -51.66 25.50 -33.93
C PHE D 45 -50.81 25.70 -35.17
N ILE D 46 -50.38 26.94 -35.38
CA ILE D 46 -49.53 27.32 -36.51
C ILE D 46 -48.30 28.03 -35.96
N CYS D 47 -47.14 27.72 -36.52
CA CYS D 47 -45.92 28.49 -36.28
C CYS D 47 -45.91 29.70 -37.21
N THR D 48 -46.01 30.89 -36.62
CA THR D 48 -46.15 32.13 -37.39
C THR D 48 -44.82 32.86 -37.60
N THR D 49 -43.70 32.25 -37.23
CA THR D 49 -42.38 32.82 -37.46
C THR D 49 -41.50 31.96 -38.36
N GLY D 50 -42.02 30.87 -38.90
CA GLY D 50 -41.24 29.98 -39.73
C GLY D 50 -41.32 28.55 -39.25
N LYS D 51 -40.19 27.85 -39.24
CA LYS D 51 -40.15 26.53 -38.60
C LYS D 51 -40.14 26.67 -37.09
N LEU D 52 -40.88 25.79 -36.43
CA LEU D 52 -40.79 25.70 -34.98
C LEU D 52 -39.43 25.11 -34.62
N PRO D 53 -38.62 25.77 -33.79
CA PRO D 53 -37.26 25.28 -33.53
C PRO D 53 -37.21 24.06 -32.63
N VAL D 54 -38.33 23.64 -32.05
CA VAL D 54 -38.37 22.50 -31.15
C VAL D 54 -39.43 21.53 -31.63
N PRO D 55 -39.42 20.28 -31.17
CA PRO D 55 -40.42 19.32 -31.65
C PRO D 55 -41.78 19.67 -31.09
N TRP D 56 -42.79 19.55 -31.95
CA TRP D 56 -44.16 19.90 -31.57
C TRP D 56 -44.65 19.21 -30.30
N PRO D 57 -44.41 17.90 -30.07
CA PRO D 57 -44.95 17.27 -28.85
C PRO D 57 -44.46 17.89 -27.55
N THR D 58 -43.33 18.59 -27.56
CA THR D 58 -42.83 19.21 -26.34
C THR D 58 -43.62 20.44 -25.91
N LEU D 59 -44.47 20.97 -26.78
CA LEU D 59 -45.23 22.18 -26.49
C LEU D 59 -46.69 21.91 -26.15
N VAL D 60 -47.16 20.66 -26.32
CA VAL D 60 -48.56 20.36 -26.08
C VAL D 60 -48.96 20.71 -24.65
N THR D 61 -48.12 20.31 -23.68
CA THR D 61 -48.41 20.55 -22.27
C THR D 61 -48.57 22.03 -21.99
N THR D 62 -47.86 22.87 -22.72
CA THR D 62 -47.90 24.31 -22.43
C THR D 62 -49.14 24.89 -23.08
N LEU D 63 -49.55 24.33 -24.20
CA LEU D 63 -50.73 24.86 -24.93
C LEU D 63 -52.02 24.26 -24.37
N VAL D 65 -54.96 24.43 -20.85
CA VAL D 65 -56.38 24.82 -20.63
C VAL D 65 -57.06 23.71 -19.84
N GLN D 66 -56.90 23.70 -18.52
CA GLN D 66 -57.37 22.56 -17.69
C GLN D 66 -58.78 22.80 -17.20
N CYS D 67 -59.26 24.02 -17.32
CA CYS D 67 -60.65 24.27 -17.02
C CYS D 67 -61.61 23.51 -17.91
N PHE D 68 -61.12 22.87 -18.97
CA PHE D 68 -61.94 22.10 -19.87
C PHE D 68 -61.95 20.61 -19.53
N SER D 69 -61.23 20.22 -18.49
CA SER D 69 -61.26 18.84 -18.03
C SER D 69 -62.69 18.45 -17.68
N ARG D 70 -63.05 17.20 -17.95
CA ARG D 70 -64.34 16.68 -17.52
C ARG D 70 -64.18 16.15 -16.10
N TYR D 71 -64.94 16.72 -15.17
CA TYR D 71 -64.94 16.27 -13.80
C TYR D 71 -66.21 15.51 -13.52
N PRO D 72 -66.15 14.25 -13.09
CA PRO D 72 -67.37 13.55 -12.69
C PRO D 72 -68.02 14.24 -11.49
N ASP D 73 -69.29 13.93 -11.26
CA ASP D 73 -70.08 14.66 -10.28
C ASP D 73 -69.46 14.62 -8.89
N HIS D 74 -69.00 13.44 -8.44
CA HIS D 74 -68.45 13.35 -7.09
C HIS D 74 -67.25 14.28 -6.90
N MET D 75 -66.62 14.73 -7.98
CA MET D 75 -65.47 15.63 -7.91
C MET D 75 -65.80 17.10 -8.20
N LYS D 76 -67.06 17.44 -8.49
CA LYS D 76 -67.37 18.80 -8.96
C LYS D 76 -66.90 19.86 -7.97
N GLN D 77 -67.04 19.60 -6.66
CA GLN D 77 -66.70 20.59 -5.64
C GLN D 77 -65.23 20.97 -5.68
N HIS D 78 -64.42 20.30 -6.47
CA HIS D 78 -62.99 20.54 -6.48
C HIS D 78 -62.48 21.06 -7.82
N ASP D 79 -63.38 21.54 -8.69
CA ASP D 79 -62.88 22.08 -9.96
C ASP D 79 -62.26 23.45 -9.70
N PHE D 80 -60.97 23.50 -9.36
CA PHE D 80 -60.35 24.80 -9.08
C PHE D 80 -60.34 25.68 -10.31
N PHE D 81 -59.92 25.12 -11.46
CA PHE D 81 -59.73 25.92 -12.66
C PHE D 81 -61.04 26.54 -13.13
N LYS D 82 -62.13 25.77 -13.05
CA LYS D 82 -63.42 26.28 -13.51
C LYS D 82 -63.95 27.38 -12.59
N SER D 83 -63.63 27.33 -11.29
CA SER D 83 -64.11 28.34 -10.36
C SER D 83 -63.33 29.64 -10.44
N ALA D 84 -62.09 29.58 -10.91
CA ALA D 84 -61.28 30.78 -11.07
C ALA D 84 -61.74 31.65 -12.23
N MET D 85 -62.71 31.19 -13.01
CA MET D 85 -63.30 31.77 -14.21
C MET D 85 -64.51 32.64 -13.86
N PRO D 86 -64.74 33.74 -14.59
CA PRO D 86 -63.99 34.07 -15.83
C PRO D 86 -62.67 34.80 -15.59
N GLU D 87 -62.45 35.30 -14.38
CA GLU D 87 -61.27 36.14 -14.12
C GLU D 87 -59.97 35.47 -14.55
N GLY D 88 -59.86 34.17 -14.30
CA GLY D 88 -58.78 33.38 -14.86
C GLY D 88 -57.82 32.84 -13.81
N TYR D 89 -56.74 32.25 -14.31
CA TYR D 89 -55.68 31.75 -13.45
C TYR D 89 -54.35 31.84 -14.19
N ILE D 90 -53.26 31.90 -13.42
CA ILE D 90 -51.90 31.97 -13.95
C ILE D 90 -51.22 30.63 -13.75
N GLN D 91 -50.69 30.07 -14.83
CA GLN D 91 -49.92 28.83 -14.78
C GLN D 91 -48.48 29.15 -15.14
N GLU D 92 -47.60 29.24 -14.13
CA GLU D 92 -46.18 29.32 -14.39
C GLU D 92 -45.52 28.00 -13.98
N ARG D 93 -44.61 27.53 -14.82
CA ARG D 93 -44.22 26.13 -14.88
C ARG D 93 -42.79 26.01 -15.42
N THR D 94 -42.06 25.00 -14.93
CA THR D 94 -40.72 24.68 -15.43
C THR D 94 -40.65 23.25 -15.93
N ILE D 95 -40.07 23.05 -17.12
CA ILE D 95 -39.96 21.74 -17.76
C ILE D 95 -38.49 21.39 -17.92
N PHE D 96 -38.06 20.31 -17.26
CA PHE D 96 -36.69 19.83 -17.32
C PHE D 96 -36.59 18.64 -18.28
N PHE D 97 -35.72 18.76 -19.29
CA PHE D 97 -35.46 17.67 -20.22
C PHE D 97 -34.22 16.93 -19.75
N LYS D 98 -34.37 15.64 -19.42
CA LYS D 98 -33.29 14.91 -18.78
C LYS D 98 -32.02 14.96 -19.63
N ASP D 99 -30.92 15.39 -19.00
CA ASP D 99 -29.65 15.54 -19.68
C ASP D 99 -29.78 16.52 -20.84
N ASP D 100 -30.46 17.64 -20.59
CA ASP D 100 -30.73 18.65 -21.62
C ASP D 100 -31.28 19.88 -20.91
N GLY D 101 -31.69 20.86 -21.71
CA GLY D 101 -32.08 22.16 -21.19
C GLY D 101 -33.46 22.16 -20.56
N ASN D 102 -33.94 23.38 -20.27
CA ASN D 102 -35.22 23.53 -19.58
C ASN D 102 -36.06 24.64 -20.21
N TYR D 103 -37.38 24.45 -20.17
CA TYR D 103 -38.37 25.48 -20.49
C TYR D 103 -38.85 26.13 -19.21
N LYS D 104 -39.03 27.45 -19.23
CA LYS D 104 -39.75 28.15 -18.19
C LYS D 104 -40.90 28.91 -18.83
N THR D 105 -42.13 28.70 -18.34
CA THR D 105 -43.32 29.22 -18.98
C THR D 105 -44.19 29.95 -17.97
N ARG D 106 -44.80 31.04 -18.43
CA ARG D 106 -45.84 31.76 -17.69
C ARG D 106 -47.04 31.94 -18.60
N ALA D 107 -48.23 31.59 -18.12
CA ALA D 107 -49.41 31.65 -18.97
C ALA D 107 -50.57 32.28 -18.21
N GLU D 108 -51.23 33.25 -18.86
CA GLU D 108 -52.50 33.78 -18.39
C GLU D 108 -53.60 33.03 -19.13
N VAL D 109 -54.49 32.42 -18.35
CA VAL D 109 -55.64 31.71 -18.90
C VAL D 109 -56.89 32.37 -18.34
N LYS D 110 -57.70 32.95 -19.20
CA LYS D 110 -58.90 33.63 -18.73
C LYS D 110 -59.89 33.76 -19.87
N PHE D 111 -61.15 34.00 -19.48
CA PHE D 111 -62.16 34.41 -20.45
C PHE D 111 -61.99 35.88 -20.76
N GLU D 112 -62.04 36.22 -22.04
CA GLU D 112 -62.29 37.57 -22.46
C GLU D 112 -63.36 37.53 -23.53
N GLY D 113 -64.48 38.20 -23.26
CA GLY D 113 -65.76 37.96 -23.90
C GLY D 113 -66.26 36.61 -23.45
N ASP D 114 -66.61 35.72 -24.38
CA ASP D 114 -66.92 34.34 -24.06
C ASP D 114 -65.96 33.37 -24.75
N THR D 115 -64.75 33.85 -25.06
CA THR D 115 -63.69 33.02 -25.63
C THR D 115 -62.61 32.80 -24.58
N LEU D 116 -62.23 31.53 -24.40
CA LEU D 116 -61.12 31.19 -23.50
C LEU D 116 -59.79 31.44 -24.17
N VAL D 117 -58.93 32.23 -23.52
CA VAL D 117 -57.65 32.62 -24.08
C VAL D 117 -56.53 32.09 -23.20
N ASN D 118 -55.59 31.37 -23.82
CA ASN D 118 -54.37 30.90 -23.19
C ASN D 118 -53.21 31.67 -23.83
N ARG D 119 -52.65 32.61 -23.10
CA ARG D 119 -51.56 33.46 -23.58
C ARG D 119 -50.28 33.10 -22.84
N ILE D 120 -49.25 32.70 -23.58
CA ILE D 120 -48.07 32.07 -23.01
C ILE D 120 -46.80 32.76 -23.48
N GLU D 121 -45.85 32.96 -22.56
CA GLU D 121 -44.50 33.41 -22.85
C GLU D 121 -43.55 32.35 -22.29
N LEU D 122 -42.60 31.90 -23.12
CA LEU D 122 -41.76 30.75 -22.81
C LEU D 122 -40.30 31.09 -23.09
N LYS D 123 -39.43 30.85 -22.11
CA LYS D 123 -37.99 31.03 -22.24
C LYS D 123 -37.30 29.70 -22.00
N GLY D 124 -36.55 29.22 -22.98
CA GLY D 124 -35.79 28.00 -22.89
C GLY D 124 -34.29 28.25 -22.93
N ILE D 125 -33.54 27.55 -22.09
CA ILE D 125 -32.09 27.68 -22.01
C ILE D 125 -31.44 26.32 -21.85
N ASP D 126 -30.13 26.30 -22.08
CA ASP D 126 -29.24 25.16 -21.81
C ASP D 126 -29.51 23.95 -22.70
N PHE D 127 -30.08 24.15 -23.88
CA PHE D 127 -30.40 23.01 -24.73
C PHE D 127 -29.23 22.66 -25.64
N LYS D 128 -29.07 21.37 -25.87
CA LYS D 128 -28.00 20.87 -26.71
C LYS D 128 -28.48 20.86 -28.16
N GLU D 129 -27.70 21.52 -29.03
CA GLU D 129 -28.03 21.60 -30.45
C GLU D 129 -28.07 20.22 -31.08
N ASP D 130 -27.10 19.36 -30.75
CA ASP D 130 -27.18 17.95 -31.09
C ASP D 130 -28.35 17.24 -30.39
N GLY D 131 -28.89 17.82 -29.34
CA GLY D 131 -29.87 17.13 -28.49
C GLY D 131 -31.17 16.80 -29.20
N ASN D 132 -32.00 16.01 -28.50
CA ASN D 132 -33.29 15.57 -29.04
C ASN D 132 -34.22 16.72 -29.39
N ILE D 133 -34.13 17.84 -28.68
CA ILE D 133 -35.09 18.92 -28.85
C ILE D 133 -34.75 19.71 -30.12
N LEU D 134 -33.65 20.47 -30.07
CA LEU D 134 -33.27 21.24 -31.25
C LEU D 134 -32.93 20.33 -32.43
N GLY D 135 -32.49 19.11 -32.15
CA GLY D 135 -32.23 18.14 -33.20
C GLY D 135 -33.47 17.54 -33.82
N HIS D 136 -34.64 17.77 -33.21
CA HIS D 136 -35.92 17.31 -33.75
C HIS D 136 -35.93 15.78 -33.85
N LYS D 137 -35.56 15.11 -32.76
CA LYS D 137 -35.45 13.66 -32.74
C LYS D 137 -36.63 12.99 -32.06
N LEU D 138 -37.70 13.73 -31.80
CA LEU D 138 -38.82 13.20 -31.05
C LEU D 138 -39.94 12.78 -32.00
N VAL D 139 -40.56 11.64 -31.71
CA VAL D 139 -41.66 11.16 -32.54
C VAL D 139 -42.83 12.13 -32.40
N TYR D 140 -43.48 12.41 -33.52
CA TYR D 140 -44.63 13.31 -33.55
C TYR D 140 -45.86 12.56 -33.04
N ASN D 141 -46.03 12.57 -31.72
CA ASN D 141 -47.19 11.99 -31.06
C ASN D 141 -47.14 12.40 -29.59
N LEU D 142 -48.10 11.88 -28.81
CA LEU D 142 -48.13 12.15 -27.38
C LEU D 142 -48.90 11.02 -26.71
N ASP D 143 -48.22 10.26 -25.87
CA ASP D 143 -48.82 9.08 -25.24
C ASP D 143 -50.05 9.47 -24.42
N ASN D 144 -51.14 8.74 -24.62
CA ASN D 144 -52.23 8.78 -23.66
C ASN D 144 -51.66 8.41 -22.30
N VAL D 145 -52.01 9.18 -21.27
CA VAL D 145 -51.35 9.06 -19.97
C VAL D 145 -52.35 9.31 -18.84
N ILE D 146 -51.97 8.85 -17.65
CA ILE D 146 -52.56 9.30 -16.39
C ILE D 146 -51.49 10.13 -15.70
N VAL D 147 -51.84 11.34 -15.31
CA VAL D 147 -50.86 12.31 -14.85
C VAL D 147 -51.31 12.90 -13.53
N SER D 148 -50.33 13.20 -12.67
CA SER D 148 -50.62 13.74 -11.36
C SER D 148 -51.11 15.19 -11.49
N ASP D 149 -52.07 15.56 -10.65
CA ASP D 149 -52.55 16.93 -10.60
C ASP D 149 -52.40 17.49 -9.20
N TYR D 150 -51.34 17.07 -8.52
CA TYR D 150 -50.93 17.62 -7.24
C TYR D 150 -49.42 17.47 -7.14
N PHE D 151 -48.86 18.03 -6.09
CA PHE D 151 -47.42 17.92 -5.88
C PHE D 151 -47.16 16.72 -4.98
N ASP D 152 -46.40 15.75 -5.50
CA ASP D 152 -46.05 14.56 -4.75
C ASP D 152 -44.58 14.64 -4.39
N TYR D 153 -44.28 14.75 -3.11
CA TYR D 153 -42.91 14.95 -2.67
C TYR D 153 -42.06 13.72 -2.98
N GLN D 154 -42.68 12.55 -3.08
CA GLN D 154 -41.96 11.34 -3.45
C GLN D 154 -41.44 11.42 -4.89
N ASP D 155 -42.32 11.78 -5.83
CA ASP D 155 -41.89 11.92 -7.22
C ASP D 155 -40.84 13.01 -7.38
N ALA D 156 -40.99 14.11 -6.62
CA ALA D 156 -39.98 15.17 -6.67
C ALA D 156 -38.62 14.66 -6.22
N LEU D 157 -38.59 13.86 -5.15
CA LEU D 157 -37.33 13.29 -4.70
C LEU D 157 -36.77 12.32 -5.72
N ASP D 158 -37.65 11.55 -6.38
CA ASP D 158 -37.18 10.69 -7.47
C ASP D 158 -36.49 11.52 -8.55
N GLU D 159 -37.12 12.63 -8.94
CA GLU D 159 -36.53 13.52 -9.94
C GLU D 159 -35.15 14.00 -9.50
N ILE D 160 -35.07 14.57 -8.29
CA ILE D 160 -33.79 15.12 -7.82
C ILE D 160 -32.73 14.04 -7.74
N ARG D 161 -33.11 12.86 -7.21
CA ARG D 161 -32.20 11.75 -7.08
C ARG D 161 -31.60 11.38 -8.43
N GLU D 162 -32.45 11.15 -9.42
CA GLU D 162 -31.96 10.72 -10.72
C GLU D 162 -31.21 11.83 -11.45
N THR D 163 -31.60 13.09 -11.24
CA THR D 163 -30.98 14.19 -12.00
C THR D 163 -29.58 14.54 -11.50
N GLU D 164 -29.44 14.85 -10.22
CA GLU D 164 -28.10 14.99 -9.66
C GLU D 164 -27.44 13.67 -9.28
N LYS D 165 -28.01 12.54 -9.69
CA LYS D 165 -27.34 11.25 -9.65
C LYS D 165 -26.84 10.92 -8.25
N PHE D 166 -27.76 10.92 -7.30
CA PHE D 166 -27.52 10.36 -5.98
C PHE D 166 -28.22 9.01 -5.88
N ASP D 167 -27.86 8.25 -4.86
CA ASP D 167 -28.49 6.96 -4.60
C ASP D 167 -29.63 7.05 -3.59
N PHE D 168 -29.69 8.11 -2.81
CA PHE D 168 -30.69 8.27 -1.77
C PHE D 168 -31.01 9.75 -1.61
N ALA D 169 -32.26 10.05 -1.27
CA ALA D 169 -32.68 11.40 -0.97
C ALA D 169 -33.84 11.36 0.02
N ALA D 170 -33.89 12.36 0.89
CA ALA D 170 -34.92 12.43 1.92
C ALA D 170 -35.18 13.88 2.29
N ILE D 171 -36.35 14.13 2.86
CA ILE D 171 -36.78 15.48 3.23
C ILE D 171 -37.21 15.47 4.70
N ALA D 172 -36.77 16.47 5.45
CA ALA D 172 -37.11 16.60 6.86
C ALA D 172 -38.05 17.78 7.07
N LEU D 173 -39.20 17.52 7.67
CA LEU D 173 -40.24 18.51 7.91
C LEU D 173 -40.84 18.29 9.28
N PRO D 174 -41.46 19.32 9.88
CA PRO D 174 -42.18 19.13 11.14
C PRO D 174 -43.55 18.49 10.97
N GLU D 175 -43.96 17.78 12.02
CA GLU D 175 -45.22 17.03 12.09
C GLU D 175 -46.01 17.45 13.32
N ALA D 181 -47.30 8.87 15.94
CA ALA D 181 -46.46 8.86 14.76
C ALA D 181 -46.22 10.28 14.26
N VAL D 182 -45.29 10.95 14.93
CA VAL D 182 -44.70 12.18 14.41
C VAL D 182 -43.53 11.77 13.54
N ILE D 183 -43.44 12.35 12.35
CA ILE D 183 -42.48 11.94 11.34
C ILE D 183 -41.66 13.18 10.95
N LYS D 184 -40.39 13.22 11.33
CA LYS D 184 -39.65 14.41 10.97
C LYS D 184 -39.04 14.27 9.58
N TRP D 185 -38.43 13.12 9.26
CA TRP D 185 -38.07 12.78 7.88
C TRP D 185 -39.27 12.20 7.17
N LYS D 186 -40.06 13.04 6.50
CA LYS D 186 -41.34 12.56 5.99
C LYS D 186 -41.23 11.70 4.73
N TYR D 187 -40.40 12.09 3.78
CA TYR D 187 -40.37 11.40 2.49
C TYR D 187 -38.95 11.05 2.10
N ALA D 188 -38.79 10.00 1.30
CA ALA D 188 -37.47 9.56 0.87
C ALA D 188 -37.56 8.74 -0.39
N SER D 189 -36.54 8.88 -1.25
CA SER D 189 -36.40 8.12 -2.48
C SER D 189 -35.03 7.47 -2.50
N GLY D 190 -34.96 6.29 -3.14
CA GLY D 190 -33.75 5.50 -3.06
C GLY D 190 -33.57 4.85 -1.71
N ASN D 191 -34.61 4.89 -0.88
CA ASN D 191 -34.54 4.31 0.44
C ASN D 191 -34.44 2.80 0.34
N ILE D 192 -33.78 2.21 1.33
CA ILE D 192 -33.66 0.76 1.42
C ILE D 192 -34.42 0.18 2.61
N ASP D 193 -34.76 1.00 3.60
CA ASP D 193 -35.63 0.65 4.70
C ASP D 193 -36.71 1.72 4.82
N TYR D 194 -37.62 1.55 5.79
CA TYR D 194 -38.58 2.60 6.12
C TYR D 194 -38.32 3.21 7.50
N ARG D 195 -37.19 2.90 8.13
CA ARG D 195 -36.91 3.43 9.46
C ARG D 195 -36.66 4.92 9.44
N TYR D 196 -36.44 5.53 8.27
CA TYR D 196 -36.23 6.97 8.23
C TYR D 196 -37.39 7.72 8.84
N ARG D 197 -38.58 7.15 8.79
CA ARG D 197 -39.78 7.71 9.38
C ARG D 197 -40.09 7.18 10.77
N MET D 198 -39.74 5.91 11.05
CA MET D 198 -40.12 5.28 12.32
C MET D 198 -39.42 5.89 13.53
N ILE D 199 -38.29 6.55 13.33
CA ILE D 199 -37.47 7.09 14.43
C ILE D 199 -37.45 8.61 14.32
N VAL D 200 -37.85 9.29 15.38
CA VAL D 200 -37.93 10.75 15.38
C VAL D 200 -37.16 11.34 16.56
N LEU D 201 -36.38 12.37 16.27
CA LEU D 201 -35.52 13.06 17.21
C LEU D 201 -36.27 14.22 17.86
N ARG D 202 -35.91 14.57 19.09
CA ARG D 202 -36.42 15.80 19.67
C ARG D 202 -35.75 16.98 18.96
N PRO D 203 -36.33 18.18 19.07
CA PRO D 203 -35.84 19.33 18.27
C PRO D 203 -34.34 19.57 18.35
N GLY D 204 -33.77 19.95 17.21
CA GLY D 204 -32.36 20.24 17.06
C GLY D 204 -31.44 19.05 16.91
N GLU D 205 -31.90 17.84 17.21
CA GLU D 205 -31.05 16.66 17.15
C GLU D 205 -30.87 16.19 15.71
N GLY D 206 -29.68 15.65 15.43
CA GLY D 206 -29.44 14.99 14.16
C GLY D 206 -29.03 15.96 13.07
N LEU D 207 -28.98 15.43 11.86
CA LEU D 207 -28.53 16.23 10.72
C LEU D 207 -29.54 17.32 10.40
N ALA D 208 -30.82 16.97 10.34
CA ALA D 208 -31.88 17.96 10.11
C ALA D 208 -31.86 19.05 11.17
N GLY D 209 -31.79 18.66 12.45
CA GLY D 209 -31.73 19.66 13.51
C GLY D 209 -30.57 20.61 13.33
N LEU D 210 -29.38 20.07 13.03
CA LEU D 210 -28.23 20.91 12.78
C LEU D 210 -28.48 21.87 11.63
N VAL D 211 -28.91 21.33 10.48
CA VAL D 211 -29.02 22.15 9.27
C VAL D 211 -30.10 23.22 9.42
N ILE D 212 -31.20 22.91 10.12
CA ILE D 212 -32.19 23.95 10.33
C ILE D 212 -31.68 24.99 11.32
N ARG D 213 -31.01 24.56 12.39
CA ARG D 213 -30.48 25.50 13.37
C ARG D 213 -29.45 26.44 12.75
N THR D 214 -28.65 25.94 11.81
CA THR D 214 -27.56 26.74 11.24
C THR D 214 -27.90 27.37 9.89
N GLY D 215 -29.00 26.98 9.25
CA GLY D 215 -29.30 27.49 7.92
C GLY D 215 -28.19 27.28 6.92
N SER D 216 -27.32 26.30 7.18
CA SER D 216 -26.12 26.10 6.38
C SER D 216 -25.99 24.65 5.96
N ARG D 217 -25.54 24.44 4.74
CA ARG D 217 -25.41 23.11 4.19
C ARG D 217 -24.29 22.33 4.88
N LYS D 218 -24.47 21.01 4.95
CA LYS D 218 -23.46 20.12 5.52
C LYS D 218 -22.99 19.14 4.45
N ILE D 219 -21.66 19.00 4.33
CA ILE D 219 -21.07 18.16 3.29
C ILE D 219 -20.15 17.13 3.95
N VAL D 220 -20.39 15.86 3.64
CA VAL D 220 -19.61 14.74 4.18
C VAL D 220 -19.12 13.96 2.98
N GLU D 221 -17.82 14.07 2.68
CA GLU D 221 -17.27 13.40 1.52
C GLU D 221 -17.13 11.90 1.75
N ASP D 222 -16.93 11.49 2.99
CA ASP D 222 -16.94 10.07 3.38
C ASP D 222 -17.49 9.99 4.80
N VAL D 223 -18.59 9.26 4.99
CA VAL D 223 -19.28 9.27 6.28
C VAL D 223 -18.43 8.63 7.36
N ASP D 224 -17.77 7.51 7.04
CA ASP D 224 -17.03 6.74 8.04
C ASP D 224 -15.87 7.54 8.63
N THR D 225 -15.05 8.12 7.76
CA THR D 225 -13.91 8.91 8.22
C THR D 225 -14.36 10.02 9.15
N GLU D 226 -15.44 10.71 8.79
CA GLU D 226 -15.95 11.79 9.63
C GLU D 226 -16.68 11.26 10.86
N LEU D 227 -17.20 10.02 10.81
CA LEU D 227 -17.69 9.39 12.04
C LEU D 227 -16.57 9.21 13.04
N SER D 228 -15.35 8.97 12.56
CA SER D 228 -14.22 8.82 13.48
C SER D 228 -13.89 10.11 14.23
N GLN D 229 -14.30 11.27 13.70
CA GLN D 229 -14.08 12.54 14.39
C GLN D 229 -15.20 12.90 15.36
N ASN D 230 -16.45 12.72 14.95
CA ASN D 230 -17.60 13.13 15.75
C ASN D 230 -18.56 11.95 15.87
N ASP D 231 -18.77 11.47 17.10
CA ASP D 231 -19.75 10.40 17.29
C ASP D 231 -21.11 10.79 16.76
N LYS D 232 -21.37 12.09 16.64
CA LYS D 232 -22.62 12.56 16.05
C LYS D 232 -22.60 12.17 14.57
N LEU D 233 -23.51 12.75 13.79
CA LEU D 233 -23.67 12.37 12.38
C LEU D 233 -24.08 10.90 12.26
N GLY D 234 -24.01 10.16 13.37
CA GLY D 234 -24.50 8.80 13.41
C GLY D 234 -26.01 8.83 13.60
N CYS D 235 -26.67 9.55 12.70
CA CYS D 235 -28.12 9.69 12.75
C CYS D 235 -28.78 8.34 12.46
N PRO D 236 -30.01 8.15 12.96
CA PRO D 236 -30.77 6.97 12.50
C PRO D 236 -30.93 6.92 10.99
N ILE D 237 -31.13 8.06 10.33
CA ILE D 237 -31.28 8.07 8.87
C ILE D 237 -29.99 7.63 8.19
N VAL D 238 -28.85 8.19 8.64
CA VAL D 238 -27.57 7.90 7.99
C VAL D 238 -27.27 6.42 8.12
N LEU D 239 -27.52 5.86 9.30
CA LEU D 239 -27.24 4.46 9.57
C LEU D 239 -28.26 3.55 8.90
N SER D 240 -29.54 3.93 8.91
CA SER D 240 -30.56 3.06 8.33
C SER D 240 -30.38 2.94 6.81
N GLU D 241 -30.00 4.03 6.14
CA GLU D 241 -29.82 3.97 4.69
C GLU D 241 -28.38 3.69 4.28
N ALA D 242 -27.48 3.53 5.25
CA ALA D 242 -26.09 3.13 5.00
C ALA D 242 -25.38 4.13 4.09
N LEU D 243 -25.39 5.39 4.52
CA LEU D 243 -24.81 6.45 3.71
C LEU D 243 -23.30 6.50 3.91
N THR D 244 -22.58 6.55 2.80
CA THR D 244 -21.13 6.72 2.82
C THR D 244 -20.69 8.12 2.45
N ALA D 245 -21.53 8.90 1.77
CA ALA D 245 -21.33 10.33 1.58
C ALA D 245 -22.68 11.01 1.59
N LEU D 246 -22.71 12.30 1.93
CA LEU D 246 -23.99 12.98 1.98
C LEU D 246 -23.83 14.49 1.86
N VAL D 247 -24.91 15.14 1.43
CA VAL D 247 -25.05 16.60 1.39
C VAL D 247 -26.41 16.94 1.99
N ALA D 248 -26.44 17.89 2.92
CA ALA D 248 -27.68 18.27 3.59
C ALA D 248 -27.88 19.78 3.49
N ILE D 249 -28.97 20.18 2.85
CA ILE D 249 -29.24 21.59 2.53
C ILE D 249 -30.47 22.04 3.32
N PRO D 250 -30.50 23.27 3.83
CA PRO D 250 -31.72 23.76 4.51
C PRO D 250 -32.79 24.23 3.54
N LEU D 251 -34.04 23.93 3.87
CA LEU D 251 -35.20 24.35 3.10
C LEU D 251 -35.96 25.40 3.87
N TRP D 252 -36.36 26.45 3.17
CA TRP D 252 -37.11 27.58 3.70
C TRP D 252 -38.54 27.53 3.19
N LYS D 253 -39.46 28.20 3.90
CA LYS D 253 -40.83 28.17 3.39
C LYS D 253 -41.53 29.52 3.40
N ASN D 254 -41.29 30.36 4.39
CA ASN D 254 -41.89 31.68 4.49
C ASN D 254 -40.82 32.77 4.51
N ASN D 255 -39.75 32.56 3.75
CA ASN D 255 -38.46 33.22 3.92
C ASN D 255 -37.88 32.96 5.31
N ARG D 256 -38.38 31.93 5.99
CA ARG D 256 -37.85 31.45 7.25
C ARG D 256 -37.57 29.95 7.13
N VAL D 257 -36.50 29.50 7.76
CA VAL D 257 -35.95 28.15 7.52
C VAL D 257 -36.86 27.09 8.15
N TYR D 258 -37.34 26.16 7.32
CA TYR D 258 -38.40 25.22 7.70
C TYR D 258 -37.99 23.76 7.72
N GLY D 259 -37.07 23.32 6.86
CA GLY D 259 -36.72 21.92 6.81
C GLY D 259 -35.35 21.66 6.21
N ALA D 260 -35.16 20.43 5.73
CA ALA D 260 -33.86 20.02 5.21
C ALA D 260 -34.02 18.96 4.14
N LEU D 261 -33.20 19.08 3.09
CA LEU D 261 -33.12 18.08 2.02
C LEU D 261 -31.78 17.37 2.12
N LEU D 262 -31.82 16.03 2.19
CA LEU D 262 -30.61 15.22 2.30
C LEU D 262 -30.43 14.39 1.04
N LEU D 263 -29.26 14.48 0.44
CA LEU D 263 -28.88 13.68 -0.71
C LEU D 263 -27.71 12.78 -0.29
N GLY D 264 -27.87 11.48 -0.50
CA GLY D 264 -26.90 10.52 -0.01
C GLY D 264 -26.41 9.57 -1.07
N GLN D 265 -25.17 9.12 -0.89
CA GLN D 265 -24.53 8.14 -1.74
C GLN D 265 -24.25 6.88 -0.91
N ARG D 266 -24.07 5.76 -1.60
CA ARG D 266 -23.82 4.50 -0.93
C ARG D 266 -22.56 3.82 -1.45
N GLU D 267 -22.00 2.97 -0.58
CA GLU D 267 -20.95 2.02 -0.96
C GLU D 267 -19.71 2.72 -1.50
N GLY D 268 -19.30 3.80 -0.82
CA GLY D 268 -18.09 4.47 -1.21
C GLY D 268 -18.19 5.13 -2.58
N ARG D 269 -19.39 5.16 -3.15
CA ARG D 269 -19.56 5.94 -4.36
C ARG D 269 -19.49 7.42 -4.01
N PRO D 270 -18.80 8.22 -4.81
CA PRO D 270 -18.49 9.59 -4.40
C PRO D 270 -19.58 10.58 -4.79
N LEU D 271 -19.54 11.72 -4.13
CA LEU D 271 -20.49 12.79 -4.44
C LEU D 271 -20.28 13.24 -5.88
N PRO D 272 -21.34 13.31 -6.69
CA PRO D 272 -21.17 13.73 -8.09
C PRO D 272 -20.59 15.14 -8.15
N GLU D 273 -19.94 15.45 -9.26
CA GLU D 273 -19.25 16.74 -9.37
C GLU D 273 -20.24 17.88 -9.15
N GLY D 274 -19.80 18.88 -8.39
CA GLY D 274 -20.67 20.01 -8.13
C GLY D 274 -21.83 19.71 -7.21
N SER D 275 -21.86 18.51 -6.60
CA SER D 275 -22.87 18.23 -5.58
C SER D 275 -22.86 19.29 -4.50
N THR D 276 -21.65 19.71 -4.09
CA THR D 276 -21.47 20.80 -3.13
C THR D 276 -22.38 21.98 -3.40
N THR D 277 -22.47 22.39 -4.67
CA THR D 277 -23.28 23.53 -5.08
C THR D 277 -24.52 22.96 -5.75
N PHE D 278 -25.53 22.68 -4.94
CA PHE D 278 -26.74 22.03 -5.42
C PHE D 278 -27.90 23.00 -5.34
N ARG D 279 -28.77 22.91 -6.33
CA ARG D 279 -29.82 23.86 -6.62
C ARG D 279 -31.20 23.25 -6.36
N VAL D 280 -31.94 23.80 -5.40
CA VAL D 280 -33.32 23.35 -5.23
C VAL D 280 -34.13 23.72 -6.47
N ASN D 281 -33.84 24.89 -7.05
CA ASN D 281 -34.59 25.46 -8.18
C ASN D 281 -36.09 25.17 -8.16
N GLN D 282 -36.77 25.51 -7.07
CA GLN D 282 -38.22 25.39 -6.98
C GLN D 282 -38.71 23.96 -7.22
N ARG D 283 -37.80 22.99 -7.23
CA ARG D 283 -38.17 21.62 -7.58
C ARG D 283 -38.93 20.92 -6.47
N LEU D 284 -39.15 21.58 -5.34
CA LEU D 284 -39.83 21.00 -4.20
C LEU D 284 -41.06 21.83 -3.82
N GLY D 285 -41.66 22.49 -4.81
CA GLY D 285 -42.92 23.19 -4.59
C GLY D 285 -42.79 24.31 -3.58
N SER D 286 -43.50 24.17 -2.45
CA SER D 286 -43.58 25.23 -1.45
C SER D 286 -42.26 25.49 -0.75
N TYR D 287 -41.33 24.53 -0.76
CA TYR D 287 -40.07 24.65 -0.02
C TYR D 287 -38.95 25.05 -0.98
N THR D 288 -38.17 26.07 -0.59
CA THR D 288 -37.22 26.73 -1.49
C THR D 288 -35.78 26.53 -0.98
N ASP D 289 -34.81 27.24 -1.59
CA ASP D 289 -33.38 27.01 -1.37
C ASP D 289 -32.72 28.01 -0.43
N ASN D 290 -33.06 29.30 -0.45
CA ASN D 290 -32.76 30.11 0.74
C ASN D 290 -34.06 30.72 1.24
N GLY D 307 -50.86 29.67 -4.01
CA GLY D 307 -50.52 28.91 -5.19
C GLY D 307 -50.82 27.42 -5.07
N ILE D 308 -51.29 26.83 -6.16
CA ILE D 308 -51.63 25.40 -6.20
C ILE D 308 -50.61 24.72 -7.10
N LYS D 309 -49.80 23.83 -6.52
CA LYS D 309 -48.64 23.26 -7.17
C LYS D 309 -48.88 21.80 -7.55
N ALA D 310 -48.12 21.36 -8.56
CA ALA D 310 -48.17 19.99 -9.04
C ALA D 310 -46.85 19.66 -9.74
N ASN D 311 -46.60 18.37 -9.91
CA ASN D 311 -45.45 17.89 -10.66
C ASN D 311 -45.79 16.56 -11.33
N PHE D 312 -45.22 16.33 -12.51
CA PHE D 312 -45.41 15.06 -13.22
C PHE D 312 -44.33 14.92 -14.29
N LYS D 313 -44.49 13.91 -15.15
CA LYS D 313 -43.45 13.53 -16.09
C LYS D 313 -44.07 13.05 -17.39
N ILE D 314 -43.42 13.41 -18.49
CA ILE D 314 -43.87 13.08 -19.84
C ILE D 314 -42.75 12.34 -20.54
N ARG D 315 -43.10 11.27 -21.26
CA ARG D 315 -42.12 10.45 -21.96
C ARG D 315 -42.35 10.60 -23.46
N HIS D 316 -41.39 11.23 -24.14
CA HIS D 316 -41.46 11.46 -25.58
C HIS D 316 -40.62 10.40 -26.28
N SER D 317 -41.27 9.58 -27.10
CA SER D 317 -40.54 8.55 -27.83
C SER D 317 -39.50 9.20 -28.72
N ILE D 318 -38.28 8.68 -28.69
CA ILE D 318 -37.24 9.15 -29.58
C ILE D 318 -37.38 8.41 -30.89
N GLU D 319 -37.14 9.12 -32.01
CA GLU D 319 -37.70 8.66 -33.26
C GLU D 319 -36.97 7.43 -33.77
N ASP D 320 -35.66 7.34 -33.53
CA ASP D 320 -34.86 6.13 -33.79
C ASP D 320 -34.84 5.18 -32.59
N GLY D 321 -35.94 5.05 -31.85
CA GLY D 321 -35.95 4.23 -30.66
C GLY D 321 -35.35 4.93 -29.47
N GLY D 322 -36.16 5.23 -28.48
CA GLY D 322 -35.68 5.84 -27.25
C GLY D 322 -36.83 6.49 -26.51
N VAL D 323 -36.48 7.14 -25.41
CA VAL D 323 -37.44 7.98 -24.66
C VAL D 323 -36.70 9.18 -24.08
N GLN D 324 -37.22 10.38 -24.37
CA GLN D 324 -36.75 11.61 -23.74
C GLN D 324 -37.73 12.02 -22.65
N LEU D 325 -37.22 12.26 -21.46
CA LEU D 325 -38.06 12.65 -20.32
C LEU D 325 -38.21 14.16 -20.22
N ALA D 326 -39.41 14.57 -19.80
CA ALA D 326 -39.76 15.97 -19.53
C ALA D 326 -40.40 16.00 -18.15
N TYR D 327 -39.67 16.51 -17.17
CA TYR D 327 -40.18 16.65 -15.82
C TYR D 327 -40.91 17.99 -15.70
N HIS D 328 -42.15 17.93 -15.23
CA HIS D 328 -43.00 19.12 -15.18
C HIS D 328 -43.14 19.55 -13.74
N TYR D 329 -42.90 20.84 -13.48
CA TYR D 329 -43.21 21.45 -12.20
C TYR D 329 -44.12 22.65 -12.48
N GLN D 330 -45.30 22.68 -11.89
CA GLN D 330 -46.30 23.69 -12.20
C GLN D 330 -46.89 24.28 -10.93
N GLN D 331 -47.24 25.56 -10.97
CA GLN D 331 -48.16 26.13 -9.99
C GLN D 331 -49.18 27.00 -10.70
N ASN D 332 -50.43 26.88 -10.26
CA ASN D 332 -51.55 27.62 -10.79
C ASN D 332 -52.12 28.50 -9.69
N THR D 333 -52.23 29.80 -9.95
CA THR D 333 -52.75 30.76 -8.99
C THR D 333 -53.96 31.48 -9.60
N PRO D 334 -55.06 31.62 -8.87
CA PRO D 334 -56.20 32.38 -9.40
C PRO D 334 -55.87 33.84 -9.58
N ILE D 335 -56.51 34.47 -10.56
CA ILE D 335 -56.26 35.87 -10.87
C ILE D 335 -57.13 36.79 -10.03
N GLY D 336 -58.40 36.46 -9.86
CA GLY D 336 -59.32 37.30 -9.11
C GLY D 336 -59.14 37.21 -7.61
N ASP D 337 -59.83 38.12 -6.93
CA ASP D 337 -59.90 38.11 -5.47
C ASP D 337 -61.06 37.29 -4.93
N GLY D 338 -62.00 36.87 -5.78
CA GLY D 338 -63.15 36.11 -5.34
C GLY D 338 -62.77 34.72 -4.90
N PRO D 339 -63.70 34.01 -4.26
CA PRO D 339 -63.38 32.69 -3.74
C PRO D 339 -63.34 31.64 -4.83
N VAL D 340 -62.42 30.69 -4.69
CA VAL D 340 -62.30 29.59 -5.62
C VAL D 340 -62.31 28.27 -4.85
N LEU D 341 -62.96 27.25 -5.43
CA LEU D 341 -62.89 25.92 -4.85
C LEU D 341 -61.45 25.43 -4.85
N LEU D 342 -61.08 24.72 -3.82
CA LEU D 342 -59.77 24.15 -3.59
C LEU D 342 -59.77 22.69 -4.00
N PRO D 343 -58.70 22.20 -4.64
CA PRO D 343 -58.69 20.82 -5.10
C PRO D 343 -58.10 19.87 -4.07
N ASP D 344 -58.52 18.62 -4.17
CA ASP D 344 -57.85 17.54 -3.46
C ASP D 344 -56.86 16.89 -4.41
N ASP D 345 -56.24 15.79 -3.96
CA ASP D 345 -55.30 15.05 -4.78
C ASP D 345 -56.07 14.20 -5.78
N HIS D 346 -55.79 14.40 -7.08
CA HIS D 346 -56.49 13.72 -8.15
C HIS D 346 -55.53 13.50 -9.32
N TYR D 347 -56.02 12.81 -10.34
CA TYR D 347 -55.25 12.54 -11.55
C TYR D 347 -56.00 13.11 -12.76
N LEU D 348 -55.27 13.23 -13.87
CA LEU D 348 -55.88 13.58 -15.15
C LEU D 348 -55.63 12.47 -16.16
N SER D 349 -56.70 11.86 -16.64
CA SER D 349 -56.62 10.96 -17.78
C SER D 349 -56.65 11.77 -19.06
N VAL D 350 -55.56 11.72 -19.82
CA VAL D 350 -55.40 12.55 -21.01
C VAL D 350 -55.23 11.63 -22.21
N GLN D 351 -56.06 11.82 -23.23
CA GLN D 351 -55.92 11.16 -24.52
C GLN D 351 -55.61 12.21 -25.57
N SER D 352 -54.55 11.98 -26.34
CA SER D 352 -54.07 12.95 -27.31
C SER D 352 -53.96 12.33 -28.70
N GLU D 353 -54.28 13.12 -29.72
CA GLU D 353 -54.03 12.75 -31.10
C GLU D 353 -53.35 13.92 -31.80
N LEU D 354 -52.14 13.68 -32.30
CA LEU D 354 -51.40 14.69 -33.01
C LEU D 354 -51.51 14.43 -34.50
N SER D 355 -51.91 15.46 -35.25
CA SER D 355 -52.34 15.29 -36.62
C SER D 355 -51.73 16.41 -37.45
N LYS D 356 -51.82 16.27 -38.77
CA LYS D 356 -51.35 17.29 -39.68
C LYS D 356 -52.48 17.69 -40.60
N ASP D 357 -52.57 18.98 -40.90
CA ASP D 357 -53.49 19.47 -41.90
C ASP D 357 -52.85 19.28 -43.27
N PRO D 358 -53.42 18.45 -44.14
CA PRO D 358 -52.80 18.23 -45.45
C PRO D 358 -52.69 19.49 -46.28
N ASN D 359 -53.55 20.47 -46.02
CA ASN D 359 -53.65 21.67 -46.84
C ASN D 359 -53.11 22.91 -46.14
N GLU D 360 -52.18 22.74 -45.21
CA GLU D 360 -51.52 23.83 -44.49
C GLU D 360 -50.02 23.74 -44.75
N LYS D 361 -49.47 24.73 -45.43
CA LYS D 361 -48.04 24.71 -45.74
C LYS D 361 -47.17 25.11 -44.55
N ARG D 362 -47.66 25.95 -43.65
CA ARG D 362 -46.86 26.41 -42.54
C ARG D 362 -46.71 25.31 -41.49
N ASP D 363 -45.58 25.33 -40.78
CA ASP D 363 -45.35 24.41 -39.67
C ASP D 363 -46.49 24.52 -38.66
N HIS D 364 -47.14 23.39 -38.40
CA HIS D 364 -48.39 23.42 -37.63
C HIS D 364 -48.56 22.14 -36.82
N MET D 365 -49.71 22.06 -36.13
CA MET D 365 -50.13 20.88 -35.38
C MET D 365 -51.65 20.88 -35.29
N VAL D 366 -52.27 19.72 -35.55
CA VAL D 366 -53.67 19.50 -35.25
C VAL D 366 -53.76 18.67 -33.98
N LEU D 367 -54.62 19.09 -33.06
CA LEU D 367 -54.71 18.48 -31.74
C LEU D 367 -56.16 18.08 -31.48
N LEU D 368 -56.38 16.79 -31.23
CA LEU D 368 -57.64 16.29 -30.69
C LEU D 368 -57.35 15.70 -29.32
N GLU D 369 -58.09 16.15 -28.31
CA GLU D 369 -57.69 15.82 -26.96
C GLU D 369 -58.91 15.66 -26.06
N PHE D 370 -58.78 14.76 -25.09
CA PHE D 370 -59.81 14.51 -24.08
C PHE D 370 -59.15 14.46 -22.71
N VAL D 371 -59.66 15.23 -21.76
CA VAL D 371 -59.10 15.28 -20.42
C VAL D 371 -60.22 15.01 -19.41
N THR D 372 -60.06 13.94 -18.63
CA THR D 372 -60.99 13.58 -17.58
C THR D 372 -60.24 13.52 -16.26
N ALA D 373 -60.88 14.00 -15.20
CA ALA D 373 -60.30 13.94 -13.86
C ALA D 373 -60.66 12.61 -13.21
N ALA D 374 -59.73 12.11 -12.41
CA ALA D 374 -59.89 10.83 -11.77
C ALA D 374 -59.43 10.90 -10.32
N GLY D 375 -60.18 10.27 -9.43
CA GLY D 375 -59.75 10.20 -8.06
C GLY D 375 -58.52 9.34 -7.93
N ILE D 376 -57.76 9.61 -6.86
CA ILE D 376 -56.48 8.92 -6.66
C ILE D 376 -56.64 7.41 -6.60
N THR D 377 -57.80 6.93 -6.13
CA THR D 377 -58.06 5.49 -6.11
C THR D 377 -57.99 4.88 -7.51
N LEU D 378 -58.76 5.42 -8.47
CA LEU D 378 -58.75 4.89 -9.83
C LEU D 378 -57.37 5.00 -10.47
N GLY D 379 -56.69 6.12 -10.24
CA GLY D 379 -55.37 6.29 -10.82
C GLY D 379 -54.40 5.25 -10.31
N MET D 380 -54.42 5.02 -8.99
CA MET D 380 -53.67 3.91 -8.41
C MET D 380 -54.04 2.58 -9.04
N ASP D 381 -55.34 2.27 -9.10
CA ASP D 381 -55.81 0.98 -9.58
C ASP D 381 -55.33 0.67 -11.00
N GLU D 382 -55.25 1.67 -11.88
CA GLU D 382 -54.74 1.36 -13.21
C GLU D 382 -53.25 1.61 -13.40
N LEU D 383 -52.65 2.52 -12.65
CA LEU D 383 -51.21 2.75 -12.78
C LEU D 383 -50.43 1.58 -12.22
N TYR D 384 -50.94 0.99 -11.13
CA TYR D 384 -50.25 -0.05 -10.38
C TYR D 384 -51.08 -1.32 -10.26
N LYS D 385 -52.06 -1.50 -11.16
CA LYS D 385 -52.96 -2.67 -11.21
C LYS D 385 -53.46 -3.13 -9.85
#